data_1JPW
#
_entry.id   1JPW
#
_cell.length_a   376.530
_cell.length_b   92.650
_cell.length_c   49.250
_cell.angle_alpha   90.00
_cell.angle_beta   95.98
_cell.angle_gamma   90.00
#
_symmetry.space_group_name_H-M   'C 1 2 1'
#
loop_
_entity.id
_entity.type
_entity.pdbx_description
1 polymer BETA-CATENIN
2 polymer 'transcription factor 7-like 2'
3 water water
#
loop_
_entity_poly.entity_id
_entity_poly.type
_entity_poly.pdbx_seq_one_letter_code
_entity_poly.pdbx_strand_id
1 'polypeptide(L)'
;MGSHAVVNLINYQDDAELATRAIPELTKLLNDEDQVVVNKAAVMVHQLSKKEASRHAIMRSPQMVSAIVRTMQNTNDVET
ARCTAGTLHNLSHHREGLLAIFKSGGIPALVKMLGSPVDSVLFYAITTLHNLLLHQEGAKMAVRLAGGLQKMVALLNKTN
VKFLAITTDCLQILAYGNQESKLIILASGGPQALVNIMRTYTYEKLLWTTSRVLKVLSVCSSNKPAIVEAGGMQALGLHL
TDPSQRLVQNCLWTLRNLSDAATKQEGMEGLLGTLVQLLGSDDINVVTCAAGILSNLTCNNYKNKMMVCQVGGIEALVRT
VLRAGDREDITEPAICALRHLTSRHQEAEMAQNAVRLHYGLPVVVKLLHPPSHWPLIKATVGLIRNLALCPANHAPLREQ
GAIPRLVQLLVRAHQDTQRRTSMGGTQQQFVEGVRMEEIVEGCTGALHILARDVHNRIVIRGLNTIPLFVQLLYSPIENI
QRVAAGVLCELAQDKEAAEAIEAEGATAPLTELLHSRNEGVATYAAAVLFRMSEDKPQDY
;
A,B,C
2 'polypeptide(L)' GSGGDDLGANDELISFKDEGEQEEKSSENSSAERDLADVKSSLVNESET D,E,F
#
# COMPACT_ATOMS: atom_id res chain seq x y z
N ARG A 21 0.60 6.70 53.03
CA ARG A 21 1.64 7.05 54.05
C ARG A 21 2.18 5.78 54.69
N ALA A 22 1.33 4.77 54.82
CA ALA A 22 1.74 3.51 55.41
C ALA A 22 2.84 2.87 54.58
N ILE A 23 2.76 3.07 53.27
CA ILE A 23 3.73 2.50 52.35
C ILE A 23 5.16 2.71 52.80
N PRO A 24 5.59 3.96 52.97
CA PRO A 24 6.97 4.18 53.41
C PRO A 24 7.36 3.42 54.68
N GLU A 25 6.40 3.14 55.55
CA GLU A 25 6.68 2.43 56.80
C GLU A 25 6.92 0.94 56.57
N LEU A 26 5.92 0.27 55.99
CA LEU A 26 6.02 -1.15 55.70
C LEU A 26 7.28 -1.39 54.88
N THR A 27 7.52 -0.54 53.90
CA THR A 27 8.72 -0.68 53.10
C THR A 27 9.87 -0.83 54.09
N LYS A 28 9.91 0.06 55.09
CA LYS A 28 10.94 0.04 56.12
C LYS A 28 10.91 -1.29 56.85
N LEU A 29 9.73 -1.65 57.34
CA LEU A 29 9.54 -2.89 58.09
C LEU A 29 9.90 -4.14 57.28
N LEU A 30 9.60 -4.16 55.98
CA LEU A 30 9.92 -5.33 55.17
C LEU A 30 11.44 -5.49 55.06
N ASN A 31 12.17 -4.39 55.21
CA ASN A 31 13.64 -4.45 55.15
C ASN A 31 14.23 -4.62 56.55
N ASP A 32 13.45 -5.18 57.46
CA ASP A 32 13.90 -5.38 58.84
C ASP A 32 14.69 -6.68 58.94
N GLU A 33 15.39 -6.86 60.04
CA GLU A 33 16.16 -8.06 60.28
C GLU A 33 15.24 -9.05 60.98
N ASP A 34 14.56 -8.58 62.03
CA ASP A 34 13.63 -9.42 62.76
C ASP A 34 12.60 -9.95 61.75
N GLN A 35 12.84 -11.14 61.22
CA GLN A 35 11.92 -11.73 60.26
C GLN A 35 10.49 -11.71 60.78
N VAL A 36 10.32 -11.88 62.08
CA VAL A 36 8.98 -11.87 62.67
C VAL A 36 8.31 -10.58 62.23
N VAL A 37 9.05 -9.47 62.39
CA VAL A 37 8.55 -8.15 62.01
C VAL A 37 8.25 -8.04 60.51
N VAL A 38 8.97 -8.81 59.70
CA VAL A 38 8.77 -8.78 58.26
C VAL A 38 7.48 -9.47 57.83
N ASN A 39 7.33 -10.76 58.14
CA ASN A 39 6.11 -11.47 57.73
C ASN A 39 4.91 -10.71 58.23
N LYS A 40 5.08 -10.02 59.35
CA LYS A 40 3.97 -9.25 59.89
C LYS A 40 3.54 -8.18 58.87
N ALA A 41 4.53 -7.53 58.26
CA ALA A 41 4.31 -6.48 57.27
C ALA A 41 3.80 -6.98 55.93
N ALA A 42 4.24 -8.17 55.53
CA ALA A 42 3.81 -8.71 54.25
C ALA A 42 2.35 -9.07 54.35
N VAL A 43 1.88 -9.36 55.57
CA VAL A 43 0.49 -9.71 55.74
C VAL A 43 -0.30 -8.45 55.50
N MET A 44 0.06 -7.39 56.23
CA MET A 44 -0.62 -6.10 56.10
C MET A 44 -0.55 -5.62 54.66
N VAL A 45 0.66 -5.57 54.12
CA VAL A 45 0.87 -5.13 52.75
C VAL A 45 -0.05 -5.88 51.80
N HIS A 46 -0.13 -7.20 51.96
CA HIS A 46 -0.98 -8.01 51.12
C HIS A 46 -2.47 -7.78 51.36
N GLN A 47 -2.82 -7.09 52.45
CA GLN A 47 -4.22 -6.82 52.73
C GLN A 47 -4.56 -5.46 52.11
N LEU A 48 -3.53 -4.64 51.94
CA LEU A 48 -3.70 -3.31 51.34
C LEU A 48 -3.83 -3.39 49.83
N SER A 49 -3.29 -4.43 49.21
CA SER A 49 -3.35 -4.55 47.77
C SER A 49 -4.66 -5.11 47.25
N LYS A 50 -5.60 -5.36 48.16
CA LYS A 50 -6.92 -5.88 47.79
C LYS A 50 -7.78 -4.76 47.24
N LYS A 51 -7.54 -3.54 47.75
CA LYS A 51 -8.30 -2.38 47.33
C LYS A 51 -7.51 -1.55 46.33
N GLU A 52 -8.08 -1.36 45.14
CA GLU A 52 -7.38 -0.59 44.14
C GLU A 52 -6.84 0.73 44.69
N ALA A 53 -7.55 1.31 45.66
CA ALA A 53 -7.10 2.55 46.25
C ALA A 53 -5.64 2.45 46.70
N SER A 54 -5.38 1.55 47.64
CA SER A 54 -4.04 1.34 48.18
C SER A 54 -3.11 0.63 47.20
N ARG A 55 -3.69 -0.11 46.26
CA ARG A 55 -2.92 -0.83 45.29
C ARG A 55 -2.03 0.14 44.51
N HIS A 56 -2.64 1.16 43.91
CA HIS A 56 -1.90 2.14 43.15
C HIS A 56 -0.75 2.72 43.96
N ALA A 57 -1.04 3.09 45.21
CA ALA A 57 -0.01 3.66 46.07
C ALA A 57 1.24 2.79 45.95
N ILE A 58 1.05 1.49 46.05
CA ILE A 58 2.13 0.53 45.98
C ILE A 58 2.84 0.50 44.64
N MET A 59 2.11 0.23 43.56
CA MET A 59 2.72 0.20 42.24
C MET A 59 3.60 1.42 42.06
N ARG A 60 3.04 2.56 42.42
CA ARG A 60 3.71 3.85 42.29
C ARG A 60 4.95 4.04 43.14
N SER A 61 5.30 3.05 43.95
CA SER A 61 6.49 3.18 44.80
C SER A 61 7.52 2.06 44.61
N PRO A 62 8.58 2.34 43.84
CA PRO A 62 9.66 1.38 43.54
C PRO A 62 10.22 0.69 44.77
N GLN A 63 10.34 1.44 45.86
CA GLN A 63 10.88 0.87 47.09
C GLN A 63 9.90 -0.15 47.67
N MET A 64 8.63 -0.05 47.29
CA MET A 64 7.62 -0.99 47.79
C MET A 64 7.62 -2.28 46.98
N VAL A 65 7.77 -2.14 45.66
CA VAL A 65 7.78 -3.31 44.80
C VAL A 65 9.06 -4.10 45.01
N SER A 66 10.20 -3.40 45.01
CA SER A 66 11.47 -4.09 45.23
C SER A 66 11.38 -4.81 46.55
N ALA A 67 11.02 -4.03 47.58
CA ALA A 67 10.89 -4.56 48.93
C ALA A 67 10.25 -5.93 48.88
N ILE A 68 8.99 -5.96 48.43
CA ILE A 68 8.20 -7.18 48.28
C ILE A 68 8.93 -8.27 47.50
N VAL A 69 9.33 -7.95 46.28
CA VAL A 69 10.03 -8.91 45.44
C VAL A 69 11.23 -9.51 46.18
N ARG A 70 11.91 -8.67 46.95
CA ARG A 70 13.09 -9.14 47.67
C ARG A 70 12.69 -9.99 48.87
N THR A 71 11.53 -9.70 49.43
CA THR A 71 11.09 -10.51 50.56
C THR A 71 10.66 -11.88 50.10
N MET A 72 9.73 -11.93 49.14
CA MET A 72 9.22 -13.18 48.58
C MET A 72 10.41 -14.03 48.14
N GLN A 73 11.36 -13.41 47.45
CA GLN A 73 12.53 -14.13 47.01
C GLN A 73 13.30 -14.74 48.18
N ASN A 74 13.82 -13.88 49.07
CA ASN A 74 14.63 -14.35 50.19
C ASN A 74 13.90 -15.07 51.32
N THR A 75 12.64 -14.71 51.54
CA THR A 75 11.84 -15.32 52.61
C THR A 75 11.94 -16.84 52.65
N ASN A 76 11.64 -17.40 53.81
CA ASN A 76 11.72 -18.84 54.01
C ASN A 76 10.53 -19.26 54.86
N ASP A 77 9.50 -18.41 54.89
CA ASP A 77 8.26 -18.62 55.65
C ASP A 77 7.11 -18.94 54.68
N VAL A 78 6.44 -20.07 54.87
CA VAL A 78 5.37 -20.48 53.97
C VAL A 78 4.07 -19.71 54.10
N GLU A 79 4.17 -18.39 54.13
CA GLU A 79 2.98 -17.54 54.23
C GLU A 79 3.43 -16.13 53.88
N THR A 80 4.69 -15.80 54.17
CA THR A 80 5.22 -14.49 53.82
C THR A 80 5.38 -14.56 52.31
N ALA A 81 5.61 -15.78 51.84
CA ALA A 81 5.76 -16.07 50.41
C ALA A 81 4.39 -15.95 49.77
N ARG A 82 3.42 -16.55 50.44
CA ARG A 82 2.05 -16.54 49.96
C ARG A 82 1.62 -15.11 49.73
N CYS A 83 1.71 -14.31 50.79
CA CYS A 83 1.30 -12.90 50.79
C CYS A 83 2.09 -11.99 49.87
N THR A 84 3.38 -12.26 49.70
CA THR A 84 4.21 -11.45 48.83
C THR A 84 3.87 -11.81 47.39
N ALA A 85 3.82 -13.11 47.13
CA ALA A 85 3.45 -13.58 45.80
C ALA A 85 2.02 -13.11 45.51
N GLY A 86 1.18 -13.20 46.54
CA GLY A 86 -0.19 -12.79 46.41
C GLY A 86 -0.27 -11.31 46.06
N THR A 87 0.54 -10.53 46.74
CA THR A 87 0.55 -9.10 46.49
C THR A 87 0.92 -8.72 45.05
N LEU A 88 2.11 -9.11 44.59
CA LEU A 88 2.47 -8.74 43.23
C LEU A 88 1.52 -9.35 42.19
N HIS A 89 0.78 -10.39 42.56
CA HIS A 89 -0.21 -10.97 41.65
C HIS A 89 -1.28 -9.89 41.43
N ASN A 90 -1.87 -9.42 42.53
CA ASN A 90 -2.89 -8.38 42.45
C ASN A 90 -2.40 -7.09 41.85
N LEU A 91 -1.08 -7.00 41.66
CA LEU A 91 -0.47 -5.83 41.06
C LEU A 91 -0.37 -5.98 39.54
N SER A 92 -0.38 -7.22 39.08
CA SER A 92 -0.23 -7.53 37.66
C SER A 92 -1.46 -7.44 36.77
N HIS A 93 -2.59 -6.96 37.29
CA HIS A 93 -3.79 -6.84 36.49
C HIS A 93 -3.81 -5.55 35.69
N HIS A 94 -2.89 -4.65 36.01
CA HIS A 94 -2.80 -3.37 35.32
C HIS A 94 -1.45 -3.17 34.66
N ARG A 95 -1.41 -2.19 33.76
CA ARG A 95 -0.18 -1.89 33.02
C ARG A 95 0.97 -1.36 33.87
N GLU A 96 0.71 -0.34 34.69
CA GLU A 96 1.76 0.21 35.52
C GLU A 96 2.24 -0.82 36.55
N GLY A 97 1.39 -1.79 36.85
CA GLY A 97 1.77 -2.81 37.79
C GLY A 97 2.88 -3.66 37.21
N LEU A 98 2.60 -4.23 36.04
CA LEU A 98 3.54 -5.08 35.33
C LEU A 98 4.92 -4.46 35.17
N LEU A 99 4.99 -3.17 34.90
CA LEU A 99 6.27 -2.50 34.72
C LEU A 99 7.02 -2.48 36.03
N ALA A 100 6.29 -2.20 37.11
CA ALA A 100 6.90 -2.15 38.43
C ALA A 100 7.45 -3.53 38.82
N ILE A 101 6.69 -4.58 38.51
CA ILE A 101 7.10 -5.94 38.82
C ILE A 101 8.26 -6.41 37.94
N PHE A 102 8.37 -5.77 36.77
CA PHE A 102 9.39 -6.10 35.80
C PHE A 102 10.69 -5.35 36.07
N LYS A 103 10.58 -4.06 36.36
CA LYS A 103 11.75 -3.22 36.61
C LYS A 103 12.47 -3.52 37.91
N SER A 104 11.84 -4.33 38.77
CA SER A 104 12.43 -4.67 40.04
C SER A 104 12.88 -6.12 40.08
N GLY A 105 13.16 -6.67 38.91
CA GLY A 105 13.60 -8.05 38.82
C GLY A 105 12.66 -8.98 39.53
N GLY A 106 11.38 -8.90 39.26
CA GLY A 106 10.46 -9.78 39.94
C GLY A 106 10.26 -11.08 39.19
N ILE A 107 10.62 -11.10 37.91
CA ILE A 107 10.46 -12.31 37.13
C ILE A 107 11.35 -13.42 37.64
N PRO A 108 12.67 -13.14 37.76
CA PRO A 108 13.56 -14.21 38.26
C PRO A 108 12.98 -14.76 39.55
N ALA A 109 12.45 -13.88 40.38
CA ALA A 109 11.86 -14.31 41.64
C ALA A 109 10.59 -15.14 41.45
N LEU A 110 9.75 -14.79 40.48
CA LEU A 110 8.53 -15.58 40.26
C LEU A 110 8.90 -16.96 39.77
N VAL A 111 9.93 -17.04 38.94
CA VAL A 111 10.37 -18.31 38.42
C VAL A 111 10.84 -19.14 39.63
N LYS A 112 11.42 -18.47 40.62
CA LYS A 112 11.89 -19.15 41.80
C LYS A 112 10.72 -19.70 42.60
N MET A 113 9.57 -19.03 42.58
CA MET A 113 8.41 -19.55 43.32
C MET A 113 7.77 -20.75 42.61
N LEU A 114 8.19 -21.03 41.38
CA LEU A 114 7.62 -22.14 40.65
C LEU A 114 8.04 -23.48 41.26
N GLY A 115 9.00 -23.43 42.19
CA GLY A 115 9.48 -24.63 42.85
C GLY A 115 8.89 -24.82 44.24
N SER A 116 8.00 -23.93 44.63
CA SER A 116 7.41 -24.06 45.95
C SER A 116 6.61 -25.32 46.06
N PRO A 117 6.54 -25.91 47.26
CA PRO A 117 5.74 -27.12 47.41
C PRO A 117 4.35 -26.67 47.85
N VAL A 118 4.16 -25.35 47.90
CA VAL A 118 2.88 -24.74 48.31
C VAL A 118 2.05 -24.22 47.14
N ASP A 119 1.00 -24.96 46.80
CA ASP A 119 0.12 -24.60 45.69
C ASP A 119 -0.24 -23.11 45.55
N SER A 120 -0.71 -22.50 46.63
CA SER A 120 -1.06 -21.07 46.61
C SER A 120 0.05 -20.27 45.97
N VAL A 121 1.23 -20.38 46.56
CA VAL A 121 2.41 -19.69 46.06
C VAL A 121 2.53 -20.09 44.57
N LEU A 122 2.46 -21.39 44.31
CA LEU A 122 2.57 -21.82 42.94
C LEU A 122 1.51 -21.13 42.07
N PHE A 123 0.25 -21.21 42.48
CA PHE A 123 -0.84 -20.63 41.69
C PHE A 123 -0.64 -19.14 41.43
N TYR A 124 -0.40 -18.39 42.49
CA TYR A 124 -0.14 -16.97 42.41
C TYR A 124 1.01 -16.70 41.46
N ALA A 125 1.95 -17.64 41.40
CA ALA A 125 3.14 -17.48 40.57
C ALA A 125 2.96 -17.69 39.07
N ILE A 126 2.30 -18.76 38.68
CA ILE A 126 2.11 -19.02 37.25
C ILE A 126 1.14 -18.00 36.62
N THR A 127 0.25 -17.44 37.44
CA THR A 127 -0.74 -16.47 36.99
C THR A 127 -0.10 -15.10 36.71
N THR A 128 0.80 -14.67 37.59
CA THR A 128 1.50 -13.40 37.46
C THR A 128 2.45 -13.52 36.26
N LEU A 129 3.09 -14.68 36.15
CA LEU A 129 4.01 -14.91 35.05
C LEU A 129 3.24 -14.90 33.73
N HIS A 130 2.07 -15.52 33.71
CA HIS A 130 1.24 -15.55 32.49
C HIS A 130 0.89 -14.11 32.10
N ASN A 131 0.51 -13.30 33.09
CA ASN A 131 0.15 -11.90 32.84
C ASN A 131 1.30 -11.07 32.26
N LEU A 132 2.52 -11.26 32.78
CA LEU A 132 3.68 -10.52 32.31
C LEU A 132 4.02 -10.96 30.89
N LEU A 133 3.86 -12.25 30.63
CA LEU A 133 4.15 -12.79 29.30
C LEU A 133 3.22 -12.17 28.29
N LEU A 134 1.93 -12.17 28.60
CA LEU A 134 0.90 -11.61 27.72
C LEU A 134 0.99 -10.12 27.40
N HIS A 135 1.39 -9.31 28.36
CA HIS A 135 1.42 -7.87 28.15
C HIS A 135 2.71 -7.09 28.33
N GLN A 136 3.67 -7.67 29.04
CA GLN A 136 4.91 -6.98 29.32
C GLN A 136 6.04 -7.25 28.33
N GLU A 137 6.48 -6.21 27.63
CA GLU A 137 7.59 -6.38 26.70
C GLU A 137 8.78 -6.72 27.59
N GLY A 138 9.63 -7.62 27.11
CA GLY A 138 10.80 -8.01 27.86
C GLY A 138 10.57 -9.21 28.78
N ALA A 139 9.31 -9.52 29.05
CA ALA A 139 8.98 -10.65 29.91
C ALA A 139 9.49 -11.97 29.34
N LYS A 140 9.10 -12.31 28.12
CA LYS A 140 9.52 -13.55 27.48
C LYS A 140 11.02 -13.81 27.61
N MET A 141 11.83 -12.81 27.25
CA MET A 141 13.26 -12.97 27.31
C MET A 141 13.70 -13.13 28.76
N ALA A 142 13.01 -12.46 29.68
CA ALA A 142 13.35 -12.55 31.10
C ALA A 142 13.04 -13.95 31.69
N VAL A 143 11.87 -14.49 31.38
CA VAL A 143 11.51 -15.79 31.89
C VAL A 143 12.47 -16.87 31.39
N ARG A 144 12.98 -16.75 30.17
CA ARG A 144 13.91 -17.73 29.63
C ARG A 144 15.28 -17.67 30.35
N LEU A 145 15.73 -16.45 30.65
CA LEU A 145 17.01 -16.29 31.32
C LEU A 145 16.95 -16.89 32.71
N ALA A 146 15.81 -16.73 33.34
CA ALA A 146 15.59 -17.20 34.69
C ALA A 146 15.36 -18.69 34.74
N GLY A 147 15.47 -19.36 33.59
CA GLY A 147 15.25 -20.79 33.53
C GLY A 147 13.81 -21.18 33.74
N GLY A 148 12.89 -20.38 33.19
CA GLY A 148 11.47 -20.66 33.31
C GLY A 148 10.88 -21.88 32.61
N LEU A 149 11.36 -22.19 31.41
CA LEU A 149 10.89 -23.33 30.65
C LEU A 149 11.10 -24.62 31.40
N GLN A 150 12.34 -24.85 31.82
CA GLN A 150 12.73 -26.04 32.54
C GLN A 150 11.83 -26.19 33.74
N LYS A 151 11.68 -25.13 34.51
CA LYS A 151 10.80 -25.24 35.66
C LYS A 151 9.37 -25.46 35.21
N MET A 152 8.89 -24.66 34.26
CA MET A 152 7.52 -24.84 33.75
C MET A 152 7.22 -26.28 33.36
N VAL A 153 8.16 -26.91 32.67
CA VAL A 153 7.97 -28.28 32.23
C VAL A 153 7.99 -29.25 33.41
N ALA A 154 8.70 -28.90 34.48
CA ALA A 154 8.76 -29.78 35.63
C ALA A 154 7.38 -29.82 36.27
N LEU A 155 6.65 -28.72 36.11
CA LEU A 155 5.30 -28.60 36.66
C LEU A 155 4.17 -29.28 35.85
N LEU A 156 4.51 -29.98 34.77
CA LEU A 156 3.50 -30.68 33.94
C LEU A 156 2.98 -32.00 34.56
N ASN A 157 3.54 -32.39 35.70
CA ASN A 157 3.08 -33.60 36.36
C ASN A 157 2.00 -33.28 37.39
N LYS A 158 1.66 -32.01 37.55
CA LYS A 158 0.63 -31.65 38.52
C LYS A 158 -0.74 -32.13 38.07
N THR A 159 -1.60 -32.44 39.03
CA THR A 159 -2.93 -32.95 38.77
C THR A 159 -4.06 -31.92 38.74
N ASN A 160 -3.72 -30.64 38.87
CA ASN A 160 -4.72 -29.58 38.86
C ASN A 160 -4.81 -29.04 37.44
N VAL A 161 -5.78 -29.53 36.68
CA VAL A 161 -5.92 -29.13 35.29
C VAL A 161 -5.92 -27.66 34.96
N LYS A 162 -6.46 -26.82 35.83
CA LYS A 162 -6.45 -25.38 35.58
C LYS A 162 -5.01 -24.89 35.72
N PHE A 163 -4.28 -25.43 36.68
CA PHE A 163 -2.91 -25.01 36.85
C PHE A 163 -2.18 -25.38 35.56
N LEU A 164 -2.40 -26.61 35.11
CA LEU A 164 -1.80 -27.13 33.87
C LEU A 164 -2.15 -26.27 32.66
N ALA A 165 -3.38 -25.76 32.63
CA ALA A 165 -3.85 -24.94 31.53
C ALA A 165 -3.01 -23.66 31.44
N ILE A 166 -2.83 -22.98 32.56
CA ILE A 166 -2.02 -21.77 32.50
C ILE A 166 -0.55 -22.08 32.27
N THR A 167 -0.07 -23.19 32.85
CA THR A 167 1.33 -23.54 32.70
C THR A 167 1.66 -23.83 31.25
N THR A 168 0.87 -24.69 30.63
CA THR A 168 1.06 -25.05 29.22
C THR A 168 1.00 -23.83 28.29
N ASP A 169 0.08 -22.90 28.56
CA ASP A 169 -0.04 -21.70 27.72
C ASP A 169 1.21 -20.85 27.81
N CYS A 170 1.95 -20.99 28.92
CA CYS A 170 3.18 -20.22 29.11
C CYS A 170 4.23 -20.78 28.17
N LEU A 171 4.29 -22.09 28.08
CA LEU A 171 5.23 -22.77 27.22
C LEU A 171 4.97 -22.43 25.75
N GLN A 172 3.70 -22.19 25.43
CA GLN A 172 3.30 -21.89 24.06
C GLN A 172 3.71 -20.48 23.64
N ILE A 173 3.69 -19.55 24.60
CA ILE A 173 4.06 -18.17 24.32
C ILE A 173 5.57 -18.02 24.28
N LEU A 174 6.26 -18.86 25.06
CA LEU A 174 7.72 -18.82 25.11
C LEU A 174 8.30 -19.54 23.90
N ALA A 175 7.72 -20.67 23.54
CA ALA A 175 8.21 -21.45 22.41
C ALA A 175 7.90 -20.87 21.02
N TYR A 176 6.71 -20.29 20.86
CA TYR A 176 6.31 -19.72 19.57
C TYR A 176 7.43 -18.90 18.92
N GLY A 177 7.82 -19.30 17.72
CA GLY A 177 8.86 -18.58 17.01
C GLY A 177 10.18 -18.49 17.73
N ASN A 178 10.56 -19.55 18.45
CA ASN A 178 11.83 -19.57 19.17
C ASN A 178 12.32 -21.02 19.18
N GLN A 179 13.29 -21.35 18.32
CA GLN A 179 13.79 -22.72 18.25
C GLN A 179 14.53 -23.07 19.53
N GLU A 180 15.35 -22.15 20.01
CA GLU A 180 16.09 -22.39 21.24
C GLU A 180 15.10 -22.80 22.34
N SER A 181 14.16 -21.91 22.67
CA SER A 181 13.16 -22.22 23.70
C SER A 181 12.48 -23.56 23.40
N LYS A 182 12.46 -23.92 22.12
CA LYS A 182 11.87 -25.16 21.68
C LYS A 182 12.79 -26.34 22.02
N LEU A 183 14.09 -26.16 21.81
CA LEU A 183 15.09 -27.18 22.09
C LEU A 183 15.22 -27.38 23.60
N ILE A 184 15.01 -26.33 24.37
CA ILE A 184 15.10 -26.49 25.80
C ILE A 184 13.91 -27.28 26.31
N ILE A 185 12.72 -27.02 25.78
CA ILE A 185 11.55 -27.74 26.24
C ILE A 185 11.77 -29.23 25.96
N LEU A 186 12.15 -29.51 24.72
CA LEU A 186 12.41 -30.86 24.25
C LEU A 186 13.44 -31.59 25.13
N ALA A 187 14.55 -30.93 25.41
CA ALA A 187 15.61 -31.50 26.23
C ALA A 187 15.20 -31.74 27.69
N SER A 188 14.08 -31.15 28.13
CA SER A 188 13.57 -31.31 29.50
C SER A 188 12.48 -32.41 29.59
N GLY A 189 12.32 -33.17 28.52
CA GLY A 189 11.30 -34.21 28.48
C GLY A 189 9.92 -33.66 28.19
N GLY A 190 9.84 -32.41 27.74
CA GLY A 190 8.55 -31.80 27.48
C GLY A 190 7.51 -32.54 26.63
N PRO A 191 7.90 -33.00 25.44
CA PRO A 191 7.04 -33.72 24.51
C PRO A 191 6.23 -34.82 25.15
N GLN A 192 6.92 -35.82 25.67
CA GLN A 192 6.25 -36.95 26.31
C GLN A 192 5.33 -36.52 27.45
N ALA A 193 5.55 -35.33 27.99
CA ALA A 193 4.70 -34.89 29.08
C ALA A 193 3.41 -34.29 28.52
N LEU A 194 3.52 -33.41 27.54
CA LEU A 194 2.34 -32.81 26.96
C LEU A 194 1.51 -33.93 26.32
N VAL A 195 2.20 -34.83 25.62
CA VAL A 195 1.50 -35.94 24.99
C VAL A 195 0.74 -36.77 26.01
N ASN A 196 1.19 -36.82 27.25
CA ASN A 196 0.48 -37.62 28.24
C ASN A 196 -0.72 -36.85 28.76
N ILE A 197 -0.67 -35.54 28.62
CA ILE A 197 -1.76 -34.70 29.05
C ILE A 197 -2.92 -35.01 28.09
N MET A 198 -2.58 -35.15 26.81
CA MET A 198 -3.60 -35.46 25.79
C MET A 198 -4.22 -36.86 25.97
N ARG A 199 -3.59 -37.74 26.74
CA ARG A 199 -4.12 -39.09 26.97
C ARG A 199 -5.08 -39.17 28.16
N THR A 200 -4.72 -38.45 29.23
CA THR A 200 -5.44 -38.44 30.50
C THR A 200 -6.60 -37.46 30.74
N TYR A 201 -6.39 -36.19 30.42
CA TYR A 201 -7.41 -35.20 30.70
C TYR A 201 -8.52 -34.95 29.69
N THR A 202 -9.68 -34.58 30.22
CA THR A 202 -10.84 -34.29 29.40
C THR A 202 -11.26 -32.82 29.47
N TYR A 203 -10.49 -32.00 30.19
CA TYR A 203 -10.81 -30.58 30.30
C TYR A 203 -10.43 -29.92 28.98
N GLU A 204 -11.44 -29.52 28.22
CA GLU A 204 -11.21 -28.91 26.92
C GLU A 204 -10.18 -27.80 26.89
N LYS A 205 -10.23 -26.87 27.84
CA LYS A 205 -9.28 -25.76 27.83
C LYS A 205 -7.83 -26.21 27.98
N LEU A 206 -7.64 -27.28 28.74
CA LEU A 206 -6.29 -27.81 28.93
C LEU A 206 -5.90 -28.39 27.57
N LEU A 207 -6.64 -29.41 27.14
CA LEU A 207 -6.41 -30.06 25.86
C LEU A 207 -6.06 -29.02 24.78
N TRP A 208 -6.77 -27.90 24.77
CA TRP A 208 -6.53 -26.83 23.79
C TRP A 208 -5.15 -26.20 23.92
N THR A 209 -4.87 -25.62 25.10
CA THR A 209 -3.58 -24.99 25.31
C THR A 209 -2.46 -25.99 25.06
N THR A 210 -2.62 -27.23 25.50
CA THR A 210 -1.56 -28.20 25.27
C THR A 210 -1.40 -28.42 23.77
N SER A 211 -2.50 -28.76 23.09
CA SER A 211 -2.48 -29.00 21.66
C SER A 211 -1.77 -27.85 20.94
N ARG A 212 -1.96 -26.64 21.44
CA ARG A 212 -1.32 -25.49 20.82
C ARG A 212 0.18 -25.53 21.02
N VAL A 213 0.61 -26.10 22.13
CA VAL A 213 2.03 -26.19 22.41
C VAL A 213 2.64 -27.29 21.54
N LEU A 214 1.88 -28.35 21.32
CA LEU A 214 2.37 -29.43 20.48
C LEU A 214 2.44 -29.00 19.05
N LYS A 215 1.50 -28.13 18.66
CA LYS A 215 1.44 -27.58 17.30
C LYS A 215 2.72 -26.80 16.98
N VAL A 216 3.08 -25.88 17.85
CA VAL A 216 4.28 -25.06 17.70
C VAL A 216 5.58 -25.88 17.65
N LEU A 217 5.63 -27.00 18.36
CA LEU A 217 6.83 -27.83 18.38
C LEU A 217 6.93 -28.79 17.22
N SER A 218 5.82 -29.08 16.57
CA SER A 218 5.81 -30.05 15.49
C SER A 218 6.44 -29.58 14.19
N VAL A 219 6.83 -28.31 14.15
CA VAL A 219 7.46 -27.72 12.97
C VAL A 219 8.97 -27.73 13.14
N CYS A 220 9.39 -27.95 14.38
CA CYS A 220 10.80 -28.02 14.78
C CYS A 220 11.36 -29.33 14.25
N SER A 221 12.61 -29.31 13.80
CA SER A 221 13.24 -30.51 13.25
C SER A 221 14.06 -31.25 14.29
N SER A 222 13.40 -31.68 15.36
CA SER A 222 14.05 -32.41 16.44
C SER A 222 12.95 -32.86 17.38
N ASN A 223 11.89 -32.04 17.48
CA ASN A 223 10.75 -32.34 18.33
C ASN A 223 9.84 -33.39 17.72
N LYS A 224 9.61 -33.31 16.41
CA LYS A 224 8.72 -34.25 15.72
C LYS A 224 8.83 -35.68 16.23
N PRO A 225 9.95 -36.36 15.96
CA PRO A 225 10.08 -37.73 16.44
C PRO A 225 9.85 -37.92 17.94
N ALA A 226 10.25 -36.94 18.74
CA ALA A 226 10.06 -37.03 20.20
C ALA A 226 8.56 -37.15 20.46
N ILE A 227 7.79 -36.34 19.73
CA ILE A 227 6.34 -36.36 19.85
C ILE A 227 5.77 -37.64 19.23
N VAL A 228 6.33 -38.11 18.12
CA VAL A 228 5.82 -39.34 17.51
C VAL A 228 6.07 -40.61 18.32
N GLU A 229 7.29 -40.77 18.83
CA GLU A 229 7.65 -41.94 19.63
C GLU A 229 6.95 -42.01 21.00
N ALA A 230 6.60 -40.85 21.55
CA ALA A 230 5.95 -40.84 22.86
C ALA A 230 4.48 -41.25 22.71
N GLY A 231 4.05 -41.37 21.46
CA GLY A 231 2.68 -41.76 21.18
C GLY A 231 1.81 -40.58 20.87
N GLY A 232 2.44 -39.51 20.41
CA GLY A 232 1.72 -38.30 20.07
C GLY A 232 0.67 -38.50 19.00
N MET A 233 1.00 -39.32 18.00
CA MET A 233 0.04 -39.56 16.94
C MET A 233 -1.29 -40.11 17.47
N GLN A 234 -1.25 -41.19 18.25
CA GLN A 234 -2.44 -41.80 18.85
C GLN A 234 -3.18 -40.90 19.86
N ALA A 235 -2.46 -40.03 20.54
CA ALA A 235 -3.05 -39.13 21.53
C ALA A 235 -3.69 -37.84 20.93
N LEU A 236 -3.25 -37.42 19.76
CA LEU A 236 -3.85 -36.25 19.13
C LEU A 236 -5.09 -36.77 18.39
N GLY A 237 -5.04 -38.04 18.02
CA GLY A 237 -6.15 -38.66 17.33
C GLY A 237 -7.28 -39.06 18.27
N LEU A 238 -7.05 -38.96 19.57
CA LEU A 238 -8.08 -39.32 20.56
C LEU A 238 -9.17 -38.28 20.57
N HIS A 239 -8.81 -37.04 20.25
CA HIS A 239 -9.78 -35.95 20.28
C HIS A 239 -10.26 -35.46 18.93
N LEU A 240 -10.04 -36.24 17.88
CA LEU A 240 -10.44 -35.87 16.52
C LEU A 240 -11.93 -35.64 16.35
N THR A 241 -12.77 -36.32 17.13
CA THR A 241 -14.21 -36.06 17.06
C THR A 241 -14.72 -35.44 18.35
N ASP A 242 -13.88 -34.82 19.17
CA ASP A 242 -14.41 -34.19 20.38
C ASP A 242 -15.31 -33.06 19.87
N PRO A 243 -16.24 -32.54 20.69
CA PRO A 243 -17.07 -31.47 20.12
C PRO A 243 -16.34 -30.19 19.74
N SER A 244 -15.32 -29.82 20.51
CA SER A 244 -14.58 -28.58 20.25
C SER A 244 -13.86 -28.44 18.91
N GLN A 245 -14.31 -27.54 18.05
CA GLN A 245 -13.63 -27.40 16.76
C GLN A 245 -12.18 -26.93 16.91
N ARG A 246 -11.94 -25.90 17.72
CA ARG A 246 -10.58 -25.41 17.90
C ARG A 246 -9.68 -26.55 18.34
N LEU A 247 -10.20 -27.44 19.17
CA LEU A 247 -9.40 -28.59 19.60
C LEU A 247 -9.12 -29.49 18.39
N VAL A 248 -10.18 -29.82 17.67
CA VAL A 248 -10.06 -30.69 16.50
C VAL A 248 -9.07 -30.13 15.49
N GLN A 249 -9.27 -28.87 15.09
CA GLN A 249 -8.40 -28.24 14.13
C GLN A 249 -6.94 -28.26 14.57
N ASN A 250 -6.70 -27.83 15.81
CA ASN A 250 -5.32 -27.83 16.30
C ASN A 250 -4.73 -29.22 16.23
N CYS A 251 -5.50 -30.23 16.66
CA CYS A 251 -5.02 -31.60 16.64
C CYS A 251 -4.70 -32.04 15.21
N LEU A 252 -5.45 -31.52 14.24
CA LEU A 252 -5.24 -31.90 12.84
C LEU A 252 -3.99 -31.29 12.25
N TRP A 253 -3.81 -29.97 12.45
CA TRP A 253 -2.64 -29.29 11.94
C TRP A 253 -1.41 -29.92 12.55
N THR A 254 -1.47 -30.20 13.84
CA THR A 254 -0.32 -30.81 14.47
C THR A 254 -0.08 -32.18 13.86
N LEU A 255 -1.14 -32.96 13.67
CA LEU A 255 -0.98 -34.27 13.06
C LEU A 255 -0.41 -34.14 11.65
N ARG A 256 -0.76 -33.06 10.95
CA ARG A 256 -0.23 -32.91 9.61
C ARG A 256 1.27 -32.64 9.66
N ASN A 257 1.70 -31.66 10.46
CA ASN A 257 3.13 -31.37 10.60
C ASN A 257 3.91 -32.63 11.04
N LEU A 258 3.36 -33.45 11.93
CA LEU A 258 4.10 -34.65 12.35
C LEU A 258 4.12 -35.76 11.31
N SER A 259 3.15 -35.76 10.39
CA SER A 259 3.04 -36.87 9.44
C SER A 259 4.22 -37.30 8.57
N ASP A 260 5.05 -36.39 8.08
CA ASP A 260 6.16 -36.89 7.26
C ASP A 260 7.23 -37.59 8.10
N ALA A 261 7.08 -37.51 9.42
CA ALA A 261 8.02 -38.15 10.32
C ALA A 261 7.38 -39.35 11.02
N ALA A 262 6.15 -39.69 10.63
CA ALA A 262 5.45 -40.79 11.28
C ALA A 262 5.19 -42.02 10.44
N THR A 263 5.80 -42.08 9.27
CA THR A 263 5.59 -43.16 8.32
C THR A 263 5.95 -44.57 8.75
N LYS A 264 6.71 -44.70 9.82
CA LYS A 264 7.12 -46.02 10.27
C LYS A 264 6.61 -46.38 11.66
N GLN A 265 5.62 -45.66 12.16
CA GLN A 265 5.10 -45.97 13.48
C GLN A 265 3.95 -46.94 13.43
N GLU A 266 4.01 -47.97 14.27
CA GLU A 266 2.94 -48.94 14.31
C GLU A 266 1.73 -48.26 14.95
N GLY A 267 0.68 -49.02 15.19
CA GLY A 267 -0.52 -48.49 15.81
C GLY A 267 -1.19 -47.25 15.23
N MET A 268 -1.21 -47.10 13.90
CA MET A 268 -1.87 -45.95 13.30
C MET A 268 -3.26 -46.36 12.79
N GLU A 269 -3.59 -47.64 12.94
CA GLU A 269 -4.86 -48.21 12.49
C GLU A 269 -6.15 -47.46 12.85
N GLY A 270 -6.24 -46.94 14.06
CA GLY A 270 -7.44 -46.23 14.49
C GLY A 270 -7.46 -44.81 13.99
N LEU A 271 -6.29 -44.18 14.01
CA LEU A 271 -6.18 -42.81 13.54
C LEU A 271 -6.43 -42.82 12.03
N LEU A 272 -6.26 -43.97 11.41
CA LEU A 272 -6.50 -44.08 9.98
C LEU A 272 -8.00 -44.14 9.70
N GLY A 273 -8.71 -44.95 10.47
CA GLY A 273 -10.14 -45.04 10.29
C GLY A 273 -10.80 -43.69 10.53
N THR A 274 -10.34 -42.97 11.55
CA THR A 274 -10.92 -41.67 11.88
C THR A 274 -10.66 -40.65 10.76
N LEU A 275 -9.42 -40.61 10.29
CA LEU A 275 -9.06 -39.68 9.22
C LEU A 275 -9.94 -39.91 7.98
N VAL A 276 -10.12 -41.17 7.60
CA VAL A 276 -10.96 -41.50 6.46
C VAL A 276 -12.35 -40.87 6.72
N GLN A 277 -12.98 -41.27 7.81
CA GLN A 277 -14.28 -40.71 8.12
C GLN A 277 -14.29 -39.18 8.01
N LEU A 278 -13.26 -38.51 8.52
CA LEU A 278 -13.24 -37.05 8.46
C LEU A 278 -13.21 -36.42 7.05
N LEU A 279 -12.87 -37.19 6.02
CA LEU A 279 -12.87 -36.65 4.66
C LEU A 279 -14.30 -36.17 4.33
N GLY A 280 -15.27 -36.80 4.99
CA GLY A 280 -16.67 -36.50 4.82
C GLY A 280 -17.20 -35.43 5.76
N SER A 281 -16.31 -34.74 6.46
CA SER A 281 -16.70 -33.65 7.34
C SER A 281 -17.24 -32.49 6.49
N ASP A 282 -17.87 -31.54 7.16
CA ASP A 282 -18.46 -30.37 6.52
C ASP A 282 -17.48 -29.23 6.40
N ASP A 283 -16.30 -29.37 7.00
CA ASP A 283 -15.32 -28.30 6.96
C ASP A 283 -14.24 -28.62 5.92
N ILE A 284 -14.21 -27.89 4.82
CA ILE A 284 -13.20 -28.13 3.80
C ILE A 284 -11.81 -28.18 4.46
N ASN A 285 -11.55 -27.25 5.38
CA ASN A 285 -10.25 -27.22 6.05
C ASN A 285 -9.95 -28.54 6.79
N VAL A 286 -10.96 -29.14 7.39
CA VAL A 286 -10.78 -30.40 8.09
C VAL A 286 -10.46 -31.45 7.05
N VAL A 287 -11.22 -31.44 5.97
CA VAL A 287 -11.04 -32.41 4.88
C VAL A 287 -9.64 -32.25 4.27
N THR A 288 -9.23 -31.01 4.05
CA THR A 288 -7.91 -30.73 3.51
C THR A 288 -6.79 -31.30 4.41
N CYS A 289 -6.87 -31.02 5.70
CA CYS A 289 -5.87 -31.51 6.63
C CYS A 289 -5.84 -33.02 6.59
N ALA A 290 -7.01 -33.63 6.69
CA ALA A 290 -7.08 -35.08 6.71
C ALA A 290 -6.52 -35.74 5.45
N ALA A 291 -6.78 -35.17 4.28
CA ALA A 291 -6.26 -35.77 3.06
C ALA A 291 -4.75 -35.67 3.10
N GLY A 292 -4.26 -34.68 3.82
CA GLY A 292 -2.83 -34.47 3.93
C GLY A 292 -2.19 -35.56 4.74
N ILE A 293 -2.77 -35.82 5.91
CA ILE A 293 -2.26 -36.83 6.80
C ILE A 293 -2.29 -38.26 6.22
N LEU A 294 -3.34 -38.58 5.46
CA LEU A 294 -3.49 -39.90 4.83
C LEU A 294 -2.46 -40.05 3.71
N SER A 295 -2.17 -38.93 3.08
CA SER A 295 -1.23 -38.89 2.02
C SER A 295 0.15 -39.27 2.57
N ASN A 296 0.58 -38.62 3.64
CA ASN A 296 1.89 -38.92 4.22
C ASN A 296 1.90 -40.22 5.01
N LEU A 297 0.83 -40.49 5.73
CA LEU A 297 0.78 -41.71 6.49
C LEU A 297 0.72 -42.95 5.61
N THR A 298 0.52 -42.77 4.30
CA THR A 298 0.46 -43.94 3.42
C THR A 298 1.72 -44.23 2.63
N CYS A 299 2.71 -43.35 2.74
CA CYS A 299 3.97 -43.50 2.06
C CYS A 299 4.74 -44.72 2.51
N ASN A 300 5.13 -45.53 1.55
CA ASN A 300 5.94 -46.71 1.80
C ASN A 300 5.59 -47.60 2.99
N ASN A 301 4.36 -47.53 3.46
CA ASN A 301 3.95 -48.34 4.61
C ASN A 301 2.73 -49.23 4.29
N TYR A 302 3.01 -50.47 3.90
CA TYR A 302 2.00 -51.45 3.54
C TYR A 302 0.89 -51.65 4.58
N LYS A 303 1.23 -51.61 5.86
CA LYS A 303 0.20 -51.78 6.88
C LYS A 303 -0.79 -50.67 6.74
N ASN A 304 -0.29 -49.46 6.57
CA ASN A 304 -1.17 -48.32 6.44
C ASN A 304 -1.96 -48.32 5.12
N LYS A 305 -1.33 -48.73 4.02
CA LYS A 305 -2.04 -48.78 2.75
C LYS A 305 -3.29 -49.65 2.82
N MET A 306 -3.15 -50.85 3.34
CA MET A 306 -4.26 -51.77 3.45
C MET A 306 -5.36 -51.30 4.39
N MET A 307 -4.99 -50.64 5.49
CA MET A 307 -5.96 -50.13 6.44
C MET A 307 -6.79 -49.04 5.76
N VAL A 308 -6.14 -48.15 5.03
CA VAL A 308 -6.89 -47.10 4.33
C VAL A 308 -7.86 -47.78 3.38
N CYS A 309 -7.35 -48.72 2.60
CA CYS A 309 -8.17 -49.47 1.65
C CYS A 309 -9.32 -50.24 2.30
N GLN A 310 -9.14 -50.71 3.53
CA GLN A 310 -10.18 -51.47 4.20
C GLN A 310 -11.39 -50.69 4.71
N VAL A 311 -11.17 -49.53 5.31
CA VAL A 311 -12.28 -48.78 5.84
C VAL A 311 -13.00 -47.78 4.91
N GLY A 312 -12.96 -48.03 3.60
CA GLY A 312 -13.63 -47.11 2.68
C GLY A 312 -12.72 -46.06 2.11
N GLY A 313 -11.42 -46.22 2.34
CA GLY A 313 -10.44 -45.27 1.83
C GLY A 313 -10.52 -44.80 0.38
N ILE A 314 -10.53 -45.72 -0.59
CA ILE A 314 -10.59 -45.31 -2.01
C ILE A 314 -11.80 -44.44 -2.40
N GLU A 315 -13.01 -44.95 -2.17
CA GLU A 315 -14.23 -44.20 -2.48
C GLU A 315 -14.21 -42.81 -1.85
N ALA A 316 -13.74 -42.73 -0.61
CA ALA A 316 -13.69 -41.48 0.14
C ALA A 316 -12.67 -40.49 -0.41
N LEU A 317 -11.51 -41.00 -0.81
CA LEU A 317 -10.49 -40.14 -1.38
C LEU A 317 -11.02 -39.65 -2.71
N VAL A 318 -11.62 -40.56 -3.50
CA VAL A 318 -12.17 -40.24 -4.83
C VAL A 318 -13.25 -39.16 -4.73
N ARG A 319 -14.13 -39.32 -3.76
CA ARG A 319 -15.21 -38.40 -3.49
C ARG A 319 -14.64 -37.04 -3.08
N THR A 320 -13.46 -37.05 -2.51
CA THR A 320 -12.82 -35.83 -2.08
C THR A 320 -12.29 -35.02 -3.25
N VAL A 321 -11.78 -35.72 -4.27
CA VAL A 321 -11.25 -35.06 -5.45
C VAL A 321 -12.39 -34.35 -6.14
N LEU A 322 -13.46 -35.08 -6.36
CA LEU A 322 -14.66 -34.57 -6.99
C LEU A 322 -15.17 -33.34 -6.28
N ARG A 323 -15.43 -33.51 -5.00
CA ARG A 323 -15.94 -32.42 -4.18
C ARG A 323 -15.02 -31.18 -4.20
N ALA A 324 -13.73 -31.39 -4.39
CA ALA A 324 -12.77 -30.29 -4.35
C ALA A 324 -12.64 -29.43 -5.59
N GLY A 325 -12.95 -30.01 -6.75
CA GLY A 325 -12.85 -29.26 -7.98
C GLY A 325 -11.43 -28.84 -8.31
N ASP A 326 -11.24 -27.52 -8.43
CA ASP A 326 -9.95 -26.92 -8.76
C ASP A 326 -9.00 -26.77 -7.59
N ARG A 327 -9.51 -26.92 -6.36
CA ARG A 327 -8.68 -26.78 -5.15
C ARG A 327 -7.55 -27.79 -5.09
N GLU A 328 -6.37 -27.38 -5.57
CA GLU A 328 -5.21 -28.28 -5.59
C GLU A 328 -4.78 -28.61 -4.17
N ASP A 329 -5.15 -27.72 -3.26
CA ASP A 329 -4.87 -27.84 -1.83
C ASP A 329 -5.48 -29.13 -1.31
N ILE A 330 -6.49 -29.66 -2.02
CA ILE A 330 -7.12 -30.89 -1.58
C ILE A 330 -6.78 -32.03 -2.54
N THR A 331 -7.13 -31.85 -3.81
CA THR A 331 -6.87 -32.86 -4.82
C THR A 331 -5.46 -33.47 -4.80
N GLU A 332 -4.45 -32.64 -4.60
CA GLU A 332 -3.05 -33.07 -4.59
C GLU A 332 -2.73 -34.07 -3.48
N PRO A 333 -2.93 -33.67 -2.22
CA PRO A 333 -2.63 -34.65 -1.19
C PRO A 333 -3.47 -35.90 -1.39
N ALA A 334 -4.74 -35.71 -1.77
CA ALA A 334 -5.66 -36.82 -1.98
C ALA A 334 -5.25 -37.68 -3.16
N ILE A 335 -4.83 -37.05 -4.24
CA ILE A 335 -4.40 -37.82 -5.40
C ILE A 335 -3.09 -38.57 -5.06
N CYS A 336 -2.24 -37.97 -4.22
CA CYS A 336 -0.98 -38.64 -3.86
C CYS A 336 -1.31 -39.88 -3.06
N ALA A 337 -2.31 -39.77 -2.19
CA ALA A 337 -2.75 -40.87 -1.36
C ALA A 337 -3.27 -42.00 -2.25
N LEU A 338 -4.07 -41.66 -3.26
CA LEU A 338 -4.60 -42.70 -4.12
C LEU A 338 -3.42 -43.37 -4.80
N ARG A 339 -2.41 -42.57 -5.11
CA ARG A 339 -1.21 -43.09 -5.76
C ARG A 339 -0.50 -44.09 -4.88
N HIS A 340 -0.36 -43.77 -3.60
CA HIS A 340 0.34 -44.64 -2.67
C HIS A 340 -0.38 -45.94 -2.47
N LEU A 341 -1.69 -45.85 -2.35
CA LEU A 341 -2.52 -47.02 -2.12
C LEU A 341 -2.58 -47.94 -3.31
N THR A 342 -2.22 -47.44 -4.49
CA THR A 342 -2.30 -48.28 -5.69
C THR A 342 -0.98 -48.92 -6.07
N SER A 343 -0.09 -49.08 -5.11
CA SER A 343 1.18 -49.71 -5.40
C SER A 343 1.96 -50.27 -4.23
N ARG A 344 2.88 -51.16 -4.57
CA ARG A 344 3.77 -51.79 -3.63
C ARG A 344 3.17 -52.40 -2.37
N HIS A 345 2.15 -53.22 -2.54
CA HIS A 345 1.55 -53.91 -1.43
C HIS A 345 0.55 -54.95 -1.93
N GLN A 346 0.41 -56.03 -1.18
CA GLN A 346 -0.45 -57.17 -1.53
C GLN A 346 -1.76 -56.91 -2.29
N GLU A 347 -2.45 -55.82 -1.97
CA GLU A 347 -3.69 -55.53 -2.66
C GLU A 347 -3.60 -54.23 -3.47
N ALA A 348 -2.53 -54.09 -4.25
CA ALA A 348 -2.38 -52.90 -5.08
C ALA A 348 -3.37 -53.01 -6.23
N GLU A 349 -3.54 -54.23 -6.72
CA GLU A 349 -4.46 -54.51 -7.82
C GLU A 349 -5.87 -54.24 -7.34
N MET A 350 -6.19 -54.70 -6.14
CA MET A 350 -7.51 -54.49 -5.61
C MET A 350 -7.82 -53.00 -5.54
N ALA A 351 -6.79 -52.19 -5.29
CA ALA A 351 -6.94 -50.74 -5.19
C ALA A 351 -7.08 -50.14 -6.58
N GLN A 352 -6.07 -50.36 -7.40
CA GLN A 352 -6.05 -49.86 -8.78
C GLN A 352 -7.41 -50.07 -9.34
N ASN A 353 -7.86 -51.30 -9.16
CA ASN A 353 -9.15 -51.72 -9.62
C ASN A 353 -10.33 -51.01 -8.99
N ALA A 354 -10.27 -50.82 -7.68
CA ALA A 354 -11.35 -50.17 -6.98
C ALA A 354 -11.61 -48.72 -7.34
N VAL A 355 -10.59 -48.00 -7.78
CA VAL A 355 -10.78 -46.60 -8.12
C VAL A 355 -11.69 -46.40 -9.32
N ARG A 356 -11.85 -47.46 -10.11
CA ARG A 356 -12.72 -47.42 -11.29
C ARG A 356 -14.14 -47.73 -10.79
N LEU A 357 -14.28 -48.84 -10.09
CA LEU A 357 -15.55 -49.29 -9.56
C LEU A 357 -16.20 -48.27 -8.67
N HIS A 358 -15.45 -47.24 -8.30
CA HIS A 358 -15.99 -46.20 -7.44
C HIS A 358 -16.03 -44.90 -8.19
N TYR A 359 -15.88 -45.02 -9.50
CA TYR A 359 -15.93 -43.92 -10.45
C TYR A 359 -14.88 -42.82 -10.34
N GLY A 360 -13.63 -43.20 -10.17
CA GLY A 360 -12.58 -42.20 -10.06
C GLY A 360 -11.97 -41.72 -11.36
N LEU A 361 -11.84 -42.63 -12.33
CA LEU A 361 -11.22 -42.32 -13.61
C LEU A 361 -11.59 -40.99 -14.25
N PRO A 362 -12.87 -40.69 -14.38
CA PRO A 362 -13.26 -39.41 -14.99
C PRO A 362 -12.54 -38.18 -14.43
N VAL A 363 -12.51 -38.06 -13.10
CA VAL A 363 -11.90 -36.90 -12.48
C VAL A 363 -10.40 -36.99 -12.39
N VAL A 364 -9.88 -38.20 -12.47
CA VAL A 364 -8.44 -38.38 -12.42
C VAL A 364 -7.89 -37.85 -13.73
N VAL A 365 -8.33 -38.47 -14.81
CA VAL A 365 -7.90 -38.07 -16.14
C VAL A 365 -8.11 -36.58 -16.40
N LYS A 366 -9.19 -36.03 -15.85
CA LYS A 366 -9.51 -34.60 -16.02
C LYS A 366 -8.48 -33.71 -15.35
N LEU A 367 -7.85 -34.21 -14.30
CA LEU A 367 -6.85 -33.45 -13.56
C LEU A 367 -5.57 -33.19 -14.32
N LEU A 368 -5.40 -33.83 -15.48
CA LEU A 368 -4.18 -33.58 -16.26
C LEU A 368 -4.40 -32.33 -17.09
N HIS A 369 -5.65 -31.93 -17.23
CA HIS A 369 -6.04 -30.75 -18.01
C HIS A 369 -5.89 -29.45 -17.21
N PRO A 370 -5.93 -28.30 -17.91
CA PRO A 370 -5.82 -27.01 -17.23
C PRO A 370 -7.07 -26.83 -16.39
N PRO A 371 -6.98 -26.04 -15.31
CA PRO A 371 -5.79 -25.31 -14.86
C PRO A 371 -4.92 -26.05 -13.86
N SER A 372 -4.83 -27.37 -13.97
CA SER A 372 -4.00 -28.09 -13.02
C SER A 372 -2.55 -27.67 -13.18
N HIS A 373 -1.86 -27.46 -12.05
CA HIS A 373 -0.45 -27.09 -12.08
C HIS A 373 0.39 -28.36 -12.17
N TRP A 374 1.71 -28.20 -12.31
CA TRP A 374 2.61 -29.35 -12.42
C TRP A 374 2.66 -30.26 -11.24
N PRO A 375 2.76 -29.71 -10.03
CA PRO A 375 2.80 -30.60 -8.86
C PRO A 375 1.68 -31.62 -8.93
N LEU A 376 0.50 -31.16 -9.27
CA LEU A 376 -0.65 -32.04 -9.36
C LEU A 376 -0.60 -32.93 -10.58
N ILE A 377 -0.23 -32.36 -11.73
CA ILE A 377 -0.16 -33.13 -12.97
C ILE A 377 0.81 -34.28 -12.86
N LYS A 378 1.89 -34.07 -12.13
CA LYS A 378 2.89 -35.07 -11.94
C LYS A 378 2.27 -36.21 -11.13
N ALA A 379 1.79 -35.86 -9.96
CA ALA A 379 1.16 -36.82 -9.07
C ALA A 379 0.04 -37.57 -9.79
N THR A 380 -0.70 -36.86 -10.64
CA THR A 380 -1.81 -37.49 -11.35
C THR A 380 -1.32 -38.44 -12.45
N VAL A 381 -0.12 -38.15 -12.98
CA VAL A 381 0.50 -39.00 -13.99
C VAL A 381 0.91 -40.31 -13.31
N GLY A 382 1.29 -40.20 -12.04
CA GLY A 382 1.70 -41.38 -11.30
C GLY A 382 0.53 -42.30 -10.96
N LEU A 383 -0.59 -41.69 -10.59
CA LEU A 383 -1.77 -42.47 -10.27
C LEU A 383 -2.12 -43.20 -11.56
N ILE A 384 -2.26 -42.46 -12.65
CA ILE A 384 -2.56 -43.08 -13.93
C ILE A 384 -1.59 -44.20 -14.25
N ARG A 385 -0.28 -43.96 -14.08
CA ARG A 385 0.70 -45.01 -14.37
C ARG A 385 0.28 -46.26 -13.62
N ASN A 386 0.13 -46.12 -12.30
CA ASN A 386 -0.30 -47.21 -11.42
C ASN A 386 -1.63 -47.85 -11.82
N LEU A 387 -2.63 -47.01 -12.12
CA LEU A 387 -3.96 -47.53 -12.48
C LEU A 387 -3.98 -48.31 -13.79
N ALA A 388 -2.98 -48.11 -14.64
CA ALA A 388 -2.94 -48.84 -15.92
C ALA A 388 -2.39 -50.24 -15.74
N LEU A 389 -1.75 -50.50 -14.60
CA LEU A 389 -1.19 -51.81 -14.31
C LEU A 389 -2.28 -52.87 -14.33
N CYS A 390 -3.50 -52.43 -14.04
CA CYS A 390 -4.70 -53.28 -14.01
C CYS A 390 -5.36 -53.36 -15.38
N PRO A 391 -5.23 -54.49 -16.07
CA PRO A 391 -5.81 -54.67 -17.40
C PRO A 391 -7.25 -54.16 -17.59
N ALA A 392 -8.11 -54.35 -16.58
CA ALA A 392 -9.49 -53.88 -16.70
C ALA A 392 -9.56 -52.37 -16.71
N ASN A 393 -8.43 -51.69 -16.64
CA ASN A 393 -8.44 -50.23 -16.63
C ASN A 393 -8.04 -49.60 -17.96
N HIS A 394 -7.49 -50.42 -18.84
CA HIS A 394 -7.04 -49.97 -20.14
C HIS A 394 -8.13 -49.33 -20.99
N ALA A 395 -9.19 -50.08 -21.25
CA ALA A 395 -10.28 -49.54 -22.04
C ALA A 395 -10.83 -48.24 -21.43
N PRO A 396 -11.14 -48.25 -20.13
CA PRO A 396 -11.67 -47.07 -19.44
C PRO A 396 -10.77 -45.83 -19.52
N LEU A 397 -9.48 -46.01 -19.30
CA LEU A 397 -8.53 -44.89 -19.35
C LEU A 397 -8.46 -44.29 -20.74
N ARG A 398 -8.65 -45.14 -21.73
CA ARG A 398 -8.62 -44.72 -23.13
C ARG A 398 -9.85 -43.93 -23.48
N GLU A 399 -11.00 -44.51 -23.15
CA GLU A 399 -12.25 -43.86 -23.47
C GLU A 399 -12.46 -42.56 -22.70
N GLN A 400 -11.62 -42.26 -21.71
CA GLN A 400 -11.77 -40.99 -21.00
C GLN A 400 -10.84 -39.99 -21.65
N GLY A 401 -10.11 -40.45 -22.66
CA GLY A 401 -9.20 -39.55 -23.35
C GLY A 401 -7.91 -39.30 -22.61
N ALA A 402 -7.28 -40.38 -22.15
CA ALA A 402 -6.03 -40.28 -21.42
C ALA A 402 -4.80 -40.22 -22.33
N ILE A 403 -4.72 -41.17 -23.25
CA ILE A 403 -3.57 -41.24 -24.16
C ILE A 403 -3.21 -39.90 -24.81
N PRO A 404 -4.17 -39.25 -25.48
CA PRO A 404 -3.89 -37.96 -26.13
C PRO A 404 -3.30 -36.90 -25.19
N ARG A 405 -3.85 -36.79 -23.99
CA ARG A 405 -3.37 -35.80 -23.04
C ARG A 405 -2.07 -36.23 -22.38
N LEU A 406 -1.90 -37.53 -22.15
CA LEU A 406 -0.65 -38.00 -21.58
C LEU A 406 0.45 -37.70 -22.61
N VAL A 407 0.12 -37.92 -23.89
CA VAL A 407 1.05 -37.69 -25.00
C VAL A 407 1.48 -36.24 -25.23
N GLN A 408 0.58 -35.28 -25.05
CA GLN A 408 0.95 -33.88 -25.24
C GLN A 408 1.72 -33.28 -24.08
N LEU A 409 1.50 -33.81 -22.86
CA LEU A 409 2.23 -33.32 -21.70
C LEU A 409 3.71 -33.74 -21.86
N LEU A 410 3.92 -34.98 -22.27
CA LEU A 410 5.25 -35.53 -22.49
C LEU A 410 5.99 -34.65 -23.48
N VAL A 411 5.29 -34.26 -24.53
CA VAL A 411 5.86 -33.41 -25.56
C VAL A 411 6.29 -32.08 -24.96
N ARG A 412 5.43 -31.48 -24.16
CA ARG A 412 5.73 -30.20 -23.52
C ARG A 412 6.90 -30.37 -22.57
N ALA A 413 6.98 -31.53 -21.95
CA ALA A 413 8.04 -31.84 -21.01
C ALA A 413 9.37 -32.03 -21.73
N HIS A 414 9.33 -32.83 -22.79
CA HIS A 414 10.52 -33.11 -23.58
C HIS A 414 11.13 -31.82 -24.16
N GLN A 415 10.27 -30.98 -24.75
CA GLN A 415 10.73 -29.72 -25.33
C GLN A 415 11.40 -28.80 -24.31
N ASP A 416 10.89 -28.76 -23.09
CA ASP A 416 11.48 -27.92 -22.04
C ASP A 416 12.93 -28.35 -21.82
N THR A 417 13.13 -29.65 -21.66
CA THR A 417 14.45 -30.20 -21.42
C THR A 417 15.39 -29.92 -22.60
N GLN A 418 14.88 -29.23 -23.61
CA GLN A 418 15.68 -28.88 -24.77
C GLN A 418 15.59 -27.38 -25.02
N ARG A 419 14.50 -26.77 -24.55
CA ARG A 419 14.25 -25.34 -24.70
C ARG A 419 15.16 -24.53 -23.76
N PHE A 430 13.45 -26.80 -14.28
CA PHE A 430 12.97 -27.05 -12.93
C PHE A 430 11.78 -26.15 -12.65
N VAL A 431 10.71 -26.35 -13.40
CA VAL A 431 9.49 -25.55 -13.26
C VAL A 431 8.60 -25.93 -12.06
N GLU A 432 8.30 -24.93 -11.24
CA GLU A 432 7.46 -25.09 -10.05
C GLU A 432 7.91 -26.14 -9.04
N GLY A 433 9.18 -26.50 -9.07
CA GLY A 433 9.68 -27.49 -8.14
C GLY A 433 9.60 -28.88 -8.75
N VAL A 434 9.13 -28.92 -9.99
CA VAL A 434 8.99 -30.17 -10.71
C VAL A 434 9.89 -30.16 -11.93
N ARG A 435 10.82 -31.11 -11.97
CA ARG A 435 11.73 -31.22 -13.10
C ARG A 435 10.91 -31.88 -14.21
N MET A 436 11.04 -31.37 -15.42
CA MET A 436 10.31 -31.91 -16.56
C MET A 436 10.73 -33.33 -16.95
N GLU A 437 11.89 -33.77 -16.48
CA GLU A 437 12.34 -35.11 -16.83
C GLU A 437 11.50 -36.13 -16.08
N GLU A 438 11.04 -35.77 -14.88
CA GLU A 438 10.21 -36.70 -14.11
C GLU A 438 8.89 -36.89 -14.86
N ILE A 439 8.42 -35.81 -15.49
CA ILE A 439 7.17 -35.84 -16.23
C ILE A 439 7.41 -36.67 -17.48
N VAL A 440 8.57 -36.47 -18.09
CA VAL A 440 8.92 -37.20 -19.28
C VAL A 440 8.87 -38.69 -19.02
N GLU A 441 9.34 -39.09 -17.84
CA GLU A 441 9.39 -40.49 -17.45
C GLU A 441 8.03 -41.10 -17.12
N GLY A 442 7.22 -40.38 -16.35
CA GLY A 442 5.90 -40.86 -15.98
C GLY A 442 4.97 -41.06 -17.15
N CYS A 443 4.74 -40.00 -17.91
CA CYS A 443 3.88 -40.09 -19.07
C CYS A 443 4.33 -41.28 -19.91
N THR A 444 5.56 -41.24 -20.39
CA THR A 444 6.08 -42.33 -21.22
C THR A 444 5.94 -43.64 -20.44
N GLY A 445 5.94 -43.54 -19.11
CA GLY A 445 5.80 -44.72 -18.30
C GLY A 445 4.36 -45.20 -18.38
N ALA A 446 3.42 -44.27 -18.28
CA ALA A 446 2.03 -44.66 -18.36
C ALA A 446 1.76 -45.21 -19.75
N LEU A 447 2.34 -44.58 -20.78
CA LEU A 447 2.08 -45.09 -22.13
C LEU A 447 2.69 -46.49 -22.29
N HIS A 448 3.88 -46.73 -21.76
CA HIS A 448 4.51 -48.06 -21.86
C HIS A 448 3.50 -49.09 -21.37
N ILE A 449 2.82 -48.76 -20.28
CA ILE A 449 1.85 -49.66 -19.68
C ILE A 449 0.53 -49.76 -20.45
N LEU A 450 0.00 -48.64 -20.89
CA LEU A 450 -1.26 -48.68 -21.64
C LEU A 450 -1.10 -49.42 -22.95
N ALA A 451 0.10 -49.37 -23.52
CA ALA A 451 0.39 -50.05 -24.76
C ALA A 451 0.32 -51.59 -24.65
N ARG A 452 -0.20 -52.09 -23.55
CA ARG A 452 -0.36 -53.53 -23.35
C ARG A 452 -1.65 -54.01 -24.01
N ASP A 453 -2.45 -53.08 -24.49
CA ASP A 453 -3.71 -53.38 -25.17
C ASP A 453 -3.51 -53.04 -26.64
N VAL A 454 -4.09 -53.84 -27.53
CA VAL A 454 -3.92 -53.57 -28.95
C VAL A 454 -4.61 -52.25 -29.34
N HIS A 455 -5.82 -52.03 -28.84
CA HIS A 455 -6.52 -50.81 -29.18
C HIS A 455 -5.69 -49.60 -28.77
N ASN A 456 -5.19 -49.60 -27.54
CA ASN A 456 -4.35 -48.50 -27.04
C ASN A 456 -3.17 -48.24 -27.96
N ARG A 457 -2.57 -49.34 -28.43
CA ARG A 457 -1.42 -49.24 -29.31
C ARG A 457 -1.74 -48.42 -30.55
N ILE A 458 -2.86 -48.73 -31.17
CA ILE A 458 -3.28 -48.00 -32.37
C ILE A 458 -3.28 -46.50 -32.13
N VAL A 459 -3.88 -46.09 -31.00
CA VAL A 459 -3.94 -44.69 -30.66
C VAL A 459 -2.53 -44.12 -30.50
N ILE A 460 -1.73 -44.73 -29.64
CA ILE A 460 -0.37 -44.23 -29.45
C ILE A 460 0.32 -43.98 -30.80
N ARG A 461 0.29 -44.97 -31.69
CA ARG A 461 0.88 -44.79 -33.02
C ARG A 461 0.19 -43.63 -33.73
N GLY A 462 -1.14 -43.64 -33.66
CA GLY A 462 -1.92 -42.61 -34.31
C GLY A 462 -1.61 -41.17 -33.97
N LEU A 463 -0.87 -40.92 -32.90
CA LEU A 463 -0.51 -39.55 -32.55
C LEU A 463 0.93 -39.31 -32.94
N ASN A 464 1.38 -40.04 -33.95
CA ASN A 464 2.76 -39.99 -34.42
C ASN A 464 3.72 -39.74 -33.27
N THR A 465 3.81 -40.73 -32.39
CA THR A 465 4.64 -40.64 -31.23
C THR A 465 5.95 -41.40 -31.40
N ILE A 466 5.93 -42.39 -32.29
CA ILE A 466 7.11 -43.20 -32.53
C ILE A 466 8.35 -42.33 -32.75
N PRO A 467 8.23 -41.25 -33.51
CA PRO A 467 9.48 -40.48 -33.66
C PRO A 467 9.95 -39.88 -32.34
N LEU A 468 9.03 -39.61 -31.41
CA LEU A 468 9.42 -39.03 -30.13
C LEU A 468 10.06 -40.02 -29.16
N PHE A 469 9.54 -41.25 -29.10
CA PHE A 469 10.09 -42.25 -28.19
C PHE A 469 11.51 -42.61 -28.66
N VAL A 470 11.70 -42.70 -29.97
CA VAL A 470 13.01 -43.04 -30.52
C VAL A 470 14.08 -42.07 -30.07
N GLN A 471 13.73 -40.79 -30.08
CA GLN A 471 14.63 -39.74 -29.68
C GLN A 471 14.84 -39.86 -28.17
N LEU A 472 13.89 -40.51 -27.48
CA LEU A 472 13.97 -40.71 -26.04
C LEU A 472 14.97 -41.79 -25.71
N LEU A 473 15.49 -42.45 -26.73
CA LEU A 473 16.48 -43.50 -26.51
C LEU A 473 17.78 -42.82 -26.10
N TYR A 474 17.99 -41.61 -26.60
CA TYR A 474 19.20 -40.85 -26.31
C TYR A 474 19.22 -40.08 -24.99
N SER A 475 18.48 -40.55 -24.00
CA SER A 475 18.44 -39.89 -22.70
C SER A 475 19.60 -40.31 -21.80
N PRO A 476 20.14 -39.38 -21.00
CA PRO A 476 21.26 -39.77 -20.13
C PRO A 476 20.75 -40.49 -18.90
N ILE A 477 19.43 -40.54 -18.76
CA ILE A 477 18.72 -41.17 -17.63
C ILE A 477 18.26 -42.56 -18.06
N GLU A 478 18.50 -43.55 -17.21
CA GLU A 478 18.11 -44.92 -17.50
C GLU A 478 16.61 -45.16 -17.49
N ASN A 479 15.93 -44.70 -16.44
CA ASN A 479 14.49 -44.90 -16.39
C ASN A 479 13.86 -44.46 -17.69
N ILE A 480 14.32 -43.32 -18.24
CA ILE A 480 13.73 -42.83 -19.47
C ILE A 480 14.01 -43.79 -20.62
N GLN A 481 15.25 -44.25 -20.75
CA GLN A 481 15.58 -45.16 -21.84
C GLN A 481 14.74 -46.41 -21.73
N ARG A 482 14.57 -46.90 -20.50
CA ARG A 482 13.80 -48.13 -20.23
C ARG A 482 12.35 -48.06 -20.74
N VAL A 483 11.62 -47.02 -20.37
CA VAL A 483 10.24 -46.88 -20.82
C VAL A 483 10.09 -46.48 -22.28
N ALA A 484 11.14 -45.89 -22.85
CA ALA A 484 11.11 -45.50 -24.26
C ALA A 484 11.27 -46.83 -24.97
N ALA A 485 12.30 -47.57 -24.58
CA ALA A 485 12.54 -48.87 -25.15
C ALA A 485 11.28 -49.68 -24.88
N GLY A 486 10.79 -49.60 -23.65
CA GLY A 486 9.61 -50.34 -23.28
C GLY A 486 8.36 -50.06 -24.12
N VAL A 487 8.13 -48.81 -24.47
CA VAL A 487 6.95 -48.46 -25.24
C VAL A 487 7.16 -48.96 -26.66
N LEU A 488 8.37 -48.77 -27.15
CA LEU A 488 8.72 -49.19 -28.50
C LEU A 488 8.67 -50.70 -28.70
N CYS A 489 8.77 -51.48 -27.63
CA CYS A 489 8.73 -52.94 -27.76
C CYS A 489 7.29 -53.33 -27.99
N GLU A 490 6.40 -52.77 -27.18
CA GLU A 490 4.99 -53.05 -27.32
C GLU A 490 4.57 -52.70 -28.75
N LEU A 491 4.83 -51.45 -29.13
CA LEU A 491 4.48 -50.95 -30.45
C LEU A 491 5.01 -51.78 -31.63
N ALA A 492 6.29 -52.14 -31.58
CA ALA A 492 6.92 -52.89 -32.67
C ALA A 492 6.34 -54.25 -32.96
N GLN A 493 5.57 -54.83 -32.05
CA GLN A 493 5.00 -56.15 -32.32
C GLN A 493 4.01 -56.05 -33.48
N ASP A 494 3.78 -54.83 -33.95
CA ASP A 494 2.91 -54.59 -35.09
C ASP A 494 3.91 -54.30 -36.19
N LYS A 495 3.86 -55.15 -37.22
CA LYS A 495 4.73 -55.08 -38.37
C LYS A 495 5.02 -53.68 -38.92
N GLU A 496 3.99 -53.02 -39.45
CA GLU A 496 4.19 -51.69 -40.01
C GLU A 496 4.88 -50.76 -39.01
N ALA A 497 4.30 -50.65 -37.81
CA ALA A 497 4.86 -49.82 -36.76
C ALA A 497 6.32 -50.19 -36.52
N ALA A 498 6.64 -51.47 -36.74
CA ALA A 498 8.01 -51.92 -36.57
C ALA A 498 8.88 -51.24 -37.62
N GLU A 499 8.36 -51.15 -38.83
CA GLU A 499 9.13 -50.52 -39.87
C GLU A 499 9.19 -49.01 -39.64
N ALA A 500 8.17 -48.49 -38.96
CA ALA A 500 8.13 -47.08 -38.66
C ALA A 500 9.33 -46.75 -37.78
N ILE A 501 9.54 -47.56 -36.73
CA ILE A 501 10.64 -47.36 -35.79
C ILE A 501 12.00 -47.55 -36.45
N GLU A 502 12.13 -48.61 -37.23
CA GLU A 502 13.38 -48.90 -37.93
C GLU A 502 13.68 -47.70 -38.80
N ALA A 503 12.72 -47.38 -39.67
CA ALA A 503 12.84 -46.26 -40.59
C ALA A 503 13.09 -44.95 -39.88
N GLU A 504 13.00 -44.95 -38.55
CA GLU A 504 13.22 -43.74 -37.75
C GLU A 504 14.65 -43.60 -37.24
N GLY A 505 15.44 -44.64 -37.41
CA GLY A 505 16.81 -44.58 -36.96
C GLY A 505 17.04 -45.32 -35.66
N ALA A 506 15.97 -45.91 -35.13
CA ALA A 506 16.07 -46.64 -33.88
C ALA A 506 17.29 -47.56 -33.79
N THR A 507 17.50 -48.39 -34.81
CA THR A 507 18.61 -49.33 -34.80
C THR A 507 19.92 -48.84 -34.22
N ALA A 508 20.38 -47.68 -34.64
CA ALA A 508 21.63 -47.19 -34.10
C ALA A 508 21.59 -47.13 -32.56
N PRO A 509 20.93 -46.09 -31.99
CA PRO A 509 20.90 -45.99 -30.54
C PRO A 509 20.56 -47.26 -29.77
N LEU A 510 19.68 -48.09 -30.32
CA LEU A 510 19.31 -49.30 -29.61
C LEU A 510 20.53 -50.22 -29.48
N THR A 511 21.35 -50.24 -30.52
CA THR A 511 22.55 -51.05 -30.53
C THR A 511 23.44 -50.75 -29.31
N GLU A 512 23.54 -49.47 -28.94
CA GLU A 512 24.32 -49.06 -27.79
C GLU A 512 23.56 -49.44 -26.54
N LEU A 513 22.26 -49.16 -26.52
CA LEU A 513 21.45 -49.50 -25.35
C LEU A 513 21.54 -50.99 -25.09
N LEU A 514 21.87 -51.75 -26.12
CA LEU A 514 21.98 -53.19 -25.96
C LEU A 514 22.94 -53.52 -24.81
N HIS A 515 24.03 -52.76 -24.74
CA HIS A 515 25.07 -53.01 -23.75
C HIS A 515 24.96 -52.39 -22.36
N SER A 516 23.86 -51.72 -22.02
CA SER A 516 23.70 -51.12 -20.68
C SER A 516 23.81 -52.12 -19.52
N ARG A 517 24.18 -51.62 -18.34
CA ARG A 517 24.29 -52.48 -17.17
C ARG A 517 22.91 -52.56 -16.54
N ASN A 518 22.06 -51.61 -16.90
CA ASN A 518 20.68 -51.60 -16.42
C ASN A 518 19.96 -52.69 -17.23
N GLU A 519 19.85 -53.88 -16.66
CA GLU A 519 19.22 -55.00 -17.32
C GLU A 519 17.88 -54.64 -17.98
N GLY A 520 17.15 -53.74 -17.34
CA GLY A 520 15.87 -53.33 -17.89
C GLY A 520 16.03 -52.67 -19.25
N VAL A 521 16.94 -51.71 -19.33
CA VAL A 521 17.16 -51.03 -20.59
C VAL A 521 17.71 -52.00 -21.64
N ALA A 522 18.58 -52.90 -21.24
CA ALA A 522 19.15 -53.83 -22.18
C ALA A 522 18.13 -54.88 -22.60
N THR A 523 17.29 -55.29 -21.65
CA THR A 523 16.28 -56.27 -22.00
C THR A 523 15.38 -55.69 -23.08
N TYR A 524 14.87 -54.48 -22.84
CA TYR A 524 14.01 -53.82 -23.84
C TYR A 524 14.78 -53.37 -25.05
N ALA A 525 16.07 -53.12 -24.89
CA ALA A 525 16.87 -52.72 -26.04
C ALA A 525 16.83 -53.87 -27.03
N ALA A 526 17.26 -55.03 -26.54
CA ALA A 526 17.31 -56.26 -27.35
C ALA A 526 15.99 -56.69 -28.00
N ALA A 527 14.86 -56.38 -27.37
CA ALA A 527 13.54 -56.74 -27.91
C ALA A 527 13.11 -55.98 -29.15
N VAL A 528 13.19 -54.65 -29.13
CA VAL A 528 12.78 -53.87 -30.29
C VAL A 528 13.53 -54.38 -31.51
N LEU A 529 14.86 -54.45 -31.42
CA LEU A 529 15.72 -54.93 -32.50
C LEU A 529 15.20 -56.26 -33.00
N PHE A 530 14.91 -57.17 -32.08
CA PHE A 530 14.40 -58.48 -32.46
C PHE A 530 13.12 -58.39 -33.29
N ARG A 531 12.09 -57.73 -32.76
CA ARG A 531 10.83 -57.59 -33.48
C ARG A 531 11.05 -56.73 -34.72
N MET A 532 12.01 -55.83 -34.64
CA MET A 532 12.31 -54.98 -35.77
C MET A 532 12.83 -55.85 -36.91
N GLY B 8 15.75 -46.94 -2.82
CA GLY B 8 14.43 -47.09 -2.18
C GLY B 8 13.81 -45.75 -1.85
N ALA B 9 12.71 -45.81 -1.10
CA ALA B 9 11.96 -44.63 -0.67
C ALA B 9 10.93 -44.21 -1.70
N ASN B 10 10.36 -45.20 -2.40
CA ASN B 10 9.37 -45.00 -3.44
C ASN B 10 8.43 -43.80 -3.25
N ASP B 11 7.36 -43.98 -2.48
CA ASP B 11 6.39 -42.90 -2.26
C ASP B 11 7.02 -41.71 -1.57
N GLU B 12 6.91 -40.52 -2.17
CA GLU B 12 7.48 -39.33 -1.56
C GLU B 12 6.53 -38.56 -0.64
N LEU B 13 7.10 -37.85 0.32
CA LEU B 13 6.31 -37.10 1.29
C LEU B 13 6.08 -35.64 0.91
N ILE B 14 5.10 -35.02 1.57
CA ILE B 14 4.77 -33.62 1.37
C ILE B 14 5.17 -32.98 2.70
N SER B 15 5.83 -31.84 2.67
CA SER B 15 6.23 -31.20 3.91
C SER B 15 5.25 -30.13 4.38
N PHE B 16 4.79 -30.26 5.62
CA PHE B 16 3.87 -29.28 6.20
C PHE B 16 4.48 -28.71 7.49
N LYS B 17 4.41 -27.39 7.64
CA LYS B 17 4.94 -26.74 8.82
C LYS B 17 4.05 -25.58 9.28
N ASP B 18 2.78 -25.88 9.54
CA ASP B 18 1.84 -24.86 9.97
C ASP B 18 2.05 -24.61 11.46
N GLU B 19 2.93 -23.68 11.78
CA GLU B 19 3.25 -23.38 13.18
C GLU B 19 2.07 -22.68 13.88
N GLY B 20 1.24 -21.96 13.11
CA GLY B 20 0.08 -21.26 13.66
C GLY B 20 0.17 -19.76 13.59
N ASP B 35 -9.22 -17.59 26.69
CA ASP B 35 -10.19 -17.44 27.75
C ASP B 35 -9.69 -18.08 29.05
N LEU B 36 -8.51 -17.68 29.49
CA LEU B 36 -7.93 -18.22 30.71
C LEU B 36 -8.08 -17.24 31.86
N ALA B 37 -8.53 -16.01 31.54
CA ALA B 37 -8.72 -14.99 32.56
C ALA B 37 -9.68 -15.50 33.62
N ASP B 38 -10.72 -16.18 33.19
CA ASP B 38 -11.69 -16.72 34.13
C ASP B 38 -11.16 -18.01 34.76
N VAL B 39 -10.16 -18.60 34.11
CA VAL B 39 -9.53 -19.82 34.60
C VAL B 39 -8.61 -19.46 35.78
N LYS B 40 -7.89 -18.35 35.62
CA LYS B 40 -6.95 -17.87 36.62
C LYS B 40 -7.59 -17.31 37.90
N SER B 41 -8.65 -16.54 37.76
CA SER B 41 -9.31 -15.96 38.93
C SER B 41 -9.85 -17.03 39.88
N SER B 42 -10.37 -18.12 39.35
CA SER B 42 -10.90 -19.18 40.20
C SER B 42 -9.82 -20.14 40.67
N LEU B 43 -8.60 -19.91 40.19
CA LEU B 43 -7.46 -20.76 40.56
C LEU B 43 -6.82 -20.13 41.78
N VAL B 44 -7.02 -18.83 41.93
CA VAL B 44 -6.47 -18.09 43.06
C VAL B 44 -7.54 -17.93 44.16
N ASN B 45 -8.74 -17.54 43.77
CA ASN B 45 -9.82 -17.35 44.73
C ASN B 45 -10.52 -18.67 45.06
N ARG C 21 -78.62 -4.02 20.55
CA ARG C 21 -79.99 -4.16 19.95
C ARG C 21 -80.19 -3.12 18.87
N ALA C 22 -79.78 -1.89 19.17
CA ALA C 22 -79.91 -0.78 18.24
C ALA C 22 -78.86 -0.88 17.14
N ILE C 23 -77.69 -1.37 17.51
CA ILE C 23 -76.60 -1.52 16.55
C ILE C 23 -77.06 -2.10 15.22
N PRO C 24 -77.69 -3.28 15.25
CA PRO C 24 -78.17 -3.91 14.01
C PRO C 24 -79.00 -2.97 13.13
N GLU C 25 -79.68 -2.02 13.75
CA GLU C 25 -80.51 -1.06 13.02
C GLU C 25 -79.68 0.00 12.30
N LEU C 26 -78.75 0.63 13.02
CA LEU C 26 -77.92 1.65 12.41
C LEU C 26 -77.10 1.02 11.28
N THR C 27 -76.70 -0.23 11.48
CA THR C 27 -75.92 -0.94 10.47
C THR C 27 -76.66 -0.91 9.14
N LYS C 28 -77.92 -1.33 9.15
CA LYS C 28 -78.75 -1.34 7.94
C LYS C 28 -78.99 0.07 7.41
N LEU C 29 -79.15 1.03 8.32
CA LEU C 29 -79.36 2.41 7.91
C LEU C 29 -78.05 2.94 7.33
N LEU C 30 -76.92 2.48 7.88
CA LEU C 30 -75.62 2.92 7.39
C LEU C 30 -75.48 2.63 5.92
N ASN C 31 -76.01 1.50 5.47
CA ASN C 31 -75.93 1.16 4.05
C ASN C 31 -77.29 1.24 3.40
N ASP C 32 -77.99 2.34 3.67
CA ASP C 32 -79.30 2.60 3.08
C ASP C 32 -78.97 3.17 1.71
N GLU C 33 -79.94 3.80 1.08
CA GLU C 33 -79.70 4.38 -0.24
C GLU C 33 -79.86 5.90 -0.13
N ASP C 34 -80.84 6.33 0.65
CA ASP C 34 -81.10 7.74 0.87
C ASP C 34 -79.89 8.30 1.61
N GLN C 35 -79.06 9.08 0.93
CA GLN C 35 -77.89 9.65 1.58
C GLN C 35 -78.21 10.46 2.83
N VAL C 36 -79.47 10.74 3.05
CA VAL C 36 -79.87 11.49 4.23
C VAL C 36 -79.96 10.53 5.41
N VAL C 37 -80.64 9.41 5.22
CA VAL C 37 -80.81 8.41 6.26
C VAL C 37 -79.45 7.89 6.71
N VAL C 38 -78.51 7.81 5.77
CA VAL C 38 -77.16 7.30 6.05
C VAL C 38 -76.34 8.32 6.84
N ASN C 39 -76.56 9.60 6.55
CA ASN C 39 -75.83 10.66 7.22
C ASN C 39 -76.19 10.78 8.70
N LYS C 40 -77.45 11.12 8.98
CA LYS C 40 -77.94 11.28 10.35
C LYS C 40 -77.64 10.04 11.19
N ALA C 41 -77.72 8.88 10.56
CA ALA C 41 -77.45 7.62 11.25
C ALA C 41 -75.98 7.56 11.65
N ALA C 42 -75.11 7.86 10.69
CA ALA C 42 -73.67 7.86 10.93
C ALA C 42 -73.36 8.76 12.11
N VAL C 43 -74.04 9.90 12.17
CA VAL C 43 -73.84 10.85 13.27
C VAL C 43 -74.24 10.19 14.59
N MET C 44 -75.44 9.64 14.66
CA MET C 44 -75.88 9.00 15.89
C MET C 44 -74.92 7.91 16.33
N VAL C 45 -74.40 7.13 15.38
CA VAL C 45 -73.47 6.05 15.70
C VAL C 45 -72.24 6.61 16.41
N HIS C 46 -71.75 7.73 15.89
CA HIS C 46 -70.58 8.40 16.46
C HIS C 46 -70.78 8.79 17.92
N GLN C 47 -71.88 9.47 18.20
CA GLN C 47 -72.18 9.88 19.56
C GLN C 47 -72.22 8.62 20.40
N LEU C 48 -72.55 7.49 19.75
CA LEU C 48 -72.65 6.21 20.43
C LEU C 48 -71.29 5.63 20.78
N SER C 49 -70.25 6.07 20.06
CA SER C 49 -68.90 5.55 20.32
C SER C 49 -68.16 6.26 21.44
N LYS C 50 -68.80 7.24 22.07
CA LYS C 50 -68.15 7.96 23.16
C LYS C 50 -68.41 7.31 24.51
N LYS C 51 -69.51 6.57 24.63
CA LYS C 51 -69.78 5.88 25.88
C LYS C 51 -68.88 4.65 25.81
N GLU C 52 -67.81 4.62 26.62
CA GLU C 52 -66.88 3.50 26.59
C GLU C 52 -67.55 2.12 26.57
N ALA C 53 -68.71 2.02 27.21
CA ALA C 53 -69.43 0.75 27.26
C ALA C 53 -70.24 0.52 25.98
N SER C 54 -70.71 1.60 25.37
CA SER C 54 -71.49 1.50 24.15
C SER C 54 -70.51 1.19 23.04
N ARG C 55 -69.28 1.65 23.23
CA ARG C 55 -68.24 1.44 22.24
C ARG C 55 -68.04 -0.05 21.94
N HIS C 56 -67.97 -0.86 22.98
CA HIS C 56 -67.78 -2.30 22.83
C HIS C 56 -68.74 -2.96 21.85
N ALA C 57 -70.03 -2.67 22.00
CA ALA C 57 -71.04 -3.26 21.13
C ALA C 57 -70.67 -2.98 19.68
N ILE C 58 -70.14 -1.79 19.43
CA ILE C 58 -69.76 -1.39 18.09
C ILE C 58 -68.67 -2.27 17.47
N MET C 59 -67.46 -2.21 18.02
CA MET C 59 -66.31 -2.94 17.48
C MET C 59 -66.41 -4.45 17.25
N ARG C 60 -67.22 -5.15 18.04
CA ARG C 60 -67.43 -6.60 18.00
C ARG C 60 -68.49 -7.17 16.97
N SER C 61 -69.12 -6.29 16.18
CA SER C 61 -70.08 -6.67 15.13
C SER C 61 -69.44 -6.22 13.82
N PRO C 62 -68.75 -7.14 13.10
CA PRO C 62 -68.11 -6.78 11.84
C PRO C 62 -69.03 -6.00 10.90
N GLN C 63 -70.31 -6.33 10.92
CA GLN C 63 -71.28 -5.66 10.06
C GLN C 63 -71.31 -4.14 10.25
N MET C 64 -71.09 -3.69 11.49
CA MET C 64 -71.08 -2.26 11.78
C MET C 64 -69.77 -1.59 11.39
N VAL C 65 -68.66 -2.17 11.86
CA VAL C 65 -67.35 -1.62 11.56
C VAL C 65 -67.21 -1.55 10.04
N SER C 66 -67.58 -2.65 9.38
CA SER C 66 -67.50 -2.71 7.94
C SER C 66 -68.34 -1.59 7.34
N ALA C 67 -69.53 -1.40 7.91
CA ALA C 67 -70.46 -0.36 7.46
C ALA C 67 -69.83 1.02 7.69
N ILE C 68 -69.19 1.19 8.84
CA ILE C 68 -68.55 2.45 9.14
C ILE C 68 -67.46 2.73 8.12
N VAL C 69 -66.60 1.74 7.88
CA VAL C 69 -65.49 1.89 6.94
C VAL C 69 -65.94 2.17 5.51
N ARG C 70 -66.88 1.36 5.01
CA ARG C 70 -67.37 1.52 3.65
C ARG C 70 -68.02 2.89 3.42
N THR C 71 -68.64 3.45 4.45
CA THR C 71 -69.29 4.75 4.31
C THR C 71 -68.27 5.87 4.28
N MET C 72 -67.33 5.83 5.22
CA MET C 72 -66.30 6.85 5.32
C MET C 72 -65.56 6.96 3.98
N GLN C 73 -65.37 5.81 3.34
CA GLN C 73 -64.67 5.74 2.07
C GLN C 73 -65.55 6.14 0.88
N ASN C 74 -66.87 6.03 1.06
CA ASN C 74 -67.81 6.37 0.00
C ASN C 74 -68.37 7.80 0.11
N THR C 75 -68.88 8.13 1.29
CA THR C 75 -69.49 9.43 1.54
C THR C 75 -68.91 10.62 0.78
N ASN C 76 -69.78 11.58 0.49
CA ASN C 76 -69.39 12.81 -0.18
C ASN C 76 -69.56 13.96 0.78
N ASP C 77 -70.10 13.66 1.96
CA ASP C 77 -70.34 14.68 2.99
C ASP C 77 -69.16 14.84 3.96
N VAL C 78 -68.89 16.08 4.34
CA VAL C 78 -67.79 16.39 5.25
C VAL C 78 -68.17 16.24 6.72
N GLU C 79 -69.43 15.95 6.99
CA GLU C 79 -69.88 15.75 8.35
C GLU C 79 -69.85 14.25 8.60
N THR C 80 -70.19 13.50 7.56
CA THR C 80 -70.19 12.04 7.63
C THR C 80 -68.74 11.59 7.85
N ALA C 81 -67.82 12.28 7.19
CA ALA C 81 -66.39 12.00 7.30
C ALA C 81 -65.94 12.24 8.74
N ARG C 82 -66.19 13.46 9.23
CA ARG C 82 -65.82 13.80 10.60
C ARG C 82 -66.26 12.66 11.52
N CYS C 83 -67.57 12.41 11.53
CA CYS C 83 -68.14 11.37 12.38
C CYS C 83 -67.57 9.97 12.21
N THR C 84 -67.85 9.32 11.07
CA THR C 84 -67.37 7.96 10.85
C THR C 84 -65.89 7.77 11.15
N ALA C 85 -65.13 8.86 11.09
CA ALA C 85 -63.70 8.80 11.37
C ALA C 85 -63.49 8.85 12.87
N GLY C 86 -64.17 9.77 13.54
CA GLY C 86 -64.01 9.87 14.98
C GLY C 86 -64.42 8.58 15.66
N THR C 87 -65.44 7.94 15.09
CA THR C 87 -65.95 6.69 15.60
C THR C 87 -64.84 5.65 15.57
N LEU C 88 -64.37 5.41 14.36
CA LEU C 88 -63.30 4.47 14.06
C LEU C 88 -62.02 4.82 14.82
N HIS C 89 -61.92 6.07 15.27
CA HIS C 89 -60.76 6.51 16.06
C HIS C 89 -60.97 6.06 17.50
N ASN C 90 -62.20 6.27 18.01
CA ASN C 90 -62.51 5.87 19.38
C ASN C 90 -62.41 4.37 19.54
N LEU C 91 -62.41 3.65 18.41
CA LEU C 91 -62.31 2.20 18.44
C LEU C 91 -60.84 1.80 18.39
N SER C 92 -60.04 2.60 17.69
CA SER C 92 -58.62 2.32 17.56
C SER C 92 -57.90 2.14 18.89
N HIS C 93 -58.18 2.95 19.91
CA HIS C 93 -57.47 2.68 21.18
C HIS C 93 -58.18 1.59 21.98
N HIS C 94 -59.12 0.90 21.34
CA HIS C 94 -59.82 -0.18 22.00
C HIS C 94 -59.62 -1.47 21.21
N ARG C 95 -59.71 -2.57 21.91
CA ARG C 95 -59.49 -3.89 21.33
C ARG C 95 -59.88 -4.32 19.96
N GLU C 96 -61.09 -4.88 19.91
CA GLU C 96 -61.67 -5.47 18.71
C GLU C 96 -61.39 -4.32 17.80
N GLY C 97 -61.40 -3.15 18.42
CA GLY C 97 -61.11 -1.91 17.73
C GLY C 97 -60.06 -2.02 16.63
N LEU C 98 -58.80 -2.22 16.97
CA LEU C 98 -57.74 -2.33 15.96
C LEU C 98 -58.04 -3.48 15.03
N LEU C 99 -58.14 -4.66 15.64
CA LEU C 99 -58.43 -5.89 14.94
C LEU C 99 -59.56 -5.57 13.95
N ALA C 100 -60.70 -5.21 14.50
CA ALA C 100 -61.86 -4.87 13.72
C ALA C 100 -61.45 -3.89 12.63
N ILE C 101 -61.06 -2.69 13.01
CA ILE C 101 -60.67 -1.69 12.03
C ILE C 101 -59.75 -2.30 10.97
N PHE C 102 -58.86 -3.19 11.41
CA PHE C 102 -57.94 -3.84 10.49
C PHE C 102 -58.76 -4.66 9.49
N LYS C 103 -58.89 -5.95 9.78
CA LYS C 103 -59.61 -6.93 8.95
C LYS C 103 -60.86 -6.53 8.18
N SER C 104 -61.21 -5.27 8.19
CA SER C 104 -62.42 -4.85 7.49
C SER C 104 -62.16 -3.81 6.42
N GLY C 105 -60.88 -3.61 6.09
CA GLY C 105 -60.52 -2.66 5.06
C GLY C 105 -60.34 -1.27 5.62
N GLY C 106 -60.15 -1.20 6.93
CA GLY C 106 -59.99 0.07 7.63
C GLY C 106 -58.81 0.94 7.24
N ILE C 107 -57.66 0.34 6.96
CA ILE C 107 -56.46 1.10 6.59
C ILE C 107 -56.48 1.72 5.19
N PRO C 108 -56.85 0.94 4.17
CA PRO C 108 -56.88 1.53 2.83
C PRO C 108 -57.73 2.81 2.88
N ALA C 109 -58.88 2.67 3.52
CA ALA C 109 -59.86 3.74 3.69
C ALA C 109 -59.32 4.91 4.50
N LEU C 110 -58.46 4.60 5.47
CA LEU C 110 -57.90 5.66 6.30
C LEU C 110 -56.82 6.47 5.57
N VAL C 111 -56.05 5.82 4.71
CA VAL C 111 -55.01 6.51 3.97
C VAL C 111 -55.66 7.43 2.95
N LYS C 112 -56.90 7.12 2.59
CA LYS C 112 -57.65 7.93 1.64
C LYS C 112 -58.06 9.24 2.32
N MET C 113 -58.52 9.15 3.55
CA MET C 113 -58.94 10.32 4.30
C MET C 113 -57.78 11.30 4.55
N LEU C 114 -56.57 10.93 4.12
CA LEU C 114 -55.41 11.79 4.31
C LEU C 114 -55.30 12.84 3.22
N GLY C 115 -56.19 12.75 2.23
CA GLY C 115 -56.20 13.72 1.16
C GLY C 115 -57.36 14.66 1.43
N SER C 116 -57.87 14.57 2.65
CA SER C 116 -58.98 15.38 3.10
C SER C 116 -58.58 16.80 3.44
N PRO C 117 -59.44 17.77 3.11
CA PRO C 117 -59.17 19.19 3.38
C PRO C 117 -59.67 19.60 4.76
N VAL C 118 -60.59 18.81 5.32
CA VAL C 118 -61.12 19.10 6.64
C VAL C 118 -60.19 18.58 7.74
N ASP C 119 -59.53 19.50 8.43
CA ASP C 119 -58.58 19.19 9.50
C ASP C 119 -58.98 18.09 10.47
N SER C 120 -60.22 18.15 10.95
CA SER C 120 -60.71 17.15 11.88
C SER C 120 -60.56 15.75 11.30
N VAL C 121 -61.02 15.57 10.07
CA VAL C 121 -60.94 14.27 9.42
C VAL C 121 -59.47 13.87 9.24
N LEU C 122 -58.59 14.87 9.15
CA LEU C 122 -57.18 14.60 9.00
C LEU C 122 -56.64 14.03 10.30
N PHE C 123 -56.79 14.79 11.37
CA PHE C 123 -56.30 14.38 12.68
C PHE C 123 -56.87 13.03 13.12
N TYR C 124 -58.15 12.79 12.84
CA TYR C 124 -58.78 11.53 13.21
C TYR C 124 -58.15 10.37 12.43
N ALA C 125 -57.83 10.60 11.17
CA ALA C 125 -57.23 9.58 10.34
C ALA C 125 -55.82 9.30 10.82
N ILE C 126 -54.96 10.30 10.68
CA ILE C 126 -53.57 10.19 11.09
C ILE C 126 -53.43 9.52 12.46
N THR C 127 -54.20 9.98 13.44
CA THR C 127 -54.13 9.43 14.80
C THR C 127 -54.51 7.94 14.89
N THR C 128 -55.52 7.53 14.12
CA THR C 128 -55.96 6.15 14.14
C THR C 128 -55.01 5.24 13.36
N LEU C 129 -54.21 5.83 12.47
CA LEU C 129 -53.24 5.06 11.70
C LEU C 129 -51.98 4.90 12.54
N HIS C 130 -51.72 5.88 13.40
CA HIS C 130 -50.55 5.82 14.27
C HIS C 130 -50.75 4.64 15.21
N ASN C 131 -51.95 4.53 15.76
CA ASN C 131 -52.26 3.43 16.67
C ASN C 131 -52.12 2.09 15.99
N LEU C 132 -52.73 1.95 14.81
CA LEU C 132 -52.65 0.69 14.07
C LEU C 132 -51.17 0.34 13.92
N LEU C 133 -50.40 1.29 13.42
CA LEU C 133 -48.97 1.07 13.23
C LEU C 133 -48.30 0.64 14.52
N LEU C 134 -48.76 1.18 15.64
CA LEU C 134 -48.18 0.85 16.94
C LEU C 134 -48.37 -0.61 17.33
N HIS C 135 -49.60 -1.10 17.23
CA HIS C 135 -49.88 -2.49 17.60
C HIS C 135 -50.29 -3.42 16.48
N GLN C 136 -51.59 -3.44 16.17
CA GLN C 136 -52.12 -4.30 15.12
C GLN C 136 -51.05 -4.84 14.17
N GLU C 137 -51.10 -6.13 13.88
CA GLU C 137 -50.14 -6.77 12.97
C GLU C 137 -50.03 -6.05 11.64
N GLY C 138 -49.98 -6.80 10.55
CA GLY C 138 -49.85 -6.24 9.21
C GLY C 138 -50.41 -4.85 8.93
N ALA C 139 -50.10 -3.91 9.81
CA ALA C 139 -50.55 -2.54 9.67
C ALA C 139 -49.52 -1.83 8.81
N LYS C 140 -48.25 -2.00 9.16
CA LYS C 140 -47.16 -1.38 8.40
C LYS C 140 -47.24 -1.73 6.92
N MET C 141 -47.33 -3.03 6.64
CA MET C 141 -47.41 -3.54 5.27
C MET C 141 -48.70 -3.08 4.60
N ALA C 142 -49.77 -3.00 5.40
CA ALA C 142 -51.07 -2.58 4.89
C ALA C 142 -51.01 -1.10 4.50
N VAL C 143 -50.39 -0.29 5.35
CA VAL C 143 -50.27 1.14 5.08
C VAL C 143 -49.44 1.27 3.83
N ARG C 144 -48.43 0.42 3.73
CA ARG C 144 -47.55 0.42 2.59
C ARG C 144 -48.31 0.19 1.29
N LEU C 145 -49.04 -0.92 1.21
CA LEU C 145 -49.81 -1.22 0.00
C LEU C 145 -50.78 -0.11 -0.33
N ALA C 146 -51.41 0.44 0.69
CA ALA C 146 -52.38 1.51 0.54
C ALA C 146 -51.75 2.82 0.09
N GLY C 147 -50.43 2.83 -0.04
CA GLY C 147 -49.73 4.02 -0.47
C GLY C 147 -49.72 5.12 0.58
N GLY C 148 -49.52 4.72 1.84
CA GLY C 148 -49.49 5.69 2.92
C GLY C 148 -48.27 6.60 2.99
N LEU C 149 -47.11 6.10 2.61
CA LEU C 149 -45.88 6.91 2.67
C LEU C 149 -46.01 8.15 1.79
N GLN C 150 -46.49 7.94 0.58
CA GLN C 150 -46.66 9.00 -0.38
C GLN C 150 -47.60 10.07 0.21
N LYS C 151 -48.74 9.62 0.74
CA LYS C 151 -49.71 10.52 1.35
C LYS C 151 -49.10 11.33 2.50
N MET C 152 -48.47 10.65 3.46
CA MET C 152 -47.86 11.29 4.62
C MET C 152 -46.80 12.36 4.32
N VAL C 153 -45.86 12.04 3.44
CA VAL C 153 -44.79 12.99 3.07
C VAL C 153 -45.37 14.23 2.41
N ALA C 154 -46.48 14.05 1.70
CA ALA C 154 -47.14 15.15 1.01
C ALA C 154 -47.76 16.10 2.04
N LEU C 155 -48.05 15.56 3.22
CA LEU C 155 -48.63 16.35 4.30
C LEU C 155 -47.55 16.98 5.18
N LEU C 156 -46.28 16.76 4.88
CA LEU C 156 -45.24 17.35 5.69
C LEU C 156 -45.21 18.86 5.45
N ASN C 157 -46.17 19.37 4.69
CA ASN C 157 -46.23 20.80 4.42
C ASN C 157 -47.17 21.53 5.36
N LYS C 158 -48.02 20.78 6.04
CA LYS C 158 -48.99 21.33 7.00
C LYS C 158 -48.29 22.17 8.08
N THR C 159 -49.06 23.00 8.78
CA THR C 159 -48.49 23.86 9.80
C THR C 159 -48.79 23.49 11.25
N ASN C 160 -49.66 22.52 11.45
CA ASN C 160 -50.00 22.09 12.81
C ASN C 160 -48.90 21.14 13.29
N VAL C 161 -47.96 21.67 14.05
CA VAL C 161 -46.85 20.88 14.58
C VAL C 161 -47.26 19.55 15.21
N LYS C 162 -48.43 19.53 15.86
CA LYS C 162 -48.89 18.29 16.47
C LYS C 162 -49.22 17.30 15.38
N PHE C 163 -49.80 17.79 14.29
CA PHE C 163 -50.15 16.92 13.17
C PHE C 163 -48.85 16.36 12.61
N LEU C 164 -47.87 17.24 12.44
CA LEU C 164 -46.57 16.87 11.92
C LEU C 164 -45.87 15.84 12.79
N ALA C 165 -46.02 15.99 14.11
CA ALA C 165 -45.40 15.08 15.07
C ALA C 165 -45.87 13.64 14.89
N ILE C 166 -47.16 13.46 14.63
CA ILE C 166 -47.68 12.11 14.43
C ILE C 166 -47.31 11.57 13.05
N THR C 167 -47.32 12.45 12.05
CA THR C 167 -46.99 12.04 10.71
C THR C 167 -45.52 11.64 10.61
N THR C 168 -44.64 12.46 11.18
CA THR C 168 -43.22 12.15 11.13
C THR C 168 -42.96 10.84 11.83
N ASP C 169 -43.65 10.60 12.94
CA ASP C 169 -43.42 9.36 13.67
C ASP C 169 -43.94 8.17 12.89
N CYS C 170 -44.99 8.39 12.09
CA CYS C 170 -45.52 7.31 11.28
C CYS C 170 -44.50 6.90 10.22
N LEU C 171 -43.86 7.88 9.61
CA LEU C 171 -42.85 7.61 8.60
C LEU C 171 -41.69 6.79 9.17
N GLN C 172 -41.36 7.07 10.42
CA GLN C 172 -40.27 6.39 11.11
C GLN C 172 -40.59 4.90 11.33
N ILE C 173 -41.81 4.60 11.75
CA ILE C 173 -42.24 3.23 11.98
C ILE C 173 -42.30 2.43 10.68
N LEU C 174 -42.58 3.13 9.59
CA LEU C 174 -42.68 2.49 8.28
C LEU C 174 -41.33 2.37 7.59
N ALA C 175 -40.42 3.29 7.91
CA ALA C 175 -39.10 3.28 7.30
C ALA C 175 -38.08 2.40 8.05
N TYR C 176 -38.20 2.33 9.37
CA TYR C 176 -37.29 1.52 10.19
C TYR C 176 -37.06 0.13 9.60
N GLY C 177 -35.83 -0.15 9.22
CA GLY C 177 -35.48 -1.44 8.66
C GLY C 177 -36.24 -1.85 7.41
N ASN C 178 -36.43 -0.92 6.47
CA ASN C 178 -37.12 -1.24 5.24
C ASN C 178 -36.68 -0.34 4.09
N GLN C 179 -35.66 -0.79 3.35
CA GLN C 179 -35.12 -0.01 2.25
C GLN C 179 -36.16 0.50 1.25
N GLU C 180 -37.08 -0.37 0.85
CA GLU C 180 -38.09 0.05 -0.11
C GLU C 180 -38.82 1.29 0.45
N SER C 181 -39.29 1.20 1.69
CA SER C 181 -39.99 2.32 2.31
C SER C 181 -39.13 3.57 2.31
N LYS C 182 -37.81 3.38 2.41
CA LYS C 182 -36.88 4.51 2.43
C LYS C 182 -36.71 5.13 1.04
N LEU C 183 -36.78 4.28 0.02
CA LEU C 183 -36.66 4.72 -1.36
C LEU C 183 -37.89 5.51 -1.82
N ILE C 184 -39.07 5.14 -1.34
CA ILE C 184 -40.28 5.87 -1.72
C ILE C 184 -40.30 7.28 -1.08
N ILE C 185 -39.92 7.33 0.20
CA ILE C 185 -39.86 8.59 0.95
C ILE C 185 -38.82 9.49 0.28
N LEU C 186 -37.80 8.86 -0.28
CA LEU C 186 -36.73 9.56 -0.97
C LEU C 186 -37.28 10.04 -2.32
N ALA C 187 -38.07 9.17 -2.96
CA ALA C 187 -38.66 9.45 -4.25
C ALA C 187 -39.79 10.46 -4.15
N SER C 188 -40.45 10.49 -3.00
CA SER C 188 -41.55 11.41 -2.80
C SER C 188 -41.00 12.77 -2.40
N GLY C 189 -39.68 12.87 -2.30
CA GLY C 189 -39.05 14.13 -1.92
C GLY C 189 -39.17 14.41 -0.44
N GLY C 190 -39.34 13.35 0.36
CA GLY C 190 -39.48 13.51 1.80
C GLY C 190 -38.29 14.15 2.52
N PRO C 191 -37.05 13.85 2.12
CA PRO C 191 -35.84 14.41 2.75
C PRO C 191 -35.81 15.92 2.93
N GLN C 192 -35.97 16.66 1.85
CA GLN C 192 -35.95 18.13 1.89
C GLN C 192 -37.09 18.70 2.74
N ALA C 193 -38.13 17.90 2.94
CA ALA C 193 -39.27 18.34 3.74
C ALA C 193 -38.97 18.19 5.22
N LEU C 194 -38.40 17.04 5.58
CA LEU C 194 -38.04 16.77 6.97
C LEU C 194 -36.99 17.79 7.38
N VAL C 195 -35.96 17.92 6.56
CA VAL C 195 -34.90 18.87 6.82
C VAL C 195 -35.43 20.27 7.06
N ASN C 196 -36.46 20.67 6.32
CA ASN C 196 -37.03 22.00 6.49
C ASN C 196 -37.77 22.12 7.81
N ILE C 197 -38.28 21.01 8.32
CA ILE C 197 -38.99 21.04 9.59
C ILE C 197 -37.93 21.38 10.61
N MET C 198 -36.80 20.69 10.53
CA MET C 198 -35.68 20.90 11.46
C MET C 198 -35.28 22.37 11.47
N ARG C 199 -35.45 23.04 10.32
CA ARG C 199 -35.10 24.45 10.15
C ARG C 199 -36.08 25.45 10.79
N THR C 200 -37.36 25.26 10.52
CA THR C 200 -38.43 26.15 10.99
C THR C 200 -38.96 26.07 12.42
N TYR C 201 -39.38 24.89 12.84
CA TYR C 201 -39.97 24.72 14.15
C TYR C 201 -39.06 24.53 15.36
N THR C 202 -39.61 24.77 16.55
CA THR C 202 -38.88 24.64 17.79
C THR C 202 -39.60 23.71 18.77
N TYR C 203 -40.63 23.02 18.29
CA TYR C 203 -41.39 22.11 19.13
C TYR C 203 -40.55 20.83 19.32
N GLU C 204 -39.97 20.69 20.51
CA GLU C 204 -39.12 19.54 20.82
C GLU C 204 -39.64 18.19 20.35
N LYS C 205 -40.93 17.91 20.58
CA LYS C 205 -41.49 16.63 20.18
C LYS C 205 -41.50 16.40 18.67
N LEU C 206 -41.70 17.47 17.92
CA LEU C 206 -41.69 17.38 16.46
C LEU C 206 -40.24 17.17 16.07
N LEU C 207 -39.39 18.13 16.47
CA LEU C 207 -37.97 18.08 16.18
C LEU C 207 -37.41 16.69 16.45
N TRP C 208 -37.86 16.09 17.54
CA TRP C 208 -37.42 14.76 17.94
C TRP C 208 -37.85 13.69 16.92
N THR C 209 -39.17 13.48 16.80
CA THR C 209 -39.68 12.49 15.86
C THR C 209 -39.09 12.66 14.46
N THR C 210 -38.94 13.90 14.02
CA THR C 210 -38.38 14.17 12.70
C THR C 210 -36.95 13.69 12.63
N SER C 211 -36.15 14.04 13.63
CA SER C 211 -34.76 13.63 13.67
C SER C 211 -34.67 12.11 13.59
N ARG C 212 -35.62 11.44 14.24
CA ARG C 212 -35.63 9.99 14.22
C ARG C 212 -35.90 9.47 12.81
N VAL C 213 -36.65 10.25 12.03
CA VAL C 213 -36.97 9.89 10.65
C VAL C 213 -35.73 10.08 9.79
N LEU C 214 -34.99 11.15 10.06
CA LEU C 214 -33.78 11.43 9.32
C LEU C 214 -32.68 10.47 9.74
N LYS C 215 -32.62 10.15 11.03
CA LYS C 215 -31.62 9.22 11.55
C LYS C 215 -31.66 7.90 10.80
N VAL C 216 -32.87 7.37 10.64
CA VAL C 216 -33.07 6.11 9.93
C VAL C 216 -32.70 6.25 8.45
N LEU C 217 -33.22 7.28 7.81
CA LEU C 217 -32.96 7.50 6.39
C LEU C 217 -31.50 7.79 6.08
N SER C 218 -30.71 8.16 7.09
CA SER C 218 -29.32 8.49 6.86
C SER C 218 -28.39 7.30 6.64
N VAL C 219 -28.84 6.10 6.95
CA VAL C 219 -28.01 4.90 6.76
C VAL C 219 -28.19 4.34 5.35
N CYS C 220 -29.23 4.80 4.65
CA CYS C 220 -29.55 4.36 3.29
C CYS C 220 -28.62 4.98 2.24
N SER C 221 -28.08 4.13 1.37
CA SER C 221 -27.18 4.59 0.32
C SER C 221 -27.99 5.11 -0.87
N SER C 222 -28.16 6.43 -0.92
CA SER C 222 -28.90 7.16 -1.94
C SER C 222 -29.61 8.29 -1.21
N ASN C 223 -29.95 8.02 0.05
CA ASN C 223 -30.64 9.01 0.87
C ASN C 223 -29.69 10.04 1.47
N LYS C 224 -28.50 9.61 1.90
CA LYS C 224 -27.52 10.52 2.49
C LYS C 224 -27.34 11.79 1.65
N PRO C 225 -26.94 11.65 0.38
CA PRO C 225 -26.74 12.81 -0.50
C PRO C 225 -27.92 13.77 -0.46
N ALA C 226 -29.12 13.20 -0.58
CA ALA C 226 -30.35 13.98 -0.58
C ALA C 226 -30.53 14.77 0.73
N ILE C 227 -30.16 14.15 1.85
CA ILE C 227 -30.28 14.80 3.15
C ILE C 227 -29.19 15.86 3.32
N VAL C 228 -28.02 15.61 2.74
CA VAL C 228 -26.91 16.54 2.84
C VAL C 228 -27.06 17.72 1.87
N GLU C 229 -27.51 17.41 0.66
CA GLU C 229 -27.70 18.41 -0.39
C GLU C 229 -28.83 19.41 -0.08
N ALA C 230 -29.81 18.96 0.70
CA ALA C 230 -30.92 19.81 1.06
C ALA C 230 -30.54 20.75 2.22
N GLY C 231 -29.38 20.51 2.81
CA GLY C 231 -28.92 21.31 3.93
C GLY C 231 -29.24 20.65 5.27
N GLY C 232 -29.13 19.33 5.30
CA GLY C 232 -29.42 18.60 6.53
C GLY C 232 -28.36 18.73 7.60
N MET C 233 -27.10 18.82 7.20
CA MET C 233 -26.02 18.96 8.16
C MET C 233 -26.22 20.24 8.95
N GLN C 234 -26.55 21.31 8.25
CA GLN C 234 -26.76 22.62 8.87
C GLN C 234 -28.02 22.70 9.69
N ALA C 235 -29.02 21.90 9.34
CA ALA C 235 -30.29 21.89 10.05
C ALA C 235 -30.21 21.02 11.30
N LEU C 236 -29.36 20.00 11.27
CA LEU C 236 -29.18 19.10 12.41
C LEU C 236 -28.27 19.72 13.46
N GLY C 237 -27.25 20.45 13.01
CA GLY C 237 -26.33 21.07 13.95
C GLY C 237 -26.89 22.36 14.49
N LEU C 238 -28.15 22.61 14.17
CA LEU C 238 -28.85 23.81 14.61
C LEU C 238 -29.39 23.56 16.01
N HIS C 239 -29.52 22.30 16.38
CA HIS C 239 -30.04 21.90 17.68
C HIS C 239 -29.05 21.06 18.51
N LEU C 240 -27.75 21.27 18.30
CA LEU C 240 -26.75 20.52 19.04
C LEU C 240 -26.57 20.98 20.49
N THR C 241 -27.02 22.20 20.80
CA THR C 241 -26.91 22.74 22.15
C THR C 241 -28.27 22.88 22.83
N ASP C 242 -29.32 22.48 22.12
CA ASP C 242 -30.68 22.55 22.68
C ASP C 242 -30.78 21.75 23.96
N PRO C 243 -31.72 22.16 24.84
CA PRO C 243 -32.00 21.53 26.14
C PRO C 243 -32.16 20.02 26.08
N SER C 244 -33.07 19.56 25.24
CA SER C 244 -33.32 18.13 25.10
C SER C 244 -32.03 17.38 24.80
N GLN C 245 -31.83 16.23 25.45
CA GLN C 245 -30.64 15.42 25.19
C GLN C 245 -30.94 14.38 24.12
N ARG C 246 -32.13 13.78 24.20
CA ARG C 246 -32.52 12.76 23.22
C ARG C 246 -32.47 13.39 21.84
N LEU C 247 -32.81 14.67 21.76
CA LEU C 247 -32.79 15.39 20.50
C LEU C 247 -31.35 15.54 20.02
N VAL C 248 -30.50 16.07 20.89
CA VAL C 248 -29.08 16.27 20.56
C VAL C 248 -28.40 14.99 20.11
N GLN C 249 -28.63 13.90 20.83
CA GLN C 249 -28.01 12.63 20.49
C GLN C 249 -28.43 12.21 19.07
N ASN C 250 -29.72 12.21 18.80
CA ASN C 250 -30.20 11.83 17.47
C ASN C 250 -29.57 12.70 16.39
N CYS C 251 -29.56 14.02 16.60
CA CYS C 251 -28.95 14.92 15.64
C CYS C 251 -27.50 14.50 15.43
N LEU C 252 -26.87 14.06 16.52
CA LEU C 252 -25.48 13.63 16.49
C LEU C 252 -25.27 12.34 15.72
N TRP C 253 -26.05 11.32 16.05
CA TRP C 253 -25.95 10.02 15.36
C TRP C 253 -26.22 10.21 13.88
N THR C 254 -27.20 11.03 13.55
CA THR C 254 -27.53 11.28 12.16
C THR C 254 -26.39 12.02 11.48
N LEU C 255 -25.90 13.07 12.12
CA LEU C 255 -24.79 13.82 11.55
C LEU C 255 -23.61 12.88 11.31
N ARG C 256 -23.49 11.85 12.13
CA ARG C 256 -22.39 10.90 11.96
C ARG C 256 -22.59 9.98 10.77
N ASN C 257 -23.81 9.51 10.56
CA ASN C 257 -24.08 8.63 9.43
C ASN C 257 -23.92 9.35 8.10
N LEU C 258 -24.24 10.64 8.06
CA LEU C 258 -24.13 11.42 6.85
C LEU C 258 -22.70 11.89 6.59
N SER C 259 -21.95 12.09 7.66
CA SER C 259 -20.58 12.60 7.58
C SER C 259 -19.71 12.16 6.41
N ASP C 260 -19.57 10.87 6.17
CA ASP C 260 -18.73 10.40 5.07
C ASP C 260 -19.16 10.88 3.68
N ALA C 261 -20.35 11.45 3.60
CA ALA C 261 -20.87 11.93 2.32
C ALA C 261 -20.97 13.45 2.25
N ALA C 262 -20.48 14.14 3.27
CA ALA C 262 -20.54 15.59 3.33
C ALA C 262 -19.17 16.27 3.27
N THR C 263 -18.15 15.51 2.90
CA THR C 263 -16.79 16.04 2.85
C THR C 263 -16.62 17.20 1.87
N LYS C 264 -17.54 17.31 0.92
CA LYS C 264 -17.48 18.38 -0.08
C LYS C 264 -18.75 19.23 -0.06
N GLN C 265 -19.10 19.73 1.13
CA GLN C 265 -20.28 20.58 1.32
C GLN C 265 -19.81 21.91 1.91
N GLU C 266 -20.10 23.01 1.22
CA GLU C 266 -19.71 24.32 1.72
C GLU C 266 -20.61 24.65 2.93
N GLY C 267 -20.24 25.67 3.71
CA GLY C 267 -21.03 26.06 4.86
C GLY C 267 -21.04 25.16 6.08
N MET C 268 -19.96 24.43 6.32
CA MET C 268 -19.87 23.54 7.46
C MET C 268 -19.18 24.24 8.63
N GLU C 269 -18.76 25.48 8.41
CA GLU C 269 -18.09 26.27 9.45
C GLU C 269 -18.77 26.17 10.82
N GLY C 270 -19.99 26.69 10.90
CA GLY C 270 -20.73 26.67 12.15
C GLY C 270 -20.76 25.32 12.83
N LEU C 271 -21.14 24.30 12.06
CA LEU C 271 -21.22 22.94 12.58
C LEU C 271 -19.88 22.52 13.18
N LEU C 272 -18.80 22.77 12.47
CA LEU C 272 -17.47 22.42 12.94
C LEU C 272 -17.18 23.10 14.27
N GLY C 273 -17.51 24.38 14.35
CA GLY C 273 -17.26 25.13 15.58
C GLY C 273 -18.04 24.60 16.77
N THR C 274 -19.20 24.00 16.50
CA THR C 274 -20.03 23.47 17.55
C THR C 274 -19.47 22.12 18.00
N LEU C 275 -19.26 21.24 17.03
CA LEU C 275 -18.72 19.91 17.29
C LEU C 275 -17.47 19.98 18.17
N VAL C 276 -16.63 20.98 17.91
CA VAL C 276 -15.42 21.16 18.70
C VAL C 276 -15.80 21.41 20.15
N GLN C 277 -16.68 22.39 20.36
CA GLN C 277 -17.12 22.72 21.72
C GLN C 277 -17.70 21.49 22.42
N LEU C 278 -18.42 20.65 21.69
CA LEU C 278 -19.03 19.46 22.27
C LEU C 278 -18.03 18.38 22.64
N LEU C 279 -16.76 18.61 22.31
CA LEU C 279 -15.74 17.64 22.66
C LEU C 279 -15.55 17.74 24.16
N GLY C 280 -15.95 18.88 24.72
CA GLY C 280 -15.83 19.13 26.14
C GLY C 280 -17.09 18.78 26.91
N SER C 281 -17.98 18.02 26.28
CA SER C 281 -19.23 17.61 26.91
C SER C 281 -18.96 16.62 28.04
N ASP C 282 -19.96 16.41 28.89
CA ASP C 282 -19.83 15.48 30.01
C ASP C 282 -20.32 14.10 29.61
N ASP C 283 -21.00 14.04 28.46
CA ASP C 283 -21.53 12.79 27.91
C ASP C 283 -20.46 12.14 27.04
N ILE C 284 -19.91 11.01 27.48
CA ILE C 284 -18.87 10.34 26.70
C ILE C 284 -19.37 10.10 25.29
N ASN C 285 -20.62 9.67 25.20
CA ASN C 285 -21.24 9.38 23.92
C ASN C 285 -21.40 10.58 23.00
N VAL C 286 -21.54 11.76 23.58
CA VAL C 286 -21.63 12.99 22.80
C VAL C 286 -20.23 13.28 22.27
N VAL C 287 -19.25 12.99 23.12
CA VAL C 287 -17.85 13.19 22.79
C VAL C 287 -17.45 12.24 21.67
N THR C 288 -17.87 10.98 21.79
CA THR C 288 -17.54 9.98 20.80
C THR C 288 -18.11 10.29 19.41
N CYS C 289 -19.37 10.73 19.36
CA CYS C 289 -20.01 11.07 18.09
C CYS C 289 -19.36 12.30 17.46
N ALA C 290 -19.21 13.36 18.25
CA ALA C 290 -18.61 14.58 17.76
C ALA C 290 -17.21 14.36 17.20
N ALA C 291 -16.47 13.41 17.80
CA ALA C 291 -15.11 13.10 17.35
C ALA C 291 -15.15 12.44 15.99
N GLY C 292 -16.01 11.45 15.85
CA GLY C 292 -16.13 10.76 14.57
C GLY C 292 -16.53 11.71 13.46
N ILE C 293 -17.49 12.59 13.74
CA ILE C 293 -17.97 13.55 12.74
C ILE C 293 -16.86 14.49 12.28
N LEU C 294 -16.10 15.03 13.24
CA LEU C 294 -14.99 15.93 12.90
C LEU C 294 -13.99 15.16 12.05
N SER C 295 -13.91 13.85 12.30
CA SER C 295 -12.98 13.01 11.58
C SER C 295 -13.33 12.92 10.09
N ASN C 296 -14.58 12.60 9.78
CA ASN C 296 -14.99 12.49 8.38
C ASN C 296 -15.09 13.86 7.74
N LEU C 297 -15.64 14.83 8.46
CA LEU C 297 -15.77 16.18 7.93
C LEU C 297 -14.42 16.82 7.62
N THR C 298 -13.34 16.20 8.08
CA THR C 298 -12.03 16.77 7.81
C THR C 298 -11.27 15.97 6.76
N CYS C 299 -11.97 15.09 6.07
CA CYS C 299 -11.34 14.31 5.02
C CYS C 299 -11.20 15.05 3.70
N ASN C 300 -9.96 15.25 3.28
CA ASN C 300 -9.62 15.91 2.03
C ASN C 300 -10.20 17.30 1.83
N ASN C 301 -10.61 17.95 2.92
CA ASN C 301 -11.16 19.30 2.80
C ASN C 301 -10.28 20.33 3.49
N TYR C 302 -9.45 21.03 2.72
CA TYR C 302 -8.57 22.03 3.28
C TYR C 302 -9.33 23.14 4.01
N LYS C 303 -10.60 23.36 3.64
CA LYS C 303 -11.41 24.40 4.29
C LYS C 303 -11.83 23.93 5.67
N ASN C 304 -12.37 22.73 5.73
CA ASN C 304 -12.80 22.16 7.00
C ASN C 304 -11.63 22.03 7.97
N LYS C 305 -10.50 21.55 7.47
CA LYS C 305 -9.32 21.39 8.30
C LYS C 305 -8.92 22.72 8.94
N MET C 306 -8.86 23.78 8.13
CA MET C 306 -8.47 25.07 8.65
C MET C 306 -9.43 25.59 9.71
N MET C 307 -10.73 25.37 9.51
CA MET C 307 -11.72 25.82 10.47
C MET C 307 -11.53 25.13 11.80
N VAL C 308 -11.25 23.83 11.76
CA VAL C 308 -11.07 23.08 13.00
C VAL C 308 -9.84 23.60 13.74
N CYS C 309 -8.80 23.97 13.00
CA CYS C 309 -7.58 24.50 13.60
C CYS C 309 -7.86 25.89 14.16
N GLN C 310 -8.71 26.62 13.44
CA GLN C 310 -9.10 27.99 13.77
C GLN C 310 -9.74 28.10 15.15
N VAL C 311 -10.72 27.24 15.40
CA VAL C 311 -11.44 27.26 16.66
C VAL C 311 -10.79 26.48 17.81
N GLY C 312 -9.59 25.94 17.57
CA GLY C 312 -8.91 25.19 18.61
C GLY C 312 -9.18 23.70 18.61
N GLY C 313 -9.20 23.10 17.43
CA GLY C 313 -9.43 21.66 17.35
C GLY C 313 -8.29 20.83 17.92
N ILE C 314 -7.07 21.07 17.43
CA ILE C 314 -5.91 20.32 17.89
C ILE C 314 -6.00 20.09 19.40
N GLU C 315 -5.96 21.19 20.14
CA GLU C 315 -6.01 21.20 21.60
C GLU C 315 -7.16 20.37 22.18
N ALA C 316 -8.38 20.62 21.70
CA ALA C 316 -9.55 19.90 22.20
C ALA C 316 -9.44 18.42 21.88
N LEU C 317 -8.91 18.10 20.69
CA LEU C 317 -8.73 16.72 20.24
C LEU C 317 -7.57 16.02 20.94
N VAL C 318 -6.54 16.77 21.32
CA VAL C 318 -5.42 16.20 22.03
C VAL C 318 -5.93 15.89 23.44
N ARG C 319 -6.88 16.71 23.87
CA ARG C 319 -7.51 16.61 25.18
C ARG C 319 -8.59 15.52 25.22
N THR C 320 -9.01 15.05 24.05
CA THR C 320 -10.03 14.01 23.98
C THR C 320 -9.32 12.67 24.13
N VAL C 321 -8.19 12.56 23.46
CA VAL C 321 -7.35 11.37 23.48
C VAL C 321 -6.94 10.99 24.91
N LEU C 322 -6.43 11.96 25.66
CA LEU C 322 -5.99 11.72 27.03
C LEU C 322 -7.10 11.18 27.92
N ARG C 323 -8.27 11.81 27.86
CA ARG C 323 -9.41 11.42 28.68
C ARG C 323 -10.12 10.13 28.23
N ALA C 324 -9.81 9.67 27.02
CA ALA C 324 -10.42 8.45 26.47
C ALA C 324 -9.73 7.18 26.94
N GLY C 325 -8.43 7.27 27.22
CA GLY C 325 -7.70 6.11 27.70
C GLY C 325 -7.61 4.98 26.70
N ASP C 326 -8.13 3.82 27.08
CA ASP C 326 -8.09 2.63 26.22
C ASP C 326 -9.30 2.53 25.30
N ARG C 327 -10.23 3.47 25.44
CA ARG C 327 -11.43 3.48 24.63
C ARG C 327 -11.10 3.90 23.21
N GLU C 328 -10.79 2.92 22.36
CA GLU C 328 -10.43 3.15 20.96
C GLU C 328 -11.63 3.62 20.16
N ASP C 329 -12.79 3.61 20.81
CA ASP C 329 -14.02 4.03 20.18
C ASP C 329 -13.99 5.55 19.99
N ILE C 330 -13.13 6.21 20.75
CA ILE C 330 -13.00 7.66 20.68
C ILE C 330 -11.61 8.07 20.14
N THR C 331 -10.58 7.37 20.59
CA THR C 331 -9.21 7.66 20.19
C THR C 331 -8.95 7.47 18.71
N GLU C 332 -9.56 6.46 18.11
CA GLU C 332 -9.35 6.19 16.69
C GLU C 332 -9.86 7.34 15.83
N PRO C 333 -11.17 7.65 15.91
CA PRO C 333 -11.63 8.76 15.07
C PRO C 333 -10.88 10.06 15.41
N ALA C 334 -10.73 10.33 16.71
CA ALA C 334 -10.05 11.53 17.16
C ALA C 334 -8.60 11.62 16.66
N ILE C 335 -7.91 10.48 16.58
CA ILE C 335 -6.54 10.49 16.09
C ILE C 335 -6.54 10.69 14.57
N CYS C 336 -7.51 10.08 13.89
CA CYS C 336 -7.60 10.27 12.44
C CYS C 336 -7.85 11.75 12.16
N ALA C 337 -8.70 12.39 12.98
CA ALA C 337 -9.02 13.81 12.83
C ALA C 337 -7.76 14.67 12.93
N LEU C 338 -6.83 14.29 13.81
CA LEU C 338 -5.58 15.03 13.95
C LEU C 338 -4.72 14.75 12.74
N ARG C 339 -4.75 13.49 12.30
CA ARG C 339 -3.99 13.08 11.13
C ARG C 339 -4.36 13.89 9.92
N HIS C 340 -5.66 14.07 9.72
CA HIS C 340 -6.21 14.85 8.62
C HIS C 340 -5.78 16.32 8.70
N LEU C 341 -5.83 16.89 9.90
CA LEU C 341 -5.47 18.29 10.08
C LEU C 341 -4.00 18.61 9.78
N THR C 342 -3.12 17.67 10.10
CA THR C 342 -1.69 17.86 9.91
C THR C 342 -1.12 17.59 8.53
N SER C 343 -1.97 17.55 7.51
CA SER C 343 -1.48 17.30 6.16
C SER C 343 -2.34 17.85 5.03
N ARG C 344 -1.65 18.22 3.96
CA ARG C 344 -2.25 18.73 2.75
C ARG C 344 -3.01 20.03 2.85
N HIS C 345 -2.36 21.03 3.45
CA HIS C 345 -3.01 22.34 3.56
C HIS C 345 -2.09 23.43 4.11
N GLN C 346 -2.22 24.61 3.52
CA GLN C 346 -1.44 25.78 3.89
C GLN C 346 -0.88 25.78 5.30
N GLU C 347 -1.71 25.46 6.30
CA GLU C 347 -1.25 25.46 7.69
C GLU C 347 -1.00 24.10 8.33
N ALA C 348 -0.63 23.13 7.51
CA ALA C 348 -0.34 21.79 8.01
C ALA C 348 0.85 21.92 8.97
N GLU C 349 1.94 22.47 8.45
CA GLU C 349 3.16 22.67 9.23
C GLU C 349 2.77 23.31 10.55
N MET C 350 1.77 24.19 10.50
CA MET C 350 1.35 24.85 11.71
C MET C 350 0.62 23.91 12.66
N ALA C 351 -0.29 23.11 12.11
CA ALA C 351 -1.02 22.17 12.95
C ALA C 351 0.01 21.21 13.53
N GLN C 352 0.98 20.81 12.70
CA GLN C 352 2.02 19.89 13.11
C GLN C 352 2.76 20.39 14.34
N ASN C 353 2.76 21.71 14.51
CA ASN C 353 3.43 22.36 15.62
C ASN C 353 2.49 22.39 16.84
N ALA C 354 1.23 22.73 16.60
CA ALA C 354 0.22 22.80 17.65
C ALA C 354 0.13 21.52 18.45
N VAL C 355 0.06 20.39 17.74
CA VAL C 355 -0.03 19.08 18.39
C VAL C 355 0.99 18.96 19.53
N ARG C 356 2.22 19.38 19.27
CA ARG C 356 3.28 19.31 20.27
C ARG C 356 3.11 20.38 21.34
N LEU C 357 2.85 21.60 20.89
CA LEU C 357 2.69 22.75 21.78
C LEU C 357 1.48 22.61 22.69
N HIS C 358 0.63 21.64 22.40
CA HIS C 358 -0.55 21.42 23.21
C HIS C 358 -0.44 20.09 23.94
N TYR C 359 0.81 19.78 24.28
CA TYR C 359 1.22 18.59 25.03
C TYR C 359 0.50 17.31 24.66
N GLY C 360 0.60 16.96 23.38
CA GLY C 360 -0.06 15.76 22.89
C GLY C 360 0.89 14.68 22.41
N LEU C 361 2.12 15.04 22.08
CA LEU C 361 3.09 14.05 21.61
C LEU C 361 3.18 12.78 22.48
N PRO C 362 3.25 12.94 23.82
CA PRO C 362 3.33 11.75 24.68
C PRO C 362 2.22 10.72 24.50
N VAL C 363 0.96 11.16 24.50
CA VAL C 363 -0.16 10.23 24.35
C VAL C 363 -0.22 9.61 22.97
N VAL C 364 0.34 10.31 21.98
CA VAL C 364 0.35 9.85 20.60
C VAL C 364 1.25 8.64 20.43
N VAL C 365 2.41 8.68 21.08
CA VAL C 365 3.37 7.57 20.98
C VAL C 365 2.91 6.34 21.74
N LYS C 366 2.35 6.56 22.92
CA LYS C 366 1.86 5.48 23.75
C LYS C 366 0.84 4.60 23.05
N LEU C 367 -0.10 5.22 22.36
CA LEU C 367 -1.12 4.47 21.65
C LEU C 367 -0.51 3.44 20.71
N LEU C 368 0.77 3.61 20.39
CA LEU C 368 1.45 2.67 19.52
C LEU C 368 1.69 1.37 20.30
N HIS C 369 1.72 1.50 21.62
CA HIS C 369 1.94 0.37 22.51
C HIS C 369 0.61 -0.30 22.83
N PRO C 370 0.65 -1.51 23.43
CA PRO C 370 -0.56 -2.26 23.79
C PRO C 370 -1.46 -1.40 24.67
N PRO C 371 -2.77 -1.72 24.72
CA PRO C 371 -3.46 -2.80 24.01
C PRO C 371 -4.09 -2.33 22.72
N SER C 372 -3.64 -1.18 22.22
CA SER C 372 -4.17 -0.62 21.00
C SER C 372 -4.16 -1.64 19.86
N HIS C 373 -5.25 -1.67 19.08
CA HIS C 373 -5.40 -2.58 17.95
C HIS C 373 -4.79 -1.99 16.68
N TRP C 374 -4.83 -2.75 15.58
CA TRP C 374 -4.28 -2.32 14.30
C TRP C 374 -4.95 -1.12 13.63
N PRO C 375 -6.28 -1.03 13.70
CA PRO C 375 -6.94 0.12 13.07
C PRO C 375 -6.47 1.42 13.72
N LEU C 376 -6.16 1.34 15.02
CA LEU C 376 -5.70 2.49 15.78
C LEU C 376 -4.23 2.73 15.52
N ILE C 377 -3.43 1.69 15.67
CA ILE C 377 -2.00 1.78 15.44
C ILE C 377 -1.75 2.35 14.04
N LYS C 378 -2.53 1.87 13.08
CA LYS C 378 -2.38 2.33 11.71
C LYS C 378 -2.50 3.85 11.68
N ALA C 379 -3.62 4.36 12.18
CA ALA C 379 -3.89 5.78 12.23
C ALA C 379 -2.85 6.54 13.05
N THR C 380 -2.32 5.88 14.08
CA THR C 380 -1.32 6.52 14.94
C THR C 380 0.02 6.68 14.21
N VAL C 381 0.32 5.76 13.30
CA VAL C 381 1.56 5.85 12.55
C VAL C 381 1.39 7.00 11.55
N GLY C 382 0.19 7.10 10.97
CA GLY C 382 -0.06 8.17 10.02
C GLY C 382 0.18 9.53 10.64
N LEU C 383 -0.28 9.68 11.87
CA LEU C 383 -0.13 10.93 12.63
C LEU C 383 1.35 11.26 12.87
N ILE C 384 2.09 10.30 13.41
CA ILE C 384 3.51 10.48 13.67
C ILE C 384 4.23 10.88 12.38
N ARG C 385 3.89 10.21 11.28
CA ARG C 385 4.52 10.52 10.00
C ARG C 385 4.36 12.00 9.65
N ASN C 386 3.13 12.52 9.76
CA ASN C 386 2.87 13.92 9.46
C ASN C 386 3.63 14.82 10.43
N LEU C 387 3.52 14.52 11.72
CA LEU C 387 4.19 15.31 12.74
C LEU C 387 5.71 15.36 12.50
N ALA C 388 6.28 14.24 12.09
CA ALA C 388 7.71 14.18 11.85
C ALA C 388 8.14 15.14 10.74
N LEU C 389 7.17 15.66 9.99
CA LEU C 389 7.49 16.60 8.93
C LEU C 389 8.00 17.90 9.52
N CYS C 390 7.56 18.16 10.76
CA CYS C 390 7.95 19.36 11.49
C CYS C 390 9.29 19.12 12.18
N PRO C 391 10.35 19.78 11.69
CA PRO C 391 11.67 19.60 12.30
C PRO C 391 11.69 19.76 13.82
N ALA C 392 10.92 20.72 14.32
CA ALA C 392 10.86 20.97 15.76
C ALA C 392 10.15 19.84 16.52
N ASN C 393 9.85 18.76 15.80
CA ASN C 393 9.17 17.60 16.37
C ASN C 393 10.07 16.37 16.45
N HIS C 394 11.22 16.47 15.79
CA HIS C 394 12.18 15.36 15.72
C HIS C 394 12.75 14.92 17.07
N ALA C 395 13.30 15.84 17.83
CA ALA C 395 13.86 15.54 19.13
C ALA C 395 12.78 15.02 20.06
N PRO C 396 11.69 15.78 20.24
CA PRO C 396 10.58 15.39 21.11
C PRO C 396 10.04 13.97 20.88
N LEU C 397 9.83 13.60 19.62
CA LEU C 397 9.32 12.27 19.30
C LEU C 397 10.31 11.19 19.69
N ARG C 398 11.59 11.52 19.56
CA ARG C 398 12.64 10.56 19.92
C ARG C 398 12.59 10.34 21.42
N GLU C 399 12.72 11.42 22.18
CA GLU C 399 12.73 11.35 23.62
C GLU C 399 11.46 10.76 24.25
N GLN C 400 10.43 10.53 23.44
CA GLN C 400 9.21 9.91 23.95
C GLN C 400 9.24 8.42 23.64
N GLY C 401 10.26 7.99 22.90
CA GLY C 401 10.40 6.58 22.55
C GLY C 401 9.69 6.15 21.29
N ALA C 402 9.57 7.05 20.32
CA ALA C 402 8.86 6.73 19.08
C ALA C 402 9.63 5.79 18.15
N ILE C 403 10.90 6.12 17.89
CA ILE C 403 11.72 5.32 17.01
C ILE C 403 11.68 3.81 17.30
N PRO C 404 12.14 3.38 18.49
CA PRO C 404 12.14 1.94 18.85
C PRO C 404 10.82 1.22 18.62
N ARG C 405 9.71 1.85 18.98
CA ARG C 405 8.42 1.22 18.80
C ARG C 405 8.00 1.16 17.34
N LEU C 406 8.40 2.15 16.55
CA LEU C 406 8.05 2.15 15.13
C LEU C 406 8.79 0.98 14.46
N VAL C 407 10.05 0.80 14.82
CA VAL C 407 10.86 -0.28 14.27
C VAL C 407 10.29 -1.65 14.60
N GLN C 408 9.89 -1.86 15.85
CA GLN C 408 9.35 -3.15 16.26
C GLN C 408 8.03 -3.48 15.57
N LEU C 409 7.21 -2.47 15.31
CA LEU C 409 5.95 -2.71 14.63
C LEU C 409 6.27 -3.01 13.16
N LEU C 410 7.36 -2.42 12.68
CA LEU C 410 7.80 -2.62 11.31
C LEU C 410 8.12 -4.10 11.14
N VAL C 411 8.94 -4.61 12.05
CA VAL C 411 9.37 -6.01 12.06
C VAL C 411 8.18 -6.96 12.01
N ARG C 412 7.34 -6.87 13.04
CA ARG C 412 6.15 -7.71 13.15
C ARG C 412 5.35 -7.67 11.85
N ALA C 413 5.24 -6.48 11.26
CA ALA C 413 4.51 -6.30 10.03
C ALA C 413 5.16 -6.99 8.83
N HIS C 414 6.48 -6.87 8.71
CA HIS C 414 7.20 -7.49 7.61
C HIS C 414 7.11 -9.01 7.57
N GLN C 415 7.26 -9.64 8.74
CA GLN C 415 7.18 -11.10 8.85
C GLN C 415 5.76 -11.54 8.49
N ASP C 416 4.80 -10.67 8.76
CA ASP C 416 3.39 -10.95 8.51
C ASP C 416 3.10 -11.16 7.03
N THR C 417 3.69 -10.32 6.18
CA THR C 417 3.46 -10.48 4.76
C THR C 417 4.40 -11.54 4.24
N GLN C 418 5.27 -12.05 5.11
CA GLN C 418 6.25 -13.08 4.74
C GLN C 418 5.61 -14.46 4.64
N ARG C 419 4.99 -14.92 5.73
CA ARG C 419 4.34 -16.23 5.72
C ARG C 419 2.91 -16.03 5.22
N PHE C 430 -4.94 -10.58 6.21
CA PHE C 430 -5.53 -9.30 6.56
C PHE C 430 -5.88 -9.29 8.04
N VAL C 431 -4.94 -8.89 8.89
CA VAL C 431 -5.19 -8.83 10.33
C VAL C 431 -6.01 -7.60 10.72
N GLU C 432 -7.21 -7.85 11.24
CA GLU C 432 -8.12 -6.79 11.70
C GLU C 432 -8.58 -5.83 10.61
N GLY C 433 -8.75 -6.33 9.39
CA GLY C 433 -9.19 -5.49 8.30
C GLY C 433 -8.12 -4.47 7.92
N VAL C 434 -6.90 -4.77 8.31
CA VAL C 434 -5.75 -3.91 8.03
C VAL C 434 -4.61 -4.77 7.48
N ARG C 435 -4.27 -4.57 6.21
CA ARG C 435 -3.18 -5.31 5.62
C ARG C 435 -1.87 -4.77 6.18
N MET C 436 -1.03 -5.67 6.67
CA MET C 436 0.23 -5.29 7.27
C MET C 436 1.20 -4.57 6.36
N GLU C 437 0.87 -4.46 5.08
CA GLU C 437 1.76 -3.76 4.16
C GLU C 437 1.58 -2.24 4.27
N GLU C 438 0.45 -1.85 4.85
CA GLU C 438 0.15 -0.43 5.05
C GLU C 438 0.98 0.03 6.25
N ILE C 439 1.11 -0.84 7.25
CA ILE C 439 1.89 -0.55 8.44
C ILE C 439 3.35 -0.46 8.03
N VAL C 440 3.82 -1.45 7.27
CA VAL C 440 5.19 -1.48 6.81
C VAL C 440 5.49 -0.20 6.04
N GLU C 441 4.54 0.24 5.22
CA GLU C 441 4.73 1.46 4.45
C GLU C 441 4.72 2.64 5.42
N GLY C 442 3.89 2.53 6.46
CA GLY C 442 3.80 3.60 7.42
C GLY C 442 5.03 3.79 8.30
N CYS C 443 5.39 2.74 9.05
CA CYS C 443 6.55 2.81 9.93
C CYS C 443 7.77 3.27 9.13
N THR C 444 8.19 2.48 8.15
CA THR C 444 9.34 2.86 7.34
C THR C 444 9.21 4.33 6.91
N GLY C 445 8.08 4.70 6.31
CA GLY C 445 7.87 6.07 5.90
C GLY C 445 8.03 7.06 7.05
N ALA C 446 7.53 6.70 8.24
CA ALA C 446 7.65 7.58 9.39
C ALA C 446 9.10 7.69 9.80
N LEU C 447 9.83 6.57 9.72
CA LEU C 447 11.24 6.56 10.06
C LEU C 447 11.99 7.41 9.06
N HIS C 448 11.72 7.15 7.78
CA HIS C 448 12.35 7.88 6.68
C HIS C 448 12.42 9.38 7.01
N ILE C 449 11.30 9.93 7.47
CA ILE C 449 11.20 11.34 7.81
C ILE C 449 11.99 11.71 9.07
N LEU C 450 11.91 10.86 10.08
CA LEU C 450 12.63 11.12 11.31
C LEU C 450 14.13 11.06 11.08
N ALA C 451 14.54 10.26 10.10
CA ALA C 451 15.95 10.10 9.76
C ALA C 451 16.59 11.36 9.20
N ARG C 452 15.88 12.49 9.30
CA ARG C 452 16.41 13.76 8.81
C ARG C 452 17.29 14.40 9.87
N ASP C 453 17.14 13.92 11.09
CA ASP C 453 17.91 14.39 12.24
C ASP C 453 19.09 13.47 12.43
N VAL C 454 20.29 14.02 12.60
CA VAL C 454 21.48 13.20 12.78
C VAL C 454 21.38 12.27 13.98
N HIS C 455 20.80 12.75 15.08
CA HIS C 455 20.65 11.94 16.28
C HIS C 455 19.66 10.81 16.09
N ASN C 456 18.64 11.06 15.28
CA ASN C 456 17.64 10.03 15.02
C ASN C 456 18.28 8.91 14.22
N ARG C 457 19.11 9.29 13.26
CA ARG C 457 19.79 8.32 12.43
C ARG C 457 20.63 7.33 13.24
N ILE C 458 21.36 7.83 14.23
CA ILE C 458 22.19 6.99 15.06
C ILE C 458 21.35 5.92 15.78
N VAL C 459 20.15 6.30 16.21
CA VAL C 459 19.25 5.38 16.91
C VAL C 459 18.70 4.31 15.98
N ILE C 460 18.18 4.73 14.84
CA ILE C 460 17.63 3.78 13.88
C ILE C 460 18.71 2.76 13.55
N ARG C 461 19.92 3.27 13.34
CA ARG C 461 21.08 2.46 13.03
C ARG C 461 21.31 1.52 14.20
N GLY C 462 21.23 2.07 15.41
CA GLY C 462 21.44 1.30 16.62
C GLY C 462 20.45 0.18 16.86
N LEU C 463 19.47 0.02 15.98
CA LEU C 463 18.49 -1.03 16.14
C LEU C 463 18.56 -2.01 14.97
N ASN C 464 19.73 -2.09 14.36
CA ASN C 464 19.96 -3.01 13.25
C ASN C 464 18.85 -3.02 12.20
N THR C 465 18.45 -1.84 11.70
CA THR C 465 17.39 -1.75 10.71
C THR C 465 17.89 -1.78 9.25
N ILE C 466 19.13 -1.33 9.04
CA ILE C 466 19.70 -1.33 7.69
C ILE C 466 19.53 -2.70 7.02
N PRO C 467 19.69 -3.80 7.78
CA PRO C 467 19.52 -5.13 7.17
C PRO C 467 18.07 -5.37 6.76
N LEU C 468 17.16 -4.68 7.44
CA LEU C 468 15.75 -4.83 7.15
C LEU C 468 15.37 -4.01 5.94
N PHE C 469 15.65 -2.72 5.98
CA PHE C 469 15.33 -1.85 4.87
C PHE C 469 15.82 -2.43 3.55
N VAL C 470 17.11 -2.75 3.48
CA VAL C 470 17.66 -3.31 2.25
C VAL C 470 16.70 -4.39 1.75
N GLN C 471 16.31 -5.28 2.65
CA GLN C 471 15.40 -6.38 2.29
C GLN C 471 14.12 -5.83 1.68
N LEU C 472 13.60 -4.75 2.26
CA LEU C 472 12.37 -4.10 1.77
C LEU C 472 12.46 -3.71 0.30
N LEU C 473 13.64 -3.23 -0.11
CA LEU C 473 13.89 -2.82 -1.48
C LEU C 473 13.38 -3.86 -2.48
N TYR C 474 13.21 -5.09 -2.01
CA TYR C 474 12.74 -6.17 -2.87
C TYR C 474 11.21 -6.27 -2.88
N SER C 475 10.55 -5.19 -2.50
CA SER C 475 9.09 -5.17 -2.47
C SER C 475 8.52 -4.92 -3.85
N PRO C 476 7.30 -5.45 -4.10
CA PRO C 476 6.62 -5.29 -5.39
C PRO C 476 5.78 -4.01 -5.38
N ILE C 477 5.66 -3.41 -4.20
CA ILE C 477 4.91 -2.17 -3.99
C ILE C 477 5.87 -1.00 -4.13
N GLU C 478 5.53 -0.02 -4.98
CA GLU C 478 6.40 1.12 -5.20
C GLU C 478 6.70 2.00 -3.98
N ASN C 479 5.66 2.44 -3.27
CA ASN C 479 5.84 3.29 -2.10
C ASN C 479 6.83 2.72 -1.09
N ILE C 480 6.68 1.44 -0.80
CA ILE C 480 7.57 0.79 0.15
C ILE C 480 9.01 0.92 -0.35
N GLN C 481 9.19 0.73 -1.66
CA GLN C 481 10.51 0.84 -2.26
C GLN C 481 11.02 2.24 -1.95
N ARG C 482 10.25 3.23 -2.37
CA ARG C 482 10.60 4.63 -2.18
C ARG C 482 11.13 4.95 -0.79
N VAL C 483 10.24 4.92 0.19
CA VAL C 483 10.64 5.22 1.56
C VAL C 483 11.80 4.35 2.03
N ALA C 484 11.92 3.16 1.46
CA ALA C 484 12.98 2.24 1.85
C ALA C 484 14.33 2.77 1.35
N ALA C 485 14.31 3.34 0.15
CA ALA C 485 15.52 3.88 -0.46
C ALA C 485 15.79 5.27 0.10
N GLY C 486 14.76 5.88 0.67
CA GLY C 486 14.94 7.20 1.24
C GLY C 486 15.62 7.07 2.59
N VAL C 487 15.16 6.14 3.42
CA VAL C 487 15.74 5.93 4.74
C VAL C 487 17.19 5.49 4.60
N LEU C 488 17.47 4.75 3.52
CA LEU C 488 18.82 4.27 3.24
C LEU C 488 19.63 5.43 2.68
N CYS C 489 18.97 6.29 1.91
CA CYS C 489 19.64 7.45 1.35
C CYS C 489 20.00 8.36 2.53
N GLU C 490 19.09 8.42 3.51
CA GLU C 490 19.31 9.25 4.69
C GLU C 490 20.43 8.74 5.59
N LEU C 491 20.37 7.45 5.92
CA LEU C 491 21.37 6.83 6.79
C LEU C 491 22.74 6.75 6.14
N ALA C 492 22.77 6.47 4.83
CA ALA C 492 24.02 6.32 4.08
C ALA C 492 24.90 7.57 3.95
N GLN C 493 24.49 8.67 4.55
CA GLN C 493 25.29 9.90 4.46
C GLN C 493 26.58 9.67 5.23
N ASP C 494 26.52 8.84 6.26
CA ASP C 494 27.68 8.51 7.07
C ASP C 494 28.62 7.64 6.23
N LYS C 495 29.81 7.39 6.76
CA LYS C 495 30.78 6.57 6.04
C LYS C 495 30.62 5.10 6.40
N GLU C 496 30.35 4.85 7.67
CA GLU C 496 30.18 3.49 8.14
C GLU C 496 28.87 2.87 7.69
N ALA C 497 27.78 3.59 7.92
CA ALA C 497 26.45 3.11 7.56
C ALA C 497 26.34 2.82 6.06
N ALA C 498 26.83 3.75 5.24
CA ALA C 498 26.78 3.60 3.80
C ALA C 498 27.52 2.35 3.36
N GLU C 499 28.62 2.05 4.04
CA GLU C 499 29.43 0.90 3.72
C GLU C 499 28.87 -0.41 4.29
N ALA C 500 27.99 -0.29 5.28
CA ALA C 500 27.35 -1.45 5.90
C ALA C 500 26.19 -1.88 5.00
N ILE C 501 25.58 -0.90 4.35
CA ILE C 501 24.46 -1.14 3.44
C ILE C 501 25.03 -1.89 2.24
N GLU C 502 26.19 -1.45 1.79
CA GLU C 502 26.88 -2.07 0.65
C GLU C 502 27.11 -3.53 1.03
N ALA C 503 27.72 -3.73 2.20
CA ALA C 503 28.02 -5.07 2.70
C ALA C 503 26.73 -5.86 2.90
N GLU C 504 25.59 -5.19 2.82
CA GLU C 504 24.33 -5.88 3.00
C GLU C 504 23.74 -6.37 1.68
N GLY C 505 24.26 -5.85 0.58
CA GLY C 505 23.78 -6.26 -0.73
C GLY C 505 22.70 -5.37 -1.30
N ALA C 506 22.68 -4.11 -0.88
CA ALA C 506 21.68 -3.16 -1.36
C ALA C 506 22.07 -2.56 -2.70
N THR C 507 23.22 -2.97 -3.23
CA THR C 507 23.68 -2.46 -4.52
C THR C 507 22.85 -3.11 -5.61
N ALA C 508 22.81 -4.44 -5.57
CA ALA C 508 22.05 -5.20 -6.54
C ALA C 508 20.65 -4.63 -6.70
N PRO C 509 19.82 -4.72 -5.65
CA PRO C 509 18.44 -4.22 -5.68
C PRO C 509 18.29 -2.76 -6.13
N LEU C 510 19.23 -1.90 -5.73
CA LEU C 510 19.15 -0.50 -6.13
C LEU C 510 19.33 -0.41 -7.64
N THR C 511 20.32 -1.15 -8.15
CA THR C 511 20.62 -1.16 -9.57
C THR C 511 19.37 -1.30 -10.42
N GLU C 512 18.52 -2.25 -10.05
CA GLU C 512 17.28 -2.49 -10.78
C GLU C 512 16.29 -1.36 -10.55
N LEU C 513 16.17 -0.91 -9.30
CA LEU C 513 15.24 0.17 -8.98
C LEU C 513 15.65 1.47 -9.67
N LEU C 514 16.88 1.50 -10.16
CA LEU C 514 17.39 2.69 -10.85
C LEU C 514 16.55 2.98 -12.09
N HIS C 515 15.99 1.93 -12.68
CA HIS C 515 15.21 2.06 -13.90
C HIS C 515 13.70 2.11 -13.70
N SER C 516 13.26 2.32 -12.46
CA SER C 516 11.84 2.38 -12.14
C SER C 516 11.15 3.53 -12.84
N ARG C 517 9.90 3.33 -13.26
CA ARG C 517 9.16 4.40 -13.91
C ARG C 517 8.74 5.40 -12.84
N ASN C 518 8.87 5.00 -11.58
CA ASN C 518 8.54 5.86 -10.46
C ASN C 518 9.75 6.74 -10.16
N GLU C 519 9.68 8.00 -10.56
CA GLU C 519 10.77 8.94 -10.34
C GLU C 519 11.30 8.86 -8.90
N GLY C 520 10.39 8.80 -7.94
CA GLY C 520 10.79 8.73 -6.55
C GLY C 520 11.72 7.57 -6.24
N VAL C 521 11.29 6.35 -6.54
CA VAL C 521 12.12 5.18 -6.28
C VAL C 521 13.46 5.39 -6.97
N ALA C 522 13.39 5.73 -8.25
CA ALA C 522 14.59 5.98 -9.05
C ALA C 522 15.48 7.05 -8.44
N THR C 523 14.87 8.17 -8.06
CA THR C 523 15.61 9.28 -7.47
C THR C 523 16.44 8.85 -6.27
N TYR C 524 15.81 8.21 -5.30
CA TYR C 524 16.51 7.77 -4.11
C TYR C 524 17.47 6.62 -4.38
N ALA C 525 17.09 5.71 -5.26
CA ALA C 525 17.94 4.59 -5.60
C ALA C 525 19.27 5.16 -6.07
N ALA C 526 19.20 6.05 -7.05
CA ALA C 526 20.42 6.66 -7.55
C ALA C 526 21.20 7.22 -6.38
N ALA C 527 20.50 7.93 -5.50
CA ALA C 527 21.12 8.55 -4.34
C ALA C 527 21.91 7.58 -3.46
N VAL C 528 21.23 6.55 -2.95
CA VAL C 528 21.89 5.57 -2.09
C VAL C 528 23.17 5.08 -2.74
N LEU C 529 23.08 4.65 -3.99
CA LEU C 529 24.25 4.17 -4.72
C LEU C 529 25.38 5.20 -4.70
N PHE C 530 25.02 6.46 -4.92
CA PHE C 530 25.98 7.55 -4.93
C PHE C 530 26.73 7.64 -3.60
N ARG C 531 26.01 8.09 -2.58
CA ARG C 531 26.59 8.24 -1.25
C ARG C 531 27.19 6.93 -0.73
N MET C 532 27.20 5.91 -1.59
CA MET C 532 27.72 4.60 -1.21
C MET C 532 29.14 4.41 -1.74
N GLY D 8 -5.61 9.99 -6.22
CA GLY D 8 -6.09 10.96 -5.20
C GLY D 8 -6.93 10.31 -4.12
N ALA D 9 -7.58 11.15 -3.31
CA ALA D 9 -8.44 10.71 -2.20
C ALA D 9 -7.63 10.38 -0.94
N ASN D 10 -6.55 11.13 -0.74
CA ASN D 10 -5.65 10.98 0.41
C ASN D 10 -6.30 10.52 1.72
N ASP D 11 -6.87 11.45 2.47
CA ASP D 11 -7.49 11.11 3.75
C ASP D 11 -8.67 10.17 3.56
N GLU D 12 -8.64 9.02 4.25
CA GLU D 12 -9.73 8.06 4.13
C GLU D 12 -10.83 8.25 5.17
N LEU D 13 -12.03 7.82 4.81
CA LEU D 13 -13.20 7.95 5.67
C LEU D 13 -13.49 6.73 6.55
N ILE D 14 -14.32 6.94 7.57
CA ILE D 14 -14.74 5.88 8.47
C ILE D 14 -16.23 5.76 8.18
N SER D 15 -16.74 4.55 8.06
CA SER D 15 -18.15 4.36 7.77
C SER D 15 -18.99 4.13 9.01
N PHE D 16 -20.03 4.94 9.18
CA PHE D 16 -20.93 4.81 10.31
C PHE D 16 -22.36 4.61 9.80
N LYS D 17 -23.07 3.65 10.39
CA LYS D 17 -24.46 3.37 9.98
C LYS D 17 -25.32 3.02 11.20
N ASP D 18 -25.37 3.93 12.16
CA ASP D 18 -26.16 3.71 13.37
C ASP D 18 -27.62 4.04 13.06
N GLU D 19 -28.35 3.03 12.60
CA GLU D 19 -29.75 3.20 12.25
C GLU D 19 -30.64 3.47 13.46
N GLY D 20 -30.22 2.97 14.62
CA GLY D 20 -30.98 3.13 15.84
C GLY D 20 -31.47 1.82 16.42
N ASP D 35 -43.86 9.64 23.64
CA ASP D 35 -44.86 10.39 24.39
C ASP D 35 -45.77 11.20 23.48
N LEU D 36 -46.38 10.52 22.50
CA LEU D 36 -47.28 11.17 21.56
C LEU D 36 -48.74 10.93 21.93
N ALA D 37 -48.95 10.02 22.88
CA ALA D 37 -50.31 9.69 23.33
C ALA D 37 -51.01 10.95 23.83
N ASP D 38 -50.27 11.80 24.54
CA ASP D 38 -50.85 13.04 25.04
C ASP D 38 -50.87 14.08 23.94
N VAL D 39 -50.08 13.84 22.89
CA VAL D 39 -50.02 14.75 21.74
C VAL D 39 -51.27 14.53 20.89
N LYS D 40 -51.64 13.27 20.72
CA LYS D 40 -52.79 12.88 19.92
C LYS D 40 -54.16 13.23 20.50
N SER D 41 -54.33 13.04 21.80
CA SER D 41 -55.61 13.34 22.44
C SER D 41 -55.98 14.82 22.35
N SER D 42 -54.99 15.70 22.43
CA SER D 42 -55.26 17.14 22.35
C SER D 42 -55.30 17.63 20.91
N LEU D 43 -55.03 16.73 19.97
CA LEU D 43 -55.06 17.07 18.56
C LEU D 43 -56.46 16.78 18.04
N VAL D 44 -57.14 15.87 18.73
CA VAL D 44 -58.52 15.51 18.37
C VAL D 44 -59.53 16.26 19.21
N ASN D 45 -59.30 16.34 20.52
CA ASN D 45 -60.21 17.05 21.42
C ASN D 45 -59.90 18.54 21.47
N ARG E 21 20.18 61.22 22.54
CA ARG E 21 20.82 61.66 23.82
C ARG E 21 21.32 60.46 24.61
N ALA E 22 20.49 59.42 24.68
CA ALA E 22 20.83 58.21 25.41
C ALA E 22 21.82 57.37 24.60
N ILE E 23 21.64 57.36 23.29
CA ILE E 23 22.51 56.60 22.41
C ILE E 23 23.98 56.71 22.79
N PRO E 24 24.52 57.93 22.84
CA PRO E 24 25.93 58.11 23.21
C PRO E 24 26.35 57.37 24.48
N GLU E 25 25.40 57.16 25.39
CA GLU E 25 25.67 56.47 26.65
C GLU E 25 25.80 54.95 26.47
N LEU E 26 24.84 54.34 25.79
CA LEU E 26 24.89 52.91 25.56
C LEU E 26 26.13 52.58 24.72
N THR E 27 26.49 53.50 23.83
CA THR E 27 27.65 53.29 23.00
C THR E 27 28.87 53.04 23.86
N LYS E 28 29.11 53.93 24.81
CA LYS E 28 30.25 53.82 25.72
C LYS E 28 30.13 52.56 26.60
N LEU E 29 28.90 52.23 27.01
CA LEU E 29 28.66 51.05 27.82
C LEU E 29 28.90 49.82 26.95
N LEU E 30 28.52 49.92 25.68
CA LEU E 30 28.71 48.80 24.77
C LEU E 30 30.16 48.37 24.75
N ASN E 31 31.08 49.33 24.85
CA ASN E 31 32.49 49.00 24.88
C ASN E 31 33.12 49.24 26.25
N ASP E 32 32.40 48.81 27.28
CA ASP E 32 32.88 48.92 28.66
C ASP E 32 33.87 47.77 28.80
N GLU E 33 34.17 47.38 30.03
CA GLU E 33 35.10 46.28 30.25
C GLU E 33 34.35 45.18 30.99
N ASP E 34 33.50 45.59 31.94
CA ASP E 34 32.70 44.66 32.70
C ASP E 34 31.73 44.00 31.71
N GLN E 35 31.94 42.72 31.45
CA GLN E 35 31.06 42.03 30.51
C GLN E 35 29.61 42.02 30.96
N VAL E 36 29.34 42.51 32.16
CA VAL E 36 27.97 42.56 32.64
C VAL E 36 27.33 43.84 32.12
N VAL E 37 28.01 44.96 32.33
CA VAL E 37 27.53 46.27 31.88
C VAL E 37 27.30 46.26 30.38
N VAL E 38 28.15 45.54 29.65
CA VAL E 38 28.06 45.48 28.19
C VAL E 38 26.88 44.61 27.74
N ASN E 39 26.57 43.58 28.52
CA ASN E 39 25.47 42.67 28.21
C ASN E 39 24.11 43.32 28.37
N LYS E 40 23.79 43.76 29.58
CA LYS E 40 22.52 44.40 29.85
C LYS E 40 22.29 45.59 28.94
N ALA E 41 23.35 46.32 28.62
CA ALA E 41 23.26 47.49 27.75
C ALA E 41 22.87 47.05 26.34
N ALA E 42 23.57 46.05 25.83
CA ALA E 42 23.29 45.53 24.50
C ALA E 42 21.82 45.18 24.42
N VAL E 43 21.30 44.56 25.48
CA VAL E 43 19.91 44.17 25.52
C VAL E 43 18.99 45.39 25.40
N MET E 44 19.26 46.40 26.22
CA MET E 44 18.44 47.61 26.18
C MET E 44 18.47 48.25 24.79
N VAL E 45 19.65 48.24 24.15
CA VAL E 45 19.80 48.83 22.81
C VAL E 45 18.86 48.13 21.83
N HIS E 46 18.79 46.81 21.95
CA HIS E 46 17.94 46.01 21.09
C HIS E 46 16.48 46.42 21.21
N GLN E 47 15.96 46.43 22.43
CA GLN E 47 14.57 46.82 22.63
C GLN E 47 14.37 48.21 22.03
N LEU E 48 15.47 48.97 21.97
CA LEU E 48 15.45 50.32 21.43
C LEU E 48 15.34 50.33 19.90
N SER E 49 15.72 49.23 19.27
CA SER E 49 15.67 49.14 17.81
C SER E 49 14.31 48.73 17.26
N LYS E 50 13.35 48.47 18.13
CA LYS E 50 12.03 48.08 17.66
C LYS E 50 11.12 49.27 17.41
N LYS E 51 11.39 50.39 18.08
CA LYS E 51 10.61 51.58 17.87
C LYS E 51 11.14 52.14 16.54
N GLU E 52 10.38 51.98 15.47
CA GLU E 52 10.80 52.45 14.15
C GLU E 52 11.45 53.83 14.15
N ALA E 53 11.01 54.67 15.07
CA ALA E 53 11.54 56.02 15.18
C ALA E 53 12.83 56.07 15.99
N SER E 54 12.95 55.16 16.96
CA SER E 54 14.12 55.09 17.81
C SER E 54 15.23 54.45 16.98
N ARG E 55 14.81 53.58 16.06
CA ARG E 55 15.71 52.87 15.16
C ARG E 55 16.64 53.87 14.44
N HIS E 56 16.06 54.93 13.86
CA HIS E 56 16.86 55.93 13.15
C HIS E 56 18.05 56.46 13.90
N ALA E 57 17.83 56.88 15.14
CA ALA E 57 18.90 57.42 15.96
C ALA E 57 20.06 56.43 15.98
N ILE E 58 19.73 55.15 16.01
CA ILE E 58 20.74 54.11 16.05
C ILE E 58 21.65 54.07 14.82
N MET E 59 21.08 53.80 13.65
CA MET E 59 21.85 53.71 12.42
C MET E 59 22.76 54.86 11.98
N ARG E 60 22.45 56.13 12.32
CA ARG E 60 23.33 57.23 11.88
C ARG E 60 24.50 57.67 12.77
N SER E 61 24.75 56.95 13.86
CA SER E 61 25.90 57.23 14.73
C SER E 61 26.84 56.05 14.50
N PRO E 62 27.81 56.17 13.57
CA PRO E 62 28.72 55.04 13.33
C PRO E 62 29.31 54.47 14.63
N GLN E 63 29.41 55.31 15.65
CA GLN E 63 29.96 54.87 16.93
C GLN E 63 29.13 53.74 17.55
N MET E 64 27.80 53.80 17.36
CA MET E 64 26.92 52.78 17.91
C MET E 64 26.91 51.52 17.06
N VAL E 65 26.66 51.68 15.76
CA VAL E 65 26.62 50.55 14.84
C VAL E 65 27.94 49.80 14.96
N SER E 66 29.04 50.56 14.96
CA SER E 66 30.36 49.99 15.07
C SER E 66 30.44 49.22 16.37
N ALA E 67 29.89 49.80 17.45
CA ALA E 67 29.89 49.16 18.76
C ALA E 67 29.07 47.88 18.71
N ILE E 68 27.91 47.96 18.06
CA ILE E 68 27.03 46.80 17.94
C ILE E 68 27.78 45.69 17.23
N VAL E 69 28.39 46.02 16.10
CA VAL E 69 29.12 45.02 15.32
C VAL E 69 30.31 44.40 16.08
N ARG E 70 31.16 45.26 16.64
CA ARG E 70 32.33 44.79 17.39
C ARG E 70 31.97 43.88 18.56
N THR E 71 30.82 44.11 19.17
CA THR E 71 30.39 43.29 20.32
C THR E 71 29.88 41.93 19.87
N MET E 72 29.03 41.94 18.84
CA MET E 72 28.46 40.71 18.33
C MET E 72 29.58 39.75 17.93
N GLN E 73 30.64 40.32 17.38
CA GLN E 73 31.80 39.54 16.93
C GLN E 73 32.71 39.11 18.07
N ASN E 74 32.63 39.85 19.19
CA ASN E 74 33.45 39.56 20.37
C ASN E 74 32.73 38.74 21.43
N THR E 75 31.55 39.20 21.84
CA THR E 75 30.76 38.53 22.88
C THR E 75 30.92 37.03 22.97
N ASN E 76 30.77 36.51 24.18
CA ASN E 76 30.86 35.08 24.45
C ASN E 76 29.49 34.64 24.91
N ASP E 77 28.59 35.60 25.08
CA ASP E 77 27.24 35.31 25.56
C ASP E 77 26.23 35.07 24.43
N VAL E 78 25.34 34.11 24.64
CA VAL E 78 24.33 33.77 23.65
C VAL E 78 23.11 34.68 23.67
N GLU E 79 23.04 35.56 24.66
CA GLU E 79 21.92 36.48 24.75
C GLU E 79 22.37 37.77 24.08
N THR E 80 23.64 38.10 24.26
CA THR E 80 24.22 39.28 23.65
C THR E 80 24.12 39.10 22.13
N ALA E 81 24.40 37.88 21.69
CA ALA E 81 24.34 37.51 20.28
C ALA E 81 22.91 37.71 19.76
N ARG E 82 21.95 37.04 20.38
CA ARG E 82 20.56 37.17 19.98
C ARG E 82 20.24 38.63 19.74
N CYS E 83 20.42 39.43 20.79
CA CYS E 83 20.14 40.85 20.75
C CYS E 83 20.90 41.65 19.68
N THR E 84 22.19 41.85 19.86
CA THR E 84 22.98 42.63 18.90
C THR E 84 22.74 42.22 17.45
N ALA E 85 22.26 40.99 17.25
CA ALA E 85 21.99 40.50 15.91
C ALA E 85 20.63 41.02 15.46
N GLY E 86 19.64 40.89 16.32
CA GLY E 86 18.30 41.35 15.98
C GLY E 86 18.31 42.85 15.73
N THR E 87 19.14 43.55 16.51
CA THR E 87 19.28 45.00 16.38
C THR E 87 19.71 45.32 14.96
N LEU E 88 20.88 44.80 14.61
CA LEU E 88 21.49 44.98 13.31
C LEU E 88 20.64 44.40 12.16
N HIS E 89 19.63 43.63 12.54
CA HIS E 89 18.72 43.07 11.55
C HIS E 89 17.61 44.09 11.32
N ASN E 90 17.15 44.71 12.41
CA ASN E 90 16.09 45.72 12.31
C ASN E 90 16.61 46.95 11.58
N LEU E 91 17.93 47.07 11.44
CA LEU E 91 18.52 48.21 10.75
C LEU E 91 18.69 47.83 9.28
N SER E 92 18.94 46.55 9.03
CA SER E 92 19.13 46.06 7.67
C SER E 92 17.99 46.48 6.77
N HIS E 93 16.76 46.41 7.27
CA HIS E 93 15.68 46.88 6.41
C HIS E 93 15.41 48.34 6.63
N HIS E 94 16.43 49.07 7.06
CA HIS E 94 16.26 50.48 7.18
C HIS E 94 17.49 51.03 6.50
N ARG E 95 17.47 52.28 6.14
CA ARG E 95 18.57 52.74 5.36
C ARG E 95 19.99 52.96 5.81
N GLU E 96 20.26 54.01 6.60
CA GLU E 96 21.64 54.20 7.02
C GLU E 96 21.94 52.78 7.36
N GLY E 97 20.87 52.09 7.78
CA GLY E 97 20.93 50.69 8.15
C GLY E 97 21.91 49.82 7.36
N LEU E 98 21.62 49.52 6.10
CA LEU E 98 22.53 48.68 5.30
C LEU E 98 23.89 49.36 5.15
N LEU E 99 23.87 50.60 4.68
CA LEU E 99 25.10 51.39 4.51
C LEU E 99 25.89 51.27 5.80
N ALA E 100 25.26 51.72 6.88
CA ALA E 100 25.87 51.66 8.19
C ALA E 100 26.42 50.26 8.39
N ILE E 101 25.53 49.28 8.52
CA ILE E 101 25.96 47.89 8.73
C ILE E 101 27.13 47.54 7.82
N PHE E 102 27.08 48.01 6.58
CA PHE E 102 28.13 47.73 5.62
C PHE E 102 29.46 48.28 6.15
N LYS E 103 29.77 49.50 5.73
CA LYS E 103 30.99 50.22 6.09
C LYS E 103 31.52 50.22 7.52
N SER E 104 31.03 49.31 8.35
CA SER E 104 31.49 49.26 9.71
C SER E 104 32.01 47.86 10.06
N GLY E 105 32.11 47.01 9.04
CA GLY E 105 32.62 45.67 9.24
C GLY E 105 31.50 44.72 9.58
N GLY E 106 30.27 45.13 9.26
CA GLY E 106 29.09 44.34 9.53
C GLY E 106 29.01 42.96 8.90
N ILE E 107 29.41 42.84 7.65
CA ILE E 107 29.35 41.55 6.96
C ILE E 107 30.34 40.50 7.47
N PRO E 108 31.63 40.86 7.62
CA PRO E 108 32.58 39.85 8.11
C PRO E 108 32.01 39.23 9.38
N ALA E 109 31.51 40.11 10.25
CA ALA E 109 30.93 39.73 11.53
C ALA E 109 29.68 38.90 11.38
N LEU E 110 28.90 39.16 10.34
CA LEU E 110 27.67 38.42 10.13
C LEU E 110 27.92 36.99 9.63
N VAL E 111 28.95 36.82 8.81
CA VAL E 111 29.27 35.50 8.30
C VAL E 111 29.82 34.63 9.41
N LYS E 112 30.30 35.27 10.47
CA LYS E 112 30.84 34.54 11.60
C LYS E 112 29.69 33.95 12.40
N MET E 113 28.65 34.76 12.61
CA MET E 113 27.48 34.33 13.36
C MET E 113 26.76 33.16 12.67
N LEU E 114 27.26 32.74 11.51
CA LEU E 114 26.65 31.63 10.78
C LEU E 114 27.16 30.28 11.29
N GLY E 115 28.16 30.32 12.15
CA GLY E 115 28.69 29.09 12.72
C GLY E 115 28.07 28.95 14.10
N SER E 116 27.03 29.74 14.33
CA SER E 116 26.31 29.76 15.60
C SER E 116 25.36 28.58 15.79
N PRO E 117 25.25 28.09 17.02
CA PRO E 117 24.38 26.96 17.32
C PRO E 117 22.97 27.45 17.71
N VAL E 118 22.88 28.69 18.18
CA VAL E 118 21.59 29.26 18.56
C VAL E 118 20.79 29.72 17.32
N ASP E 119 19.73 28.97 17.00
CA ASP E 119 18.87 29.25 15.85
C ASP E 119 18.50 30.71 15.58
N SER E 120 18.08 31.40 16.63
CA SER E 120 17.70 32.80 16.51
C SER E 120 18.85 33.62 15.91
N VAL E 121 20.05 33.43 16.43
CA VAL E 121 21.20 34.15 15.94
C VAL E 121 21.52 33.74 14.51
N LEU E 122 21.04 32.56 14.11
CA LEU E 122 21.27 32.09 12.75
C LEU E 122 20.35 32.84 11.80
N PHE E 123 19.07 32.79 12.11
CA PHE E 123 18.04 33.42 11.30
C PHE E 123 18.24 34.94 11.18
N TYR E 124 18.70 35.57 12.26
CA TYR E 124 18.96 37.00 12.26
C TYR E 124 20.14 37.34 11.37
N ALA E 125 21.14 36.48 11.36
CA ALA E 125 22.32 36.70 10.53
C ALA E 125 21.93 36.50 9.07
N ILE E 126 21.56 35.28 8.74
CA ILE E 126 21.18 34.93 7.39
C ILE E 126 20.24 35.97 6.77
N THR E 127 19.20 36.35 7.50
CA THR E 127 18.23 37.32 6.99
C THR E 127 18.81 38.71 6.74
N THR E 128 19.76 39.13 7.57
CA THR E 128 20.37 40.45 7.41
C THR E 128 21.37 40.44 6.28
N LEU E 129 21.92 39.27 5.97
CA LEU E 129 22.89 39.14 4.88
C LEU E 129 22.14 39.08 3.55
N HIS E 130 20.94 38.50 3.56
CA HIS E 130 20.13 38.41 2.35
C HIS E 130 19.81 39.82 1.90
N ASN E 131 19.46 40.69 2.85
CA ASN E 131 19.15 42.07 2.55
C ASN E 131 20.36 42.78 1.99
N LEU E 132 21.50 42.67 2.66
CA LEU E 132 22.71 43.32 2.17
C LEU E 132 22.96 42.90 0.72
N LEU E 133 22.91 41.59 0.49
CA LEU E 133 23.11 41.05 -0.85
C LEU E 133 22.10 41.61 -1.85
N LEU E 134 20.90 41.90 -1.37
CA LEU E 134 19.86 42.45 -2.24
C LEU E 134 20.13 43.86 -2.72
N HIS E 135 20.58 44.70 -1.81
CA HIS E 135 20.86 46.10 -2.16
C HIS E 135 22.29 46.55 -1.99
N GLN E 136 22.63 47.00 -0.79
CA GLN E 136 23.98 47.49 -0.50
C GLN E 136 24.99 47.05 -1.53
N GLU E 137 25.84 47.98 -1.98
CA GLU E 137 26.87 47.69 -2.97
C GLU E 137 27.75 46.55 -2.46
N GLY E 138 29.02 46.54 -2.87
CA GLY E 138 29.98 45.53 -2.45
C GLY E 138 29.62 44.57 -1.33
N ALA E 139 28.40 44.06 -1.34
CA ALA E 139 27.94 43.12 -0.32
C ALA E 139 28.35 41.74 -0.80
N LYS E 140 28.08 41.48 -2.08
CA LYS E 140 28.44 40.20 -2.70
C LYS E 140 29.92 39.92 -2.56
N MET E 141 30.74 40.88 -2.97
CA MET E 141 32.19 40.76 -2.91
C MET E 141 32.66 40.68 -1.46
N ALA E 142 31.95 41.40 -0.58
CA ALA E 142 32.26 41.42 0.83
C ALA E 142 31.98 40.07 1.45
N VAL E 143 30.82 39.49 1.12
CA VAL E 143 30.45 38.19 1.64
C VAL E 143 31.47 37.19 1.13
N ARG E 144 31.89 37.40 -0.12
CA ARG E 144 32.89 36.54 -0.75
C ARG E 144 34.19 36.52 0.03
N LEU E 145 34.78 37.69 0.26
CA LEU E 145 36.02 37.77 1.02
C LEU E 145 35.87 37.16 2.41
N ALA E 146 34.74 37.44 3.04
CA ALA E 146 34.46 36.94 4.38
C ALA E 146 34.22 35.43 4.43
N GLY E 147 34.28 34.79 3.26
CA GLY E 147 34.09 33.36 3.20
C GLY E 147 32.67 32.91 3.46
N GLY E 148 31.70 33.67 2.94
CA GLY E 148 30.30 33.35 3.13
C GLY E 148 29.79 32.10 2.43
N LEU E 149 30.24 31.84 1.20
CA LEU E 149 29.80 30.68 0.45
C LEU E 149 30.09 29.39 1.24
N GLN E 150 31.32 29.27 1.72
CA GLN E 150 31.70 28.09 2.49
C GLN E 150 30.76 27.90 3.68
N LYS E 151 30.49 28.98 4.42
CA LYS E 151 29.59 28.93 5.57
C LYS E 151 28.16 28.49 5.19
N MET E 152 27.59 29.13 4.17
CA MET E 152 26.23 28.81 3.72
C MET E 152 26.01 27.36 3.25
N VAL E 153 26.88 26.86 2.39
CA VAL E 153 26.77 25.50 1.88
C VAL E 153 26.82 24.49 3.02
N ALA E 154 27.63 24.79 4.02
CA ALA E 154 27.76 23.91 5.19
C ALA E 154 26.45 23.87 5.93
N LEU E 155 25.66 24.94 5.84
CA LEU E 155 24.36 25.02 6.50
C LEU E 155 23.23 24.41 5.69
N LEU E 156 23.53 23.88 4.51
CA LEU E 156 22.48 23.30 3.69
C LEU E 156 22.02 21.99 4.30
N ASN E 157 22.54 21.67 5.48
CA ASN E 157 22.17 20.45 6.18
C ASN E 157 21.05 20.70 7.18
N LYS E 158 20.79 21.97 7.50
CA LYS E 158 19.75 22.34 8.45
C LYS E 158 18.38 21.82 8.01
N THR E 159 17.43 21.76 8.94
CA THR E 159 16.09 21.24 8.64
C THR E 159 14.97 22.27 8.53
N ASN E 160 15.25 23.52 8.87
CA ASN E 160 14.23 24.56 8.79
C ASN E 160 14.17 25.06 7.34
N VAL E 161 13.22 24.52 6.59
CA VAL E 161 13.05 24.87 5.19
C VAL E 161 13.10 26.37 4.91
N LYS E 162 12.57 27.18 5.82
CA LYS E 162 12.60 28.62 5.62
C LYS E 162 14.03 29.09 5.70
N PHE E 163 14.81 28.50 6.60
CA PHE E 163 16.20 28.89 6.72
C PHE E 163 16.92 28.54 5.42
N LEU E 164 16.62 27.35 4.91
CA LEU E 164 17.20 26.86 3.67
C LEU E 164 16.80 27.73 2.48
N ALA E 165 15.58 28.25 2.50
CA ALA E 165 15.08 29.10 1.43
C ALA E 165 15.89 30.39 1.28
N ILE E 166 16.31 30.99 2.40
CA ILE E 166 17.10 32.21 2.32
C ILE E 166 18.56 31.91 2.01
N THR E 167 19.06 30.79 2.52
CA THR E 167 20.44 30.41 2.28
C THR E 167 20.63 30.04 0.81
N THR E 168 19.73 29.22 0.27
CA THR E 168 19.83 28.83 -1.13
C THR E 168 19.78 30.04 -2.03
N ASP E 169 18.90 30.99 -1.69
CA ASP E 169 18.79 32.20 -2.50
C ASP E 169 20.03 33.08 -2.36
N CYS E 170 20.73 32.98 -1.23
CA CYS E 170 21.94 33.75 -1.02
C CYS E 170 23.04 33.23 -1.92
N LEU E 171 23.09 31.90 -2.07
CA LEU E 171 24.10 31.27 -2.92
C LEU E 171 23.89 31.68 -4.37
N GLN E 172 22.63 31.78 -4.76
CA GLN E 172 22.27 32.14 -6.13
C GLN E 172 22.76 33.55 -6.46
N ILE E 173 22.56 34.49 -5.56
CA ILE E 173 22.99 35.87 -5.79
C ILE E 173 24.50 35.99 -5.85
N LEU E 174 25.19 35.08 -5.17
CA LEU E 174 26.65 35.10 -5.14
C LEU E 174 27.26 34.32 -6.29
N ALA E 175 26.53 33.33 -6.79
CA ALA E 175 27.01 32.50 -7.90
C ALA E 175 26.68 33.07 -9.28
N TYR E 176 25.53 33.73 -9.40
CA TYR E 176 25.12 34.31 -10.67
C TYR E 176 26.25 35.07 -11.35
N GLY E 177 26.65 34.60 -12.52
CA GLY E 177 27.72 35.25 -13.27
C GLY E 177 29.05 35.40 -12.55
N ASN E 178 29.51 34.35 -11.89
CA ASN E 178 30.78 34.41 -11.18
C ASN E 178 31.38 33.02 -11.03
N GLN E 179 32.20 32.62 -11.99
CA GLN E 179 32.81 31.31 -11.98
C GLN E 179 33.50 30.95 -10.68
N GLU E 180 34.31 31.86 -10.15
CA GLU E 180 35.03 31.60 -8.92
C GLU E 180 34.03 31.14 -7.86
N SER E 181 32.99 31.93 -7.65
CA SER E 181 31.97 31.60 -6.67
C SER E 181 31.36 30.23 -6.93
N LYS E 182 31.27 29.84 -8.20
CA LYS E 182 30.71 28.54 -8.55
C LYS E 182 31.68 27.41 -8.24
N LEU E 183 32.98 27.69 -8.36
CA LEU E 183 34.01 26.71 -8.09
C LEU E 183 34.13 26.39 -6.59
N ILE E 184 33.92 27.39 -5.75
CA ILE E 184 33.99 27.17 -4.30
C ILE E 184 32.80 26.33 -3.84
N ILE E 185 31.61 26.69 -4.35
CA ILE E 185 30.38 25.97 -4.01
C ILE E 185 30.53 24.52 -4.47
N LEU E 186 31.27 24.36 -5.56
CA LEU E 186 31.53 23.05 -6.12
C LEU E 186 32.56 22.34 -5.23
N ALA E 187 33.54 23.11 -4.77
CA ALA E 187 34.60 22.58 -3.92
C ALA E 187 34.11 22.30 -2.51
N SER E 188 33.14 23.08 -2.05
CA SER E 188 32.62 22.90 -0.72
C SER E 188 31.63 21.73 -0.72
N GLY E 189 31.41 21.15 -1.91
CA GLY E 189 30.49 20.03 -2.03
C GLY E 189 29.03 20.48 -2.00
N GLY E 190 28.78 21.71 -2.44
CA GLY E 190 27.42 22.24 -2.45
C GLY E 190 26.43 21.54 -3.38
N PRO E 191 26.89 21.01 -4.53
CA PRO E 191 26.01 20.32 -5.49
C PRO E 191 25.19 19.16 -4.91
N GLN E 192 25.84 18.20 -4.30
CA GLN E 192 25.16 17.03 -3.73
C GLN E 192 24.18 17.41 -2.62
N ALA E 193 24.36 18.59 -2.05
CA ALA E 193 23.49 19.05 -0.98
C ALA E 193 22.22 19.66 -1.57
N LEU E 194 22.40 20.50 -2.58
CA LEU E 194 21.27 21.15 -3.25
C LEU E 194 20.41 20.05 -3.85
N VAL E 195 21.05 19.13 -4.55
CA VAL E 195 20.35 18.03 -5.17
C VAL E 195 19.53 17.24 -4.15
N ASN E 196 20.08 17.07 -2.94
CA ASN E 196 19.37 16.33 -1.90
C ASN E 196 18.16 17.10 -1.40
N ILE E 197 18.23 18.43 -1.46
CA ILE E 197 17.10 19.23 -1.03
C ILE E 197 15.97 18.93 -1.99
N MET E 198 16.31 18.96 -3.28
CA MET E 198 15.34 18.68 -4.33
C MET E 198 14.67 17.33 -4.12
N ARG E 199 15.41 16.41 -3.48
CA ARG E 199 14.92 15.06 -3.21
C ARG E 199 13.94 14.95 -2.05
N THR E 200 14.33 15.53 -0.91
CA THR E 200 13.58 15.48 0.34
C THR E 200 12.37 16.38 0.56
N TYR E 201 12.52 17.68 0.38
CA TYR E 201 11.42 18.62 0.65
C TYR E 201 10.40 18.87 -0.43
N THR E 202 9.27 19.44 -0.03
CA THR E 202 8.16 19.75 -0.94
C THR E 202 7.73 21.21 -0.83
N TYR E 203 8.51 22.02 -0.11
CA TYR E 203 8.20 23.43 0.05
C TYR E 203 8.55 24.16 -1.25
N GLU E 204 7.52 24.52 -2.02
CA GLU E 204 7.70 25.18 -3.31
C GLU E 204 8.71 26.31 -3.34
N LYS E 205 8.74 27.16 -2.30
CA LYS E 205 9.69 28.26 -2.30
C LYS E 205 11.13 27.80 -2.14
N LEU E 206 11.32 26.72 -1.38
CA LEU E 206 12.67 26.18 -1.21
C LEU E 206 13.04 25.52 -2.53
N LEU E 207 12.20 24.59 -2.97
CA LEU E 207 12.41 23.89 -4.23
C LEU E 207 12.75 24.86 -5.37
N TRP E 208 12.10 26.01 -5.35
CA TRP E 208 12.32 27.04 -6.35
C TRP E 208 13.71 27.65 -6.23
N THR E 209 13.98 28.32 -5.10
CA THR E 209 15.27 28.96 -4.89
C THR E 209 16.43 28.00 -5.12
N THR E 210 16.26 26.75 -4.70
CA THR E 210 17.29 25.75 -4.87
C THR E 210 17.54 25.48 -6.34
N SER E 211 16.46 25.26 -7.09
CA SER E 211 16.56 25.00 -8.51
C SER E 211 17.29 26.14 -9.22
N ARG E 212 17.06 27.35 -8.74
CA ARG E 212 17.71 28.51 -9.33
C ARG E 212 19.21 28.46 -9.06
N VAL E 213 19.58 27.82 -7.95
CA VAL E 213 20.99 27.68 -7.57
C VAL E 213 21.62 26.64 -8.48
N LEU E 214 20.87 25.58 -8.75
CA LEU E 214 21.34 24.51 -9.62
C LEU E 214 21.35 24.98 -11.07
N LYS E 215 20.33 25.76 -11.44
CA LYS E 215 20.23 26.28 -12.79
C LYS E 215 21.47 27.06 -13.19
N VAL E 216 21.94 27.91 -12.29
CA VAL E 216 23.13 28.70 -12.53
C VAL E 216 24.37 27.81 -12.56
N LEU E 217 24.50 26.95 -11.56
CA LEU E 217 25.66 26.06 -11.47
C LEU E 217 25.74 25.04 -12.60
N SER E 218 24.66 24.86 -13.36
CA SER E 218 24.67 23.88 -14.44
C SER E 218 25.35 24.32 -15.72
N VAL E 219 25.61 25.63 -15.84
CA VAL E 219 26.27 26.13 -17.04
C VAL E 219 27.79 26.06 -16.91
N CYS E 220 28.26 25.89 -15.68
CA CYS E 220 29.68 25.79 -15.37
C CYS E 220 30.30 24.45 -15.77
N SER E 221 31.44 24.52 -16.46
CA SER E 221 32.13 23.32 -16.91
C SER E 221 33.00 22.78 -15.78
N SER E 222 32.48 21.75 -15.11
CA SER E 222 33.13 21.07 -13.99
C SER E 222 32.02 20.81 -12.97
N ASN E 223 31.00 21.67 -13.00
CA ASN E 223 29.87 21.55 -12.10
C ASN E 223 28.82 20.56 -12.61
N LYS E 224 28.55 20.58 -13.92
CA LYS E 224 27.56 19.68 -14.51
C LYS E 224 27.74 18.24 -14.03
N PRO E 225 28.94 17.65 -14.24
CA PRO E 225 29.21 16.28 -13.81
C PRO E 225 28.83 16.03 -12.36
N ALA E 226 29.23 16.95 -11.49
CA ALA E 226 28.95 16.86 -10.06
C ALA E 226 27.45 16.85 -9.79
N ILE E 227 26.70 17.66 -10.54
CA ILE E 227 25.25 17.73 -10.38
C ILE E 227 24.60 16.48 -10.95
N VAL E 228 25.15 15.96 -12.04
CA VAL E 228 24.60 14.76 -12.68
C VAL E 228 24.96 13.49 -11.91
N GLU E 229 26.19 13.43 -11.43
CA GLU E 229 26.71 12.28 -10.68
C GLU E 229 26.03 12.08 -9.32
N ALA E 230 25.57 13.18 -8.73
CA ALA E 230 24.90 13.13 -7.43
C ALA E 230 23.44 12.70 -7.58
N GLY E 231 22.97 12.66 -8.82
CA GLY E 231 21.59 12.28 -9.08
C GLY E 231 20.69 13.48 -9.28
N GLY E 232 21.23 14.52 -9.92
CA GLY E 232 20.49 15.75 -10.15
C GLY E 232 19.41 15.62 -11.21
N MET E 233 19.69 14.86 -12.26
CA MET E 233 18.71 14.66 -13.33
C MET E 233 17.46 14.05 -12.74
N GLN E 234 17.63 13.04 -11.89
CA GLN E 234 16.50 12.34 -11.26
C GLN E 234 15.78 13.20 -10.23
N ALA E 235 16.51 14.08 -9.56
CA ALA E 235 15.90 14.96 -8.56
C ALA E 235 15.15 16.13 -9.20
N LEU E 236 15.62 16.55 -10.38
CA LEU E 236 14.98 17.66 -11.09
C LEU E 236 13.73 17.21 -11.82
N GLY E 237 13.76 16.00 -12.37
CA GLY E 237 12.61 15.47 -13.08
C GLY E 237 11.59 14.91 -12.11
N LEU E 238 11.82 15.18 -10.84
CA LEU E 238 10.93 14.70 -9.78
C LEU E 238 9.80 15.71 -9.63
N HIS E 239 10.04 16.93 -10.11
CA HIS E 239 9.07 18.01 -10.02
C HIS E 239 8.64 18.58 -11.37
N LEU E 240 8.69 17.77 -12.42
CA LEU E 240 8.31 18.23 -13.75
C LEU E 240 6.79 18.38 -13.93
N THR E 241 6.01 17.74 -13.08
CA THR E 241 4.56 17.82 -13.16
C THR E 241 3.96 18.60 -11.99
N ASP E 242 4.82 19.09 -11.10
CA ASP E 242 4.34 19.85 -9.95
C ASP E 242 3.53 21.08 -10.37
N PRO E 243 2.60 21.52 -9.50
CA PRO E 243 1.72 22.67 -9.71
C PRO E 243 2.44 23.94 -10.15
N SER E 244 3.47 24.32 -9.39
CA SER E 244 4.23 25.51 -9.73
C SER E 244 4.76 25.40 -11.15
N GLN E 245 4.72 26.52 -11.88
CA GLN E 245 5.19 26.55 -13.25
C GLN E 245 6.62 27.09 -13.27
N ARG E 246 6.89 28.11 -12.45
CA ARG E 246 8.22 28.69 -12.39
C ARG E 246 9.20 27.60 -11.97
N LEU E 247 8.73 26.69 -11.12
CA LEU E 247 9.56 25.59 -10.65
C LEU E 247 9.86 24.66 -11.82
N VAL E 248 8.80 24.19 -12.47
CA VAL E 248 8.94 23.28 -13.61
C VAL E 248 9.90 23.84 -14.66
N GLN E 249 9.71 25.09 -15.04
CA GLN E 249 10.57 25.70 -16.05
C GLN E 249 12.03 25.62 -15.65
N ASN E 250 12.34 26.04 -14.43
CA ASN E 250 13.72 26.01 -13.96
C ASN E 250 14.29 24.60 -13.98
N CYS E 251 13.51 23.63 -13.52
CA CYS E 251 13.96 22.25 -13.54
C CYS E 251 14.27 21.85 -14.98
N LEU E 252 13.47 22.36 -15.91
CA LEU E 252 13.64 22.08 -17.33
C LEU E 252 14.88 22.73 -17.91
N TRP E 253 15.05 24.02 -17.66
CA TRP E 253 16.21 24.73 -18.17
C TRP E 253 17.48 24.10 -17.63
N THR E 254 17.44 23.69 -16.36
CA THR E 254 18.61 23.06 -15.74
C THR E 254 18.85 21.70 -16.36
N LEU E 255 17.79 20.90 -16.46
CA LEU E 255 17.91 19.57 -17.05
C LEU E 255 18.50 19.69 -18.46
N ARG E 256 18.23 20.81 -19.12
CA ARG E 256 18.74 21.01 -20.47
C ARG E 256 20.23 21.36 -20.49
N ASN E 257 20.67 22.21 -19.56
CA ASN E 257 22.08 22.57 -19.53
C ASN E 257 22.94 21.36 -19.16
N LEU E 258 22.42 20.48 -18.32
CA LEU E 258 23.14 19.29 -17.90
C LEU E 258 23.10 18.18 -18.95
N SER E 259 22.01 18.12 -19.72
CA SER E 259 21.80 17.07 -20.72
C SER E 259 23.02 16.56 -21.51
N ASP E 260 23.82 17.44 -22.09
CA ASP E 260 24.96 16.99 -22.87
C ASP E 260 26.01 16.22 -22.08
N ALA E 261 25.88 16.25 -20.75
CA ALA E 261 26.83 15.56 -19.89
C ALA E 261 26.21 14.36 -19.16
N ALA E 262 24.97 14.03 -19.50
CA ALA E 262 24.29 12.91 -18.85
C ALA E 262 23.96 11.76 -19.79
N THR E 263 24.59 11.75 -20.97
CA THR E 263 24.32 10.70 -21.95
C THR E 263 24.68 9.29 -21.47
N LYS E 264 25.56 9.18 -20.48
CA LYS E 264 25.97 7.88 -19.95
C LYS E 264 25.66 7.84 -18.45
N GLN E 265 24.38 7.98 -18.13
CA GLN E 265 23.91 7.99 -16.75
C GLN E 265 22.73 7.01 -16.67
N GLU E 266 22.91 5.92 -15.92
CA GLU E 266 21.86 4.93 -15.77
C GLU E 266 20.67 5.54 -15.00
N GLY E 267 19.52 4.88 -15.07
CA GLY E 267 18.34 5.36 -14.36
C GLY E 267 17.63 6.58 -14.90
N MET E 268 17.72 6.83 -16.21
CA MET E 268 17.07 7.97 -16.83
C MET E 268 15.68 7.62 -17.35
N GLU E 269 15.28 6.35 -17.20
CA GLU E 269 13.98 5.89 -17.66
C GLU E 269 12.84 6.85 -17.30
N GLY E 270 12.56 6.97 -16.01
CA GLY E 270 11.49 7.84 -15.54
C GLY E 270 11.50 9.20 -16.19
N LEU E 271 12.64 9.88 -16.12
CA LEU E 271 12.78 11.21 -16.69
C LEU E 271 12.35 11.21 -18.15
N LEU E 272 12.85 10.23 -18.90
CA LEU E 272 12.51 10.13 -20.32
C LEU E 272 11.02 9.97 -20.53
N GLY E 273 10.38 9.16 -19.68
CA GLY E 273 8.95 8.95 -19.80
C GLY E 273 8.16 10.21 -19.52
N THR E 274 8.69 11.08 -18.66
CA THR E 274 8.02 12.33 -18.31
C THR E 274 8.20 13.33 -19.43
N LEU E 275 9.46 13.56 -19.81
CA LEU E 275 9.80 14.47 -20.88
C LEU E 275 8.92 14.23 -22.10
N VAL E 276 8.68 12.95 -22.41
CA VAL E 276 7.84 12.61 -23.55
C VAL E 276 6.44 13.18 -23.34
N GLN E 277 5.85 12.87 -22.18
CA GLN E 277 4.52 13.35 -21.87
C GLN E 277 4.44 14.89 -21.99
N LEU E 278 5.48 15.58 -21.54
CA LEU E 278 5.51 17.04 -21.59
C LEU E 278 5.63 17.60 -23.00
N LEU E 279 5.77 16.73 -23.99
CA LEU E 279 5.84 17.21 -25.37
C LEU E 279 4.44 17.65 -25.74
N GLY E 280 3.45 17.16 -24.99
CA GLY E 280 2.08 17.51 -25.24
C GLY E 280 1.60 18.67 -24.39
N SER E 281 2.54 19.40 -23.79
CA SER E 281 2.23 20.54 -22.94
C SER E 281 1.66 21.68 -23.77
N ASP E 282 1.00 22.63 -23.10
CA ASP E 282 0.41 23.78 -23.76
C ASP E 282 1.42 24.91 -23.82
N ASP E 283 2.51 24.75 -23.07
CA ASP E 283 3.57 25.75 -23.01
C ASP E 283 4.59 25.44 -24.12
N ILE E 284 4.67 26.31 -25.12
CA ILE E 284 5.60 26.09 -26.22
C ILE E 284 6.99 25.94 -25.65
N ASN E 285 7.31 26.78 -24.65
CA ASN E 285 8.63 26.75 -24.01
C ASN E 285 8.92 25.47 -23.24
N VAL E 286 7.88 24.82 -22.73
CA VAL E 286 8.05 23.58 -22.00
C VAL E 286 8.31 22.51 -23.06
N VAL E 287 7.66 22.67 -24.20
CA VAL E 287 7.80 21.76 -25.33
C VAL E 287 9.21 21.85 -25.91
N THR E 288 9.68 23.09 -26.07
CA THR E 288 11.01 23.31 -26.63
C THR E 288 12.12 22.74 -25.75
N CYS E 289 12.01 22.93 -24.43
CA CYS E 289 13.03 22.42 -23.53
C CYS E 289 13.04 20.89 -23.50
N ALA E 290 11.85 20.31 -23.35
CA ALA E 290 11.72 18.86 -23.31
C ALA E 290 12.27 18.19 -24.57
N ALA E 291 12.13 18.88 -25.70
CA ALA E 291 12.61 18.36 -26.97
C ALA E 291 14.13 18.35 -26.98
N GLY E 292 14.73 19.46 -26.58
CA GLY E 292 16.18 19.53 -26.55
C GLY E 292 16.79 18.50 -25.62
N ILE E 293 16.15 18.29 -24.48
CA ILE E 293 16.63 17.33 -23.49
C ILE E 293 16.58 15.91 -24.04
N LEU E 294 15.46 15.55 -24.65
CA LEU E 294 15.30 14.21 -25.22
C LEU E 294 16.37 14.01 -26.28
N SER E 295 16.72 15.11 -26.95
CA SER E 295 17.72 15.07 -28.00
C SER E 295 19.08 14.67 -27.48
N ASN E 296 19.58 15.38 -26.47
CA ASN E 296 20.89 15.06 -25.91
C ASN E 296 20.87 13.74 -25.15
N LEU E 297 19.84 13.52 -24.35
CA LEU E 297 19.72 12.29 -23.59
C LEU E 297 19.65 11.04 -24.47
N THR E 298 19.46 11.23 -25.77
CA THR E 298 19.39 10.10 -26.68
C THR E 298 20.66 9.95 -27.51
N CYS E 299 21.70 10.70 -27.16
CA CYS E 299 22.96 10.62 -27.89
C CYS E 299 23.82 9.42 -27.51
N ASN E 300 24.02 8.53 -28.47
CA ASN E 300 24.84 7.33 -28.30
C ASN E 300 24.43 6.39 -27.17
N ASN E 301 23.19 6.49 -26.71
CA ASN E 301 22.74 5.60 -25.64
C ASN E 301 21.63 4.71 -26.15
N TYR E 302 21.97 3.45 -26.44
CA TYR E 302 20.97 2.52 -26.94
C TYR E 302 19.85 2.28 -25.92
N LYS E 303 20.14 2.47 -24.63
CA LYS E 303 19.12 2.29 -23.58
C LYS E 303 18.12 3.42 -23.62
N ASN E 304 18.63 4.65 -23.66
CA ASN E 304 17.78 5.83 -23.69
C ASN E 304 16.90 5.83 -24.93
N LYS E 305 17.50 5.53 -26.08
CA LYS E 305 16.76 5.49 -27.34
C LYS E 305 15.59 4.50 -27.24
N MET E 306 15.87 3.30 -26.75
CA MET E 306 14.82 2.29 -26.64
C MET E 306 13.68 2.74 -25.74
N MET E 307 14.02 3.38 -24.63
CA MET E 307 12.99 3.84 -23.70
C MET E 307 12.10 4.86 -24.38
N VAL E 308 12.70 5.78 -25.13
CA VAL E 308 11.91 6.79 -25.80
C VAL E 308 10.96 6.15 -26.79
N CYS E 309 11.41 5.10 -27.47
CA CYS E 309 10.57 4.41 -28.43
C CYS E 309 9.48 3.63 -27.68
N GLN E 310 9.85 3.15 -26.50
CA GLN E 310 8.97 2.37 -25.64
C GLN E 310 7.72 3.12 -25.24
N VAL E 311 7.90 4.35 -24.79
CA VAL E 311 6.80 5.19 -24.33
C VAL E 311 6.10 6.01 -25.42
N GLY E 312 6.50 5.81 -26.67
CA GLY E 312 5.88 6.53 -27.77
C GLY E 312 6.55 7.84 -28.11
N GLY E 313 7.87 7.82 -28.19
CA GLY E 313 8.60 9.03 -28.53
C GLY E 313 8.41 9.46 -29.98
N ILE E 314 8.64 8.53 -30.91
CA ILE E 314 8.50 8.81 -32.34
C ILE E 314 7.26 9.65 -32.59
N GLU E 315 6.12 9.06 -32.26
CA GLU E 315 4.81 9.65 -32.42
C GLU E 315 4.69 11.05 -31.81
N ALA E 316 5.10 11.17 -30.56
CA ALA E 316 5.04 12.44 -29.88
C ALA E 316 5.93 13.48 -30.54
N LEU E 317 7.11 13.03 -30.99
CA LEU E 317 8.08 13.90 -31.65
C LEU E 317 7.70 14.26 -33.08
N VAL E 318 7.03 13.33 -33.77
CA VAL E 318 6.57 13.59 -35.13
C VAL E 318 5.46 14.61 -35.02
N ARG E 319 4.78 14.57 -33.87
CA ARG E 319 3.69 15.47 -33.57
C ARG E 319 4.17 16.83 -33.07
N THR E 320 5.44 16.89 -32.66
CA THR E 320 6.00 18.15 -32.16
C THR E 320 6.44 18.98 -33.35
N VAL E 321 7.00 18.29 -34.34
CA VAL E 321 7.49 18.88 -35.57
C VAL E 321 6.37 19.60 -36.36
N LEU E 322 5.25 18.91 -36.53
CA LEU E 322 4.12 19.48 -37.26
C LEU E 322 3.62 20.77 -36.62
N ARG E 323 3.42 20.74 -35.30
CA ARG E 323 2.92 21.90 -34.57
C ARG E 323 3.93 23.06 -34.40
N ALA E 324 5.20 22.78 -34.65
CA ALA E 324 6.25 23.79 -34.52
C ALA E 324 6.34 24.72 -35.74
N GLY E 325 6.02 24.18 -36.91
CA GLY E 325 6.07 24.99 -38.12
C GLY E 325 7.47 25.42 -38.52
N ASP E 326 7.67 26.74 -38.59
CA ASP E 326 8.96 27.30 -38.97
C ASP E 326 9.86 27.54 -37.77
N ARG E 327 9.37 27.23 -36.59
CA ARG E 327 10.13 27.40 -35.37
C ARG E 327 11.22 26.34 -35.28
N GLU E 328 12.40 26.67 -35.82
CA GLU E 328 13.54 25.76 -35.82
C GLU E 328 14.11 25.57 -34.44
N ASP E 329 13.59 26.34 -33.49
CA ASP E 329 14.03 26.29 -32.10
C ASP E 329 13.52 24.99 -31.48
N ILE E 330 12.52 24.39 -32.11
CA ILE E 330 11.94 23.14 -31.63
C ILE E 330 12.13 22.00 -32.63
N THR E 331 12.04 22.31 -33.91
CA THR E 331 12.19 21.31 -34.95
C THR E 331 13.61 20.75 -35.07
N GLU E 332 14.62 21.56 -34.80
CA GLU E 332 16.00 21.09 -34.87
C GLU E 332 16.28 20.02 -33.81
N PRO E 333 16.11 20.36 -32.51
CA PRO E 333 16.39 19.31 -31.52
C PRO E 333 15.47 18.10 -31.69
N ALA E 334 14.19 18.35 -31.94
CA ALA E 334 13.23 17.26 -32.11
C ALA E 334 13.58 16.37 -33.30
N ILE E 335 14.12 16.95 -34.37
CA ILE E 335 14.51 16.15 -35.54
C ILE E 335 15.78 15.38 -35.22
N CYS E 336 16.70 16.00 -34.47
CA CYS E 336 17.91 15.31 -34.08
C CYS E 336 17.51 14.10 -33.22
N ALA E 337 16.53 14.31 -32.33
CA ALA E 337 16.06 13.25 -31.45
C ALA E 337 15.52 12.05 -32.23
N LEU E 338 14.87 12.33 -33.35
CA LEU E 338 14.33 11.25 -34.18
C LEU E 338 15.51 10.58 -34.87
N ARG E 339 16.45 11.39 -35.33
CA ARG E 339 17.66 10.90 -35.99
C ARG E 339 18.39 9.90 -35.10
N HIS E 340 18.55 10.28 -33.83
CA HIS E 340 19.22 9.45 -32.83
C HIS E 340 18.50 8.13 -32.60
N LEU E 341 17.17 8.16 -32.57
CA LEU E 341 16.41 6.94 -32.34
C LEU E 341 16.47 5.94 -33.49
N THR E 342 16.53 6.44 -34.71
CA THR E 342 16.54 5.57 -35.88
C THR E 342 17.90 5.01 -36.29
N SER E 343 18.85 4.95 -35.36
CA SER E 343 20.15 4.40 -35.70
C SER E 343 20.96 3.86 -34.51
N ARG E 344 21.79 2.86 -34.81
CA ARG E 344 22.67 2.21 -33.85
C ARG E 344 22.00 1.48 -32.70
N HIS E 345 20.93 0.73 -32.97
CA HIS E 345 20.30 -0.01 -31.88
C HIS E 345 19.27 -1.06 -32.31
N GLN E 346 19.31 -2.21 -31.63
CA GLN E 346 18.42 -3.33 -31.90
C GLN E 346 17.13 -2.99 -32.63
N GLU E 347 16.42 -1.96 -32.18
CA GLU E 347 15.14 -1.60 -32.79
C GLU E 347 15.16 -0.36 -33.67
N ALA E 348 16.32 -0.08 -34.28
CA ALA E 348 16.44 1.07 -35.17
C ALA E 348 15.50 0.85 -36.34
N GLU E 349 15.67 -0.30 -37.00
CA GLU E 349 14.83 -0.67 -38.13
C GLU E 349 13.37 -0.48 -37.73
N MET E 350 13.07 -0.72 -36.46
CA MET E 350 11.70 -0.56 -36.01
C MET E 350 11.31 0.90 -35.88
N ALA E 351 12.20 1.71 -35.34
CA ALA E 351 11.90 3.13 -35.20
C ALA E 351 11.75 3.68 -36.60
N GLN E 352 12.63 3.23 -37.50
CA GLN E 352 12.60 3.67 -38.89
C GLN E 352 11.24 3.45 -39.52
N ASN E 353 10.53 2.47 -39.00
CA ASN E 353 9.19 2.12 -39.49
C ASN E 353 8.15 3.03 -38.85
N ALA E 354 8.26 3.20 -37.53
CA ALA E 354 7.35 4.03 -36.75
C ALA E 354 7.20 5.43 -37.33
N VAL E 355 8.33 6.05 -37.62
CA VAL E 355 8.35 7.40 -38.20
C VAL E 355 7.33 7.51 -39.34
N ARG E 356 7.36 6.56 -40.25
CA ARG E 356 6.45 6.56 -41.40
C ARG E 356 5.02 6.22 -40.97
N LEU E 357 4.89 5.17 -40.17
CA LEU E 357 3.58 4.72 -39.70
C LEU E 357 2.87 5.74 -38.83
N HIS E 358 3.62 6.75 -38.38
CA HIS E 358 3.03 7.79 -37.54
C HIS E 358 2.96 9.10 -38.31
N TYR E 359 2.68 8.93 -39.60
CA TYR E 359 2.51 10.00 -40.57
C TYR E 359 3.45 11.18 -40.40
N GLY E 360 4.76 10.88 -40.40
CA GLY E 360 5.75 11.93 -40.24
C GLY E 360 6.62 12.20 -41.45
N LEU E 361 6.71 11.24 -42.37
CA LEU E 361 7.54 11.41 -43.56
C LEU E 361 7.32 12.74 -44.30
N PRO E 362 6.05 13.14 -44.52
CA PRO E 362 5.79 14.40 -45.21
C PRO E 362 6.46 15.64 -44.60
N VAL E 363 6.34 15.83 -43.29
CA VAL E 363 6.95 16.99 -42.64
C VAL E 363 8.47 16.92 -42.63
N VAL E 364 9.00 15.69 -42.67
CA VAL E 364 10.44 15.49 -42.67
C VAL E 364 11.07 15.98 -43.98
N VAL E 365 10.40 15.75 -45.10
CA VAL E 365 10.94 16.17 -46.39
C VAL E 365 10.82 17.67 -46.61
N LYS E 366 9.70 18.24 -46.19
CA LYS E 366 9.44 19.67 -46.35
C LYS E 366 10.49 20.53 -45.68
N LEU E 367 10.92 20.13 -44.49
CA LEU E 367 11.91 20.89 -43.74
C LEU E 367 13.19 21.04 -44.55
N LEU E 368 13.32 20.23 -45.60
CA LEU E 368 14.49 20.32 -46.47
C LEU E 368 14.36 21.56 -47.33
N HIS E 369 13.12 22.00 -47.50
CA HIS E 369 12.80 23.17 -48.31
C HIS E 369 12.88 24.43 -47.44
N PRO E 370 12.88 25.62 -48.07
CA PRO E 370 12.94 26.89 -47.33
C PRO E 370 11.80 27.00 -46.32
N PRO E 371 11.95 27.84 -45.30
CA PRO E 371 13.10 28.70 -45.00
C PRO E 371 14.12 28.06 -44.05
N SER E 372 14.02 26.75 -43.88
CA SER E 372 14.92 26.02 -42.99
C SER E 372 16.38 26.35 -43.24
N HIS E 373 17.13 26.53 -42.15
CA HIS E 373 18.55 26.86 -42.23
C HIS E 373 19.40 25.58 -42.34
N TRP E 374 20.71 25.75 -42.41
CA TRP E 374 21.63 24.62 -42.53
C TRP E 374 21.72 23.69 -41.33
N PRO E 375 21.70 24.24 -40.11
CA PRO E 375 21.78 23.34 -38.95
C PRO E 375 20.61 22.37 -38.95
N LEU E 376 19.47 22.82 -39.45
CA LEU E 376 18.26 22.00 -39.52
C LEU E 376 18.31 21.07 -40.71
N ILE E 377 18.62 21.62 -41.86
CA ILE E 377 18.71 20.83 -43.09
C ILE E 377 19.71 19.69 -42.86
N LYS E 378 20.81 20.02 -42.19
CA LYS E 378 21.85 19.03 -41.90
C LYS E 378 21.23 17.85 -41.17
N ALA E 379 20.55 18.14 -40.07
CA ALA E 379 19.89 17.13 -39.25
C ALA E 379 18.77 16.42 -40.00
N THR E 380 18.12 17.14 -40.91
CA THR E 380 17.03 16.56 -41.67
C THR E 380 17.55 15.55 -42.69
N VAL E 381 18.76 15.76 -43.17
CA VAL E 381 19.36 14.84 -44.13
C VAL E 381 19.77 13.58 -43.37
N GLY E 382 20.28 13.78 -42.15
CA GLY E 382 20.69 12.66 -41.34
C GLY E 382 19.52 11.74 -41.06
N LEU E 383 18.36 12.34 -40.81
CA LEU E 383 17.13 11.60 -40.54
C LEU E 383 16.69 10.79 -41.76
N ILE E 384 16.63 11.43 -42.92
CA ILE E 384 16.24 10.78 -44.16
C ILE E 384 17.17 9.61 -44.45
N ARG E 385 18.46 9.81 -44.22
CA ARG E 385 19.44 8.76 -44.47
C ARG E 385 19.11 7.49 -43.68
N ASN E 386 18.84 7.66 -42.39
CA ASN E 386 18.50 6.52 -41.52
C ASN E 386 17.19 5.88 -41.99
N LEU E 387 16.16 6.71 -42.21
CA LEU E 387 14.87 6.21 -42.66
C LEU E 387 14.98 5.40 -43.94
N ALA E 388 15.81 5.88 -44.87
CA ALA E 388 16.02 5.20 -46.15
C ALA E 388 16.59 3.80 -45.96
N LEU E 389 17.04 3.49 -44.76
CA LEU E 389 17.58 2.17 -44.48
C LEU E 389 16.44 1.17 -44.50
N CYS E 390 15.24 1.67 -44.20
CA CYS E 390 14.03 0.85 -44.17
C CYS E 390 13.46 0.74 -45.58
N PRO E 391 13.55 -0.46 -46.18
CA PRO E 391 13.03 -0.64 -47.54
C PRO E 391 11.59 -0.13 -47.73
N ALA E 392 10.74 -0.39 -46.74
CA ALA E 392 9.35 0.03 -46.80
C ALA E 392 9.22 1.54 -46.75
N ASN E 393 10.35 2.23 -46.82
CA ASN E 393 10.38 3.70 -46.77
C ASN E 393 10.83 4.32 -48.09
N HIS E 394 11.32 3.47 -48.99
CA HIS E 394 11.83 3.90 -50.29
C HIS E 394 10.81 4.57 -51.19
N ALA E 395 9.68 3.89 -51.41
CA ALA E 395 8.63 4.43 -52.25
C ALA E 395 8.07 5.72 -51.64
N PRO E 396 7.62 5.66 -50.37
CA PRO E 396 7.06 6.82 -49.67
C PRO E 396 7.90 8.09 -49.76
N LEU E 397 9.19 7.98 -49.46
CA LEU E 397 10.07 9.13 -49.49
C LEU E 397 10.17 9.72 -50.90
N ARG E 398 10.10 8.87 -51.91
CA ARG E 398 10.16 9.30 -53.30
C ARG E 398 8.91 10.13 -53.60
N GLU E 399 7.75 9.51 -53.41
CA GLU E 399 6.48 10.17 -53.68
C GLU E 399 6.23 11.46 -52.88
N GLN E 400 7.10 11.77 -51.93
CA GLN E 400 6.96 13.00 -51.15
C GLN E 400 7.93 14.04 -51.73
N GLY E 401 8.73 13.63 -52.71
CA GLY E 401 9.67 14.54 -53.35
C GLY E 401 11.01 14.69 -52.68
N ALA E 402 11.50 13.62 -52.05
CA ALA E 402 12.78 13.65 -51.35
C ALA E 402 13.99 13.66 -52.28
N ILE E 403 13.99 12.76 -53.25
CA ILE E 403 15.12 12.66 -54.18
C ILE E 403 15.55 13.99 -54.80
N PRO E 404 14.67 14.62 -55.60
CA PRO E 404 15.04 15.89 -56.23
C PRO E 404 15.58 17.00 -55.31
N ARG E 405 15.01 17.12 -54.12
CA ARG E 405 15.49 18.14 -53.20
C ARG E 405 16.84 17.76 -52.60
N LEU E 406 17.08 16.47 -52.44
CA LEU E 406 18.36 16.02 -51.91
C LEU E 406 19.46 16.35 -52.92
N VAL E 407 19.17 16.09 -54.19
CA VAL E 407 20.11 16.36 -55.27
C VAL E 407 20.45 17.85 -55.38
N GLN E 408 19.43 18.70 -55.33
CA GLN E 408 19.66 20.13 -55.43
C GLN E 408 20.48 20.69 -54.27
N LEU E 409 20.31 20.13 -53.08
CA LEU E 409 21.07 20.58 -51.93
C LEU E 409 22.49 20.05 -52.09
N LEU E 410 22.61 18.94 -52.81
CA LEU E 410 23.91 18.33 -53.07
C LEU E 410 24.70 19.29 -53.93
N VAL E 411 24.08 19.72 -55.03
CA VAL E 411 24.69 20.66 -55.98
C VAL E 411 25.21 21.91 -55.26
N ARG E 412 24.30 22.66 -54.66
CA ARG E 412 24.62 23.88 -53.93
C ARG E 412 25.81 23.67 -52.99
N ALA E 413 25.82 22.52 -52.31
CA ALA E 413 26.88 22.21 -51.38
C ALA E 413 28.22 21.97 -52.06
N HIS E 414 28.21 21.25 -53.18
CA HIS E 414 29.44 20.95 -53.90
C HIS E 414 30.14 22.19 -54.43
N GLN E 415 29.36 23.12 -54.99
CA GLN E 415 29.92 24.37 -55.54
C GLN E 415 30.51 25.19 -54.39
N ASP E 416 29.91 25.04 -53.21
CA ASP E 416 30.33 25.76 -52.02
C ASP E 416 31.77 25.46 -51.61
N THR E 417 32.16 24.19 -51.69
CA THR E 417 33.51 23.81 -51.33
C THR E 417 34.41 24.02 -52.54
N GLN E 418 33.81 24.37 -53.67
CA GLN E 418 34.55 24.58 -54.90
C GLN E 418 35.27 25.93 -54.85
N ARG E 419 34.50 27.00 -54.67
CA ARG E 419 35.09 28.33 -54.62
C ARG E 419 35.70 28.59 -53.26
N PHE E 430 33.02 28.44 -43.04
CA PHE E 430 31.78 27.75 -43.26
C PHE E 430 30.45 28.43 -42.97
N VAL E 431 29.47 28.09 -43.81
CA VAL E 431 28.12 28.64 -43.75
C VAL E 431 27.26 28.15 -42.60
N GLU E 432 26.96 29.07 -41.69
CA GLU E 432 26.12 28.80 -40.52
C GLU E 432 26.71 27.78 -39.55
N GLY E 433 28.02 27.78 -39.40
CA GLY E 433 28.67 26.84 -38.50
C GLY E 433 28.49 25.42 -38.98
N VAL E 434 28.21 25.28 -40.27
CA VAL E 434 28.03 23.97 -40.87
C VAL E 434 28.83 23.91 -42.15
N ARG E 435 29.88 23.09 -42.16
CA ARG E 435 30.70 22.95 -43.35
C ARG E 435 29.89 22.18 -44.39
N MET E 436 29.84 22.72 -45.60
CA MET E 436 29.07 22.11 -46.69
C MET E 436 29.51 20.71 -47.13
N GLU E 437 30.63 20.24 -46.60
CA GLU E 437 31.10 18.91 -46.97
C GLU E 437 30.33 17.86 -46.18
N GLU E 438 29.70 18.27 -45.09
CA GLU E 438 28.90 17.37 -44.28
C GLU E 438 27.59 17.13 -45.01
N ILE E 439 27.08 18.18 -45.66
CA ILE E 439 25.85 18.08 -46.42
C ILE E 439 26.10 17.19 -47.62
N VAL E 440 27.19 17.49 -48.34
CA VAL E 440 27.57 16.71 -49.51
C VAL E 440 27.67 15.23 -49.14
N GLU E 441 28.26 14.95 -47.99
CA GLU E 441 28.39 13.57 -47.53
C GLU E 441 27.00 13.04 -47.17
N GLY E 442 26.15 13.95 -46.68
CA GLY E 442 24.81 13.55 -46.30
C GLY E 442 23.89 13.21 -47.47
N CYS E 443 23.68 14.18 -48.35
CA CYS E 443 22.82 13.97 -49.51
C CYS E 443 23.27 12.74 -50.31
N THR E 444 24.50 12.76 -50.80
CA THR E 444 25.03 11.64 -51.54
C THR E 444 24.76 10.35 -50.75
N GLY E 445 25.17 10.33 -49.48
CA GLY E 445 24.95 9.16 -48.66
C GLY E 445 23.48 8.77 -48.57
N ALA E 446 22.59 9.76 -48.47
CA ALA E 446 21.15 9.49 -48.39
C ALA E 446 20.68 8.92 -49.72
N LEU E 447 21.21 9.45 -50.81
CA LEU E 447 20.84 9.00 -52.14
C LEU E 447 21.33 7.57 -52.29
N HIS E 448 22.60 7.36 -51.98
CA HIS E 448 23.23 6.05 -52.05
C HIS E 448 22.27 4.97 -51.56
N ILE E 449 21.67 5.22 -50.40
CA ILE E 449 20.74 4.28 -49.80
C ILE E 449 19.42 4.16 -50.56
N LEU E 450 18.90 5.29 -51.00
CA LEU E 450 17.63 5.27 -51.74
C LEU E 450 17.81 4.57 -53.07
N ALA E 451 19.02 4.62 -53.62
CA ALA E 451 19.31 3.99 -54.90
C ALA E 451 19.25 2.47 -54.86
N ARG E 452 18.66 1.92 -53.79
CA ARG E 452 18.54 0.47 -53.65
C ARG E 452 17.26 0.01 -54.34
N ASP E 453 16.38 0.97 -54.59
CA ASP E 453 15.10 0.73 -55.25
C ASP E 453 15.30 1.04 -56.73
N VAL E 454 14.84 0.14 -57.60
CA VAL E 454 14.99 0.35 -59.04
C VAL E 454 14.35 1.64 -59.52
N HIS E 455 13.17 1.96 -58.99
CA HIS E 455 12.46 3.18 -59.39
C HIS E 455 13.19 4.43 -58.93
N ASN E 456 13.82 4.36 -57.76
CA ASN E 456 14.57 5.51 -57.25
C ASN E 456 15.76 5.79 -58.15
N ARG E 457 16.41 4.72 -58.61
CA ARG E 457 17.57 4.86 -59.48
C ARG E 457 17.25 5.61 -60.78
N ILE E 458 16.08 5.32 -61.35
CA ILE E 458 15.68 5.97 -62.58
C ILE E 458 15.50 7.49 -62.39
N VAL E 459 15.02 7.88 -61.22
CA VAL E 459 14.82 9.30 -60.90
C VAL E 459 16.16 10.01 -60.71
N ILE E 460 17.02 9.43 -59.88
CA ILE E 460 18.33 10.02 -59.62
C ILE E 460 19.02 10.21 -60.96
N ARG E 461 18.92 9.19 -61.80
CA ARG E 461 19.52 9.21 -63.14
C ARG E 461 18.86 10.35 -63.92
N GLY E 462 17.55 10.44 -63.81
CA GLY E 462 16.79 11.47 -64.50
C GLY E 462 17.10 12.89 -64.08
N LEU E 463 18.06 13.08 -63.18
CA LEU E 463 18.42 14.41 -62.73
C LEU E 463 19.89 14.69 -63.00
N ASN E 464 20.43 14.00 -64.00
CA ASN E 464 21.82 14.17 -64.40
C ASN E 464 22.82 14.23 -63.23
N THR E 465 22.75 13.24 -62.34
CA THR E 465 23.64 13.21 -61.17
C THR E 465 24.93 12.42 -61.42
N ILE E 466 24.87 11.42 -62.30
CA ILE E 466 26.06 10.61 -62.62
C ILE E 466 27.27 11.49 -62.93
N PRO E 467 27.05 12.60 -63.67
CA PRO E 467 28.21 13.45 -63.97
C PRO E 467 28.72 14.17 -62.72
N LEU E 468 27.87 14.25 -61.71
CA LEU E 468 28.25 14.90 -60.46
C LEU E 468 29.03 13.93 -59.60
N PHE E 469 28.40 12.79 -59.30
CA PHE E 469 29.03 11.77 -58.48
C PHE E 469 30.45 11.45 -58.95
N VAL E 470 30.60 11.11 -60.22
CA VAL E 470 31.92 10.80 -60.75
C VAL E 470 32.89 11.86 -60.27
N GLN E 471 32.49 13.13 -60.39
CA GLN E 471 33.33 14.25 -59.97
C GLN E 471 33.70 14.14 -58.50
N LEU E 472 32.73 13.73 -57.68
CA LEU E 472 32.94 13.57 -56.24
C LEU E 472 34.10 12.62 -55.96
N LEU E 473 34.17 11.54 -56.73
CA LEU E 473 35.22 10.52 -56.58
C LEU E 473 36.60 11.16 -56.41
N TYR E 474 36.73 12.41 -56.81
CA TYR E 474 37.99 13.13 -56.69
C TYR E 474 38.12 13.87 -55.35
N SER E 475 37.33 13.45 -54.37
CA SER E 475 37.36 14.08 -53.06
C SER E 475 38.51 13.57 -52.21
N PRO E 476 39.01 14.41 -51.29
CA PRO E 476 40.11 14.06 -50.41
C PRO E 476 39.59 13.42 -49.12
N ILE E 477 38.28 13.48 -48.95
CA ILE E 477 37.59 12.91 -47.79
C ILE E 477 37.16 11.50 -48.17
N GLU E 478 37.46 10.52 -47.33
CA GLU E 478 37.12 9.13 -47.61
C GLU E 478 35.63 8.79 -47.71
N ASN E 479 34.86 9.17 -46.70
CA ASN E 479 33.42 8.89 -46.69
C ASN E 479 32.73 9.31 -47.97
N ILE E 480 32.99 10.55 -48.41
CA ILE E 480 32.38 11.05 -49.63
C ILE E 480 32.73 10.12 -50.79
N GLN E 481 33.98 9.67 -50.82
CA GLN E 481 34.41 8.76 -51.87
C GLN E 481 33.50 7.55 -51.83
N ARG E 482 33.47 6.90 -50.67
CA ARG E 482 32.67 5.71 -50.45
C ARG E 482 31.26 5.84 -51.01
N VAL E 483 30.44 6.65 -50.38
CA VAL E 483 29.06 6.83 -50.80
C VAL E 483 28.97 7.25 -52.27
N ALA E 484 30.03 7.85 -52.77
CA ALA E 484 30.07 8.30 -54.16
C ALA E 484 30.20 7.08 -55.08
N ALA E 485 31.02 6.13 -54.67
CA ALA E 485 31.24 4.92 -55.44
C ALA E 485 30.11 3.92 -55.20
N GLY E 486 29.39 4.12 -54.11
CA GLY E 486 28.27 3.24 -53.79
C GLY E 486 27.08 3.59 -54.68
N VAL E 487 26.80 4.89 -54.79
CA VAL E 487 25.68 5.34 -55.63
C VAL E 487 25.96 4.98 -57.08
N LEU E 488 27.25 5.01 -57.45
CA LEU E 488 27.67 4.66 -58.80
C LEU E 488 27.62 3.15 -58.96
N CYS E 489 27.93 2.43 -57.89
CA CYS E 489 27.88 0.98 -57.92
C CYS E 489 26.40 0.61 -58.08
N GLU E 490 25.54 1.35 -57.40
CA GLU E 490 24.11 1.09 -57.46
C GLU E 490 23.49 1.41 -58.82
N LEU E 491 23.76 2.61 -59.33
CA LEU E 491 23.20 3.00 -60.62
C LEU E 491 23.77 2.21 -61.78
N ALA E 492 25.05 1.86 -61.68
CA ALA E 492 25.74 1.12 -62.73
C ALA E 492 25.28 -0.32 -63.00
N GLN E 493 24.24 -0.78 -62.31
CA GLN E 493 23.78 -2.14 -62.55
C GLN E 493 23.13 -2.20 -63.93
N ASP E 494 22.57 -1.08 -64.35
CA ASP E 494 21.94 -1.00 -65.65
C ASP E 494 23.02 -1.08 -66.72
N LYS E 495 22.61 -1.15 -67.98
CA LYS E 495 23.56 -1.23 -69.08
C LYS E 495 23.90 0.17 -69.60
N GLU E 496 22.88 1.02 -69.66
CA GLU E 496 23.07 2.37 -70.14
C GLU E 496 23.80 3.25 -69.13
N ALA E 497 23.31 3.24 -67.89
CA ALA E 497 23.92 4.05 -66.83
C ALA E 497 25.38 3.71 -66.62
N ALA E 498 25.67 2.41 -66.52
CA ALA E 498 27.03 1.94 -66.32
C ALA E 498 27.96 2.43 -67.42
N GLU E 499 27.45 2.44 -68.65
CA GLU E 499 28.24 2.88 -69.80
C GLU E 499 28.32 4.40 -69.92
N ALA E 500 27.40 5.10 -69.26
CA ALA E 500 27.40 6.57 -69.28
C ALA E 500 28.46 7.02 -68.27
N ILE E 501 28.60 6.25 -67.19
CA ILE E 501 29.58 6.56 -66.16
C ILE E 501 30.95 6.43 -66.79
N GLU E 502 31.13 5.39 -67.59
CA GLU E 502 32.38 5.13 -68.28
C GLU E 502 32.67 6.36 -69.13
N ALA E 503 31.70 6.72 -69.96
CA ALA E 503 31.83 7.88 -70.84
C ALA E 503 32.05 9.15 -70.05
N GLU E 504 31.87 9.07 -68.73
CA GLU E 504 32.07 10.25 -67.90
C GLU E 504 33.49 10.34 -67.33
N GLY E 505 34.24 9.25 -67.45
CA GLY E 505 35.60 9.24 -66.97
C GLY E 505 35.78 8.74 -65.54
N ALA E 506 34.82 7.96 -65.06
CA ALA E 506 34.87 7.42 -63.71
C ALA E 506 35.76 6.19 -63.61
N THR E 507 36.41 5.83 -64.71
CA THR E 507 37.31 4.69 -64.70
C THR E 507 38.60 5.13 -64.05
N ALA E 508 39.18 6.21 -64.58
CA ALA E 508 40.43 6.73 -64.06
C ALA E 508 40.38 6.85 -62.54
N PRO E 509 39.49 7.70 -62.01
CA PRO E 509 39.35 7.90 -60.56
C PRO E 509 39.13 6.62 -59.76
N LEU E 510 38.34 5.69 -60.29
CA LEU E 510 38.10 4.44 -59.58
C LEU E 510 39.40 3.66 -59.46
N THR E 511 40.14 3.59 -60.56
CA THR E 511 41.41 2.87 -60.62
C THR E 511 42.30 3.19 -59.42
N GLU E 512 42.43 4.47 -59.11
CA GLU E 512 43.25 4.91 -57.99
C GLU E 512 42.57 4.56 -56.66
N LEU E 513 41.25 4.72 -56.60
CA LEU E 513 40.52 4.41 -55.37
C LEU E 513 40.52 2.91 -55.09
N LEU E 514 40.94 2.12 -56.08
CA LEU E 514 41.01 0.67 -55.93
C LEU E 514 42.04 0.31 -54.87
N HIS E 515 43.03 1.17 -54.69
CA HIS E 515 44.11 0.91 -53.75
C HIS E 515 43.98 1.62 -52.41
N SER E 516 42.79 2.17 -52.14
CA SER E 516 42.54 2.87 -50.88
C SER E 516 42.69 1.95 -49.68
N ARG E 517 43.22 2.49 -48.58
CA ARG E 517 43.37 1.69 -47.37
C ARG E 517 41.98 1.50 -46.77
N ASN E 518 41.03 2.30 -47.23
CA ASN E 518 39.66 2.22 -46.76
C ASN E 518 38.96 1.11 -47.54
N GLU E 519 38.72 -0.02 -46.87
CA GLU E 519 38.06 -1.16 -47.48
C GLU E 519 36.80 -0.73 -48.24
N GLY E 520 36.00 0.12 -47.62
CA GLY E 520 34.77 0.58 -48.23
C GLY E 520 34.96 1.22 -49.59
N VAL E 521 35.77 2.27 -49.65
CA VAL E 521 36.02 2.94 -50.91
C VAL E 521 36.48 1.88 -51.91
N ALA E 522 37.49 1.12 -51.53
CA ALA E 522 38.05 0.08 -52.38
C ALA E 522 37.00 -0.93 -52.84
N THR E 523 36.18 -1.41 -51.90
CA THR E 523 35.14 -2.39 -52.21
C THR E 523 34.21 -1.92 -53.32
N TYR E 524 33.66 -0.72 -53.17
CA TYR E 524 32.75 -0.17 -54.17
C TYR E 524 33.46 0.22 -55.44
N ALA E 525 34.67 0.76 -55.32
CA ALA E 525 35.45 1.15 -56.48
C ALA E 525 35.56 -0.08 -57.38
N ALA E 526 36.04 -1.18 -56.81
CA ALA E 526 36.19 -2.41 -57.56
C ALA E 526 34.84 -2.73 -58.22
N ALA E 527 33.77 -2.59 -57.46
CA ALA E 527 32.43 -2.88 -57.95
C ALA E 527 32.03 -2.08 -59.19
N VAL E 528 32.06 -0.76 -59.08
CA VAL E 528 31.69 0.11 -60.19
C VAL E 528 32.41 -0.35 -61.45
N LEU E 529 33.74 -0.50 -61.35
CA LEU E 529 34.54 -0.94 -62.48
C LEU E 529 34.02 -2.26 -63.06
N PHE E 530 33.67 -3.19 -62.18
CA PHE E 530 33.17 -4.48 -62.60
C PHE E 530 31.91 -4.32 -63.44
N ARG E 531 30.81 -3.96 -62.79
CA ARG E 531 29.52 -3.79 -63.45
C ARG E 531 29.61 -2.78 -64.58
N MET E 532 30.81 -2.35 -64.91
CA MET E 532 31.02 -1.38 -65.97
C MET E 532 31.56 -2.07 -67.23
N GLY F 8 34.86 7.44 -33.31
CA GLY F 8 33.56 7.24 -32.63
C GLY F 8 32.88 8.55 -32.27
N ALA F 9 31.83 8.47 -31.45
CA ALA F 9 31.05 9.63 -31.01
C ALA F 9 30.01 10.05 -32.05
N ASN F 10 29.45 9.05 -32.72
CA ASN F 10 28.45 9.22 -33.77
C ASN F 10 27.48 10.38 -33.59
N ASP F 11 26.43 10.17 -32.79
CA ASP F 11 25.43 11.22 -32.57
C ASP F 11 26.05 12.44 -31.87
N GLU F 12 25.89 13.61 -32.47
CA GLU F 12 26.46 14.82 -31.88
C GLU F 12 25.48 15.56 -30.97
N LEU F 13 26.03 16.30 -30.02
CA LEU F 13 25.25 17.04 -29.03
C LEU F 13 24.97 18.49 -29.41
N ILE F 14 23.99 19.08 -28.72
CA ILE F 14 23.63 20.48 -28.91
C ILE F 14 24.01 21.10 -27.58
N SER F 15 24.65 22.27 -27.62
CA SER F 15 25.07 22.92 -26.39
C SER F 15 24.07 23.98 -25.91
N PHE F 16 23.64 23.85 -24.67
CA PHE F 16 22.70 24.79 -24.07
C PHE F 16 23.31 25.37 -22.80
N LYS F 17 23.21 26.69 -22.64
CA LYS F 17 23.76 27.37 -21.47
C LYS F 17 22.84 28.50 -21.01
N ASP F 18 21.59 28.16 -20.73
CA ASP F 18 20.62 29.15 -20.29
C ASP F 18 20.83 29.41 -18.79
N GLU F 19 21.70 30.36 -18.49
CA GLU F 19 22.01 30.70 -17.10
C GLU F 19 20.84 31.36 -16.38
N GLY F 20 19.97 32.02 -17.15
CA GLY F 20 18.83 32.70 -16.56
C GLY F 20 18.88 34.20 -16.72
N ASP F 35 9.64 36.09 -3.40
CA ASP F 35 8.70 36.23 -2.28
C ASP F 35 9.26 35.63 -0.99
N LEU F 36 10.46 36.08 -0.61
CA LEU F 36 11.09 35.57 0.60
C LEU F 36 10.91 36.57 1.75
N ALA F 37 10.44 37.77 1.43
CA ALA F 37 10.23 38.80 2.44
C ALA F 37 9.30 38.29 3.53
N ASP F 38 8.26 37.56 3.13
CA ASP F 38 7.32 37.02 4.09
C ASP F 38 7.89 35.75 4.71
N VAL F 39 8.92 35.20 4.06
CA VAL F 39 9.57 33.97 4.54
C VAL F 39 10.50 34.36 5.69
N LYS F 40 11.19 35.48 5.52
CA LYS F 40 12.14 35.97 6.49
C LYS F 40 11.53 36.52 7.78
N SER F 41 10.43 37.25 7.67
CA SER F 41 9.80 37.84 8.85
C SER F 41 9.28 36.76 9.83
N SER F 42 8.77 35.64 9.30
CA SER F 42 8.29 34.56 10.17
C SER F 42 9.39 33.63 10.61
N LEU F 43 10.60 33.87 10.12
CA LEU F 43 11.73 33.07 10.49
C LEU F 43 12.39 33.71 11.70
N VAL F 44 12.17 35.01 11.84
CA VAL F 44 12.72 35.78 12.96
C VAL F 44 11.69 35.93 14.08
N ASN F 45 10.46 36.28 13.71
CA ASN F 45 9.39 36.47 14.68
C ASN F 45 8.71 35.14 15.04
#